data_9DH2
#
_entry.id   9DH2
#
_cell.length_a   47.062
_cell.length_b   224.433
_cell.length_c   136.297
_cell.angle_alpha   90.00
_cell.angle_beta   91.22
_cell.angle_gamma   90.00
#
_symmetry.space_group_name_H-M   'P 1 21 1'
#
loop_
_entity.id
_entity.type
_entity.pdbx_description
1 polymer 'Fab heavy chain'
2 polymer 'Fab light chain'
3 polymer 'NKG2-D type II integral membrane protein'
#
loop_
_entity_poly.entity_id
_entity_poly.type
_entity_poly.pdbx_seq_one_letter_code
_entity_poly.pdbx_strand_id
1 'polypeptide(L)'
;QVQLVQSGAEVKKPGASVKVSCKASGYTFTSYWMHWVRQAPGQGLEWIGKIDLSDSEAHFNQKFEDRATLTVDRSTSTVY
MELSSLRSEDTAVYYCAKMGEFYFDYWGQGTTVTVSSASTKGPSVFPLAPSSKSTSGGTAALGCLVKDYFPEPVTVSWNS
GALTSGVHTFPAVLQSSGLYSLSSVVTVPSSSLGTQTYICNVNHKPSNTKVDKKVEPKSC
;
A,G,K,P
2 'polypeptide(L)'
;DIQMTQSPSSLSASVGDRVTITCRTSGNIYNYLAWYQQKPGKAPKLLIYNAKTLADAVPSRFSGSGSGTDYTLTISSLQP
EDFATYYCQHFWSIPWTFGGGTKVEIKRTVAAPSVFIFPPSDEQLKSGTASVVCLLNNFYPREAKVQWKVDNALQSGNSQ
ESVTEQDSKDSTYSLSSTLTLSKADYEKHKVYACEVTQGTTSVTKSFNRGEC
;
D,H,L,Q
3 'polypeptide(L)'
;NSLFNQEVQIPLTESYCGPCPKNWICYKNNCYQFFDESKNWYESQASCMSQNASLLKVYSKEDQDLLKLVKSYHWMGLVH
IPTNGSWQWEDGSILSPNLLTIIEMQKGDCALYASSFKGYIENCSTPNTYICMQRTV
;
M,R,S,T
#
# COMPACT_ATOMS: atom_id res chain seq x y z
N VAL A 2 45.45 26.65 -47.35
CA VAL A 2 46.40 26.05 -46.39
C VAL A 2 45.68 25.78 -45.07
N GLN A 3 44.77 26.64 -44.63
CA GLN A 3 44.25 26.59 -43.27
C GLN A 3 42.94 25.79 -43.25
N LEU A 4 42.37 25.55 -42.06
CA LEU A 4 41.11 24.82 -41.94
C LEU A 4 40.11 25.72 -41.22
N VAL A 5 38.83 25.65 -41.61
CA VAL A 5 37.89 26.67 -41.18
C VAL A 5 37.30 26.30 -39.82
N GLN A 6 37.50 27.16 -38.82
CA GLN A 6 36.92 26.93 -37.49
C GLN A 6 35.75 27.88 -37.27
N SER A 7 34.85 27.55 -36.33
CA SER A 7 33.81 28.46 -35.86
C SER A 7 34.47 29.69 -35.21
N GLY A 8 33.70 30.80 -35.07
CA GLY A 8 34.17 32.04 -34.47
C GLY A 8 34.35 31.93 -32.95
N ALA A 9 34.77 33.03 -32.34
CA ALA A 9 35.14 33.04 -30.93
C ALA A 9 33.91 32.82 -30.06
N GLU A 10 34.10 32.15 -28.92
CA GLU A 10 33.02 31.87 -28.00
C GLU A 10 33.34 32.42 -26.63
N VAL A 11 32.34 32.95 -25.94
CA VAL A 11 32.44 33.39 -24.56
C VAL A 11 31.35 32.63 -23.81
N LYS A 12 31.73 31.92 -22.73
CA LYS A 12 30.79 31.04 -22.03
C LYS A 12 31.00 31.20 -20.52
N LYS A 13 29.96 30.85 -19.75
CA LYS A 13 30.03 30.92 -18.30
C LYS A 13 30.60 29.62 -17.71
N PRO A 14 31.16 29.62 -16.48
CA PRO A 14 31.59 28.37 -15.86
C PRO A 14 30.37 27.46 -15.76
N GLY A 15 30.54 26.15 -16.01
CA GLY A 15 29.44 25.20 -15.93
C GLY A 15 28.93 24.80 -17.32
N ALA A 16 28.93 25.78 -18.23
CA ALA A 16 28.34 25.66 -19.56
C ALA A 16 29.23 24.84 -20.50
N SER A 17 28.83 24.78 -21.78
CA SER A 17 29.52 23.95 -22.75
C SER A 17 29.87 24.78 -23.99
N VAL A 18 30.86 24.35 -24.75
CA VAL A 18 31.21 25.04 -25.99
C VAL A 18 31.38 23.99 -27.08
N LYS A 19 30.81 24.23 -28.26
CA LYS A 19 30.95 23.34 -29.40
C LYS A 19 31.66 24.14 -30.49
N VAL A 20 32.88 23.71 -30.83
CA VAL A 20 33.71 24.32 -31.85
C VAL A 20 33.69 23.45 -33.09
N SER A 21 33.55 24.03 -34.27
CA SER A 21 33.52 23.26 -35.50
C SER A 21 34.83 23.44 -36.26
N CYS A 22 35.04 22.56 -37.24
CA CYS A 22 36.22 22.58 -38.08
C CYS A 22 35.87 21.86 -39.38
N LYS A 23 35.99 22.61 -40.49
CA LYS A 23 35.58 22.11 -41.79
C LYS A 23 36.81 21.62 -42.56
N ALA A 24 36.75 20.34 -42.88
CA ALA A 24 37.91 19.52 -43.19
C ALA A 24 38.05 19.46 -44.71
N SER A 25 39.17 19.98 -45.18
CA SER A 25 39.19 20.60 -46.49
C SER A 25 39.20 19.56 -47.62
N GLY A 26 40.03 18.52 -47.49
CA GLY A 26 40.30 17.65 -48.62
C GLY A 26 39.76 16.24 -48.45
N TYR A 27 38.82 16.06 -47.51
CA TYR A 27 38.30 14.76 -47.12
C TYR A 27 37.48 14.11 -48.23
N THR A 28 37.91 12.92 -48.61
CA THR A 28 37.26 12.20 -49.70
C THR A 28 36.94 10.78 -49.21
N PHE A 29 36.12 10.71 -48.17
CA PHE A 29 35.50 9.48 -47.71
C PHE A 29 36.50 8.33 -47.54
N THR A 30 37.67 8.60 -46.93
CA THR A 30 38.69 7.67 -46.44
C THR A 30 39.43 8.28 -45.24
N SER A 31 40.44 7.58 -44.70
CA SER A 31 40.93 7.84 -43.34
C SER A 31 41.39 9.28 -43.24
N TYR A 32 40.86 10.02 -42.26
CA TYR A 32 41.26 11.40 -42.07
C TYR A 32 41.26 11.69 -40.58
N TRP A 33 42.44 11.64 -39.96
CA TRP A 33 42.50 11.81 -38.52
C TRP A 33 42.51 13.30 -38.17
N MET A 34 41.46 13.82 -37.55
CA MET A 34 41.49 15.23 -37.20
C MET A 34 41.72 15.38 -35.71
N HIS A 35 42.77 16.10 -35.34
CA HIS A 35 43.18 16.18 -33.95
C HIS A 35 42.73 17.52 -33.39
N TRP A 36 42.74 17.61 -32.07
CA TRP A 36 42.35 18.82 -31.39
C TRP A 36 43.38 19.13 -30.31
N VAL A 37 43.87 20.39 -30.34
CA VAL A 37 44.86 20.90 -29.42
C VAL A 37 44.42 22.30 -28.97
N ARG A 38 44.75 22.67 -27.73
CA ARG A 38 44.47 24.02 -27.28
C ARG A 38 45.76 24.68 -26.78
N GLN A 39 45.74 26.01 -26.67
CA GLN A 39 46.88 26.76 -26.15
C GLN A 39 46.36 27.91 -25.29
N ALA A 40 46.67 27.84 -23.99
CA ALA A 40 46.24 28.83 -23.01
C ALA A 40 47.28 29.93 -23.00
N PRO A 41 46.89 31.20 -22.67
CA PRO A 41 47.80 32.34 -22.80
C PRO A 41 49.12 32.06 -22.07
N GLY A 42 49.02 31.59 -20.82
CA GLY A 42 50.20 31.27 -20.04
C GLY A 42 50.53 29.78 -20.16
N GLN A 43 50.86 29.34 -21.37
CA GLN A 43 51.13 27.92 -21.58
C GLN A 43 51.69 27.65 -22.97
N GLY A 44 52.26 26.44 -23.11
CA GLY A 44 52.28 25.72 -24.37
C GLY A 44 50.98 24.94 -24.59
N LEU A 45 51.07 23.95 -25.46
CA LEU A 45 49.88 23.37 -26.02
C LEU A 45 49.51 22.08 -25.29
N GLU A 46 48.21 21.74 -25.34
CA GLU A 46 47.66 20.48 -24.86
C GLU A 46 46.91 19.77 -25.98
N TRP A 47 47.10 18.44 -26.07
CA TRP A 47 46.41 17.62 -27.05
C TRP A 47 45.13 17.10 -26.43
N ILE A 48 44.00 17.25 -27.12
CA ILE A 48 42.73 16.95 -26.49
C ILE A 48 42.23 15.58 -26.95
N GLY A 49 42.26 15.33 -28.26
CA GLY A 49 41.81 14.07 -28.81
C GLY A 49 41.92 14.05 -30.33
N LYS A 50 41.53 12.91 -30.92
CA LYS A 50 41.50 12.79 -32.37
C LYS A 50 40.20 12.07 -32.74
N ILE A 51 39.74 12.29 -33.98
CA ILE A 51 38.64 11.52 -34.55
C ILE A 51 38.90 11.35 -36.05
N ASP A 52 38.62 10.16 -36.56
CA ASP A 52 38.74 9.85 -37.98
C ASP A 52 37.37 10.09 -38.62
N LEU A 53 37.36 11.02 -39.60
CA LEU A 53 36.18 11.41 -40.35
C LEU A 53 35.51 10.16 -40.94
N SER A 54 36.31 9.18 -41.36
CA SER A 54 35.76 8.10 -42.17
C SER A 54 34.91 7.14 -41.33
N ASP A 55 35.28 6.90 -40.08
CA ASP A 55 34.62 5.84 -39.35
C ASP A 55 34.15 6.34 -37.98
N SER A 56 34.43 7.61 -37.69
CA SER A 56 33.96 8.25 -36.47
C SER A 56 34.67 7.72 -35.23
N GLU A 57 35.66 6.84 -35.42
CA GLU A 57 36.51 6.34 -34.36
C GLU A 57 37.25 7.53 -33.70
N ALA A 58 37.33 7.51 -32.37
CA ALA A 58 37.86 8.66 -31.66
C ALA A 58 38.65 8.22 -30.42
N HIS A 59 39.66 8.99 -30.03
CA HIS A 59 40.41 8.76 -28.80
C HIS A 59 40.68 10.10 -28.13
N PHE A 60 40.76 10.08 -26.79
CA PHE A 60 40.93 11.31 -26.04
C PHE A 60 42.09 11.26 -25.06
N ASN A 61 42.53 12.44 -24.62
CA ASN A 61 43.45 12.57 -23.51
C ASN A 61 42.67 12.22 -22.25
N GLN A 62 43.29 11.46 -21.34
CA GLN A 62 42.60 11.11 -20.10
C GLN A 62 42.11 12.36 -19.39
N LYS A 63 42.75 13.50 -19.60
CA LYS A 63 42.44 14.72 -18.86
C LYS A 63 41.08 15.29 -19.27
N PHE A 64 40.62 14.92 -20.49
CA PHE A 64 39.44 15.53 -21.06
C PHE A 64 38.36 14.51 -21.41
N GLU A 65 38.70 13.21 -21.39
CA GLU A 65 37.88 12.16 -21.96
C GLU A 65 36.47 12.19 -21.38
N ASP A 66 36.38 12.61 -20.12
CA ASP A 66 35.13 12.60 -19.37
C ASP A 66 34.25 13.80 -19.72
N ARG A 67 34.79 14.87 -20.34
CA ARG A 67 33.96 16.04 -20.61
C ARG A 67 34.14 16.57 -22.02
N ALA A 68 34.76 15.78 -22.89
CA ALA A 68 34.86 16.14 -24.29
C ALA A 68 34.19 15.09 -25.18
N THR A 69 33.64 15.54 -26.29
CA THR A 69 33.05 14.65 -27.28
C THR A 69 33.49 15.11 -28.66
N LEU A 70 33.66 14.16 -29.58
CA LEU A 70 33.91 14.49 -30.98
C LEU A 70 32.84 13.86 -31.88
N THR A 71 32.18 14.69 -32.72
CA THR A 71 31.22 14.18 -33.68
C THR A 71 31.59 14.61 -35.09
N VAL A 72 31.18 13.80 -36.08
CA VAL A 72 31.50 14.06 -37.47
C VAL A 72 30.23 14.17 -38.27
N ASP A 73 30.23 15.07 -39.26
CA ASP A 73 29.14 15.15 -40.21
C ASP A 73 29.71 14.89 -41.62
N ARG A 74 29.51 13.68 -42.14
CA ARG A 74 30.20 13.32 -43.36
C ARG A 74 29.75 14.15 -44.56
N SER A 75 28.50 14.66 -44.56
CA SER A 75 27.96 15.45 -45.65
C SER A 75 28.60 16.84 -45.72
N THR A 76 28.76 17.48 -44.56
CA THR A 76 29.37 18.82 -44.51
C THR A 76 30.88 18.77 -44.32
N SER A 77 31.47 17.58 -44.07
CA SER A 77 32.89 17.41 -43.78
C SER A 77 33.29 18.19 -42.53
N THR A 78 32.42 18.19 -41.51
CA THR A 78 32.68 19.05 -40.37
C THR A 78 32.81 18.20 -39.11
N VAL A 79 33.85 18.51 -38.33
CA VAL A 79 34.07 17.87 -37.04
C VAL A 79 33.70 18.86 -35.96
N TYR A 80 32.99 18.37 -34.96
CA TYR A 80 32.57 19.18 -33.83
C TYR A 80 33.21 18.62 -32.56
N MET A 81 34.02 19.46 -31.91
CA MET A 81 34.62 19.20 -30.62
C MET A 81 33.77 19.95 -29.60
N GLU A 82 33.20 19.23 -28.64
CA GLU A 82 32.35 19.87 -27.64
C GLU A 82 32.86 19.57 -26.24
N LEU A 83 33.21 20.63 -25.52
CA LEU A 83 33.84 20.55 -24.21
C LEU A 83 32.85 21.07 -23.16
N SER A 84 32.66 20.32 -22.06
CA SER A 84 31.32 20.22 -21.45
C SER A 84 31.16 20.66 -20.01
N SER A 85 32.21 20.84 -19.20
CA SER A 85 31.93 21.37 -17.86
C SER A 85 32.86 22.52 -17.53
N LEU A 86 32.69 23.63 -18.26
CA LEU A 86 33.77 24.59 -18.50
C LEU A 86 34.18 25.24 -17.18
N ARG A 87 35.50 25.47 -17.05
CA ARG A 87 36.02 26.28 -15.97
C ARG A 87 36.95 27.31 -16.58
N SER A 88 37.43 28.25 -15.76
CA SER A 88 38.14 29.38 -16.32
C SER A 88 39.45 28.93 -16.95
N GLU A 89 40.06 27.87 -16.39
CA GLU A 89 41.26 27.29 -16.97
C GLU A 89 41.01 26.84 -18.41
N ASP A 90 39.76 26.84 -18.88
CA ASP A 90 39.50 26.32 -20.21
C ASP A 90 39.68 27.42 -21.25
N THR A 91 39.83 28.67 -20.77
CA THR A 91 40.06 29.83 -21.61
C THR A 91 41.36 29.63 -22.37
N ALA A 92 41.26 29.52 -23.70
CA ALA A 92 42.43 29.22 -24.52
C ALA A 92 42.05 29.33 -25.97
N VAL A 93 43.03 29.07 -26.85
CA VAL A 93 42.76 29.05 -28.28
C VAL A 93 42.74 27.60 -28.72
N TYR A 94 41.62 27.19 -29.33
CA TYR A 94 41.39 25.79 -29.68
C TYR A 94 41.67 25.62 -31.17
N TYR A 95 42.58 24.68 -31.49
CA TYR A 95 42.97 24.43 -32.86
C TYR A 95 42.55 23.02 -33.27
N CYS A 96 42.06 22.85 -34.50
CA CYS A 96 41.97 21.52 -35.08
C CYS A 96 43.13 21.36 -36.06
N ALA A 97 43.53 20.10 -36.35
CA ALA A 97 44.63 19.88 -37.28
C ALA A 97 44.46 18.53 -37.94
N LYS A 98 44.80 18.42 -39.23
CA LYS A 98 44.70 17.14 -39.90
C LYS A 98 46.08 16.53 -39.84
N MET A 99 46.16 15.33 -39.25
CA MET A 99 47.39 14.61 -39.15
C MET A 99 47.63 13.91 -40.48
N GLY A 100 48.78 14.23 -41.09
CA GLY A 100 49.27 13.53 -42.26
C GLY A 100 50.24 12.45 -41.82
N GLU A 101 51.17 12.03 -42.70
CA GLU A 101 51.87 10.78 -42.49
C GLU A 101 52.84 10.84 -41.30
N PHE A 102 53.43 12.03 -41.06
CA PHE A 102 54.49 12.15 -40.06
C PHE A 102 54.33 13.35 -39.15
N TYR A 103 53.51 14.32 -39.56
CA TYR A 103 53.22 15.53 -38.79
C TYR A 103 51.84 16.03 -39.19
N PHE A 104 51.43 17.16 -38.61
CA PHE A 104 50.15 17.73 -39.01
C PHE A 104 50.29 18.44 -40.35
N ASP A 105 49.51 17.97 -41.35
CA ASP A 105 49.43 18.52 -42.69
C ASP A 105 48.83 19.93 -42.72
N TYR A 106 47.75 20.17 -41.98
CA TYR A 106 47.07 21.45 -41.97
C TYR A 106 46.66 21.77 -40.56
N TRP A 107 46.71 23.06 -40.20
CA TRP A 107 46.11 23.51 -38.96
C TRP A 107 44.87 24.34 -39.25
N GLY A 108 43.95 24.37 -38.30
CA GLY A 108 42.84 25.31 -38.38
C GLY A 108 43.32 26.70 -38.01
N GLN A 109 42.36 27.63 -37.97
CA GLN A 109 42.62 29.05 -37.84
C GLN A 109 42.72 29.42 -36.37
N GLY A 110 42.38 28.48 -35.46
CA GLY A 110 42.15 28.76 -34.05
C GLY A 110 40.75 29.27 -33.78
N THR A 111 40.21 28.98 -32.58
CA THR A 111 39.00 29.58 -32.05
C THR A 111 39.27 30.06 -30.62
N THR A 112 39.09 31.36 -30.39
CA THR A 112 39.29 31.83 -29.02
C THR A 112 38.10 31.42 -28.16
N VAL A 113 38.35 30.79 -27.01
CA VAL A 113 37.25 30.46 -26.12
C VAL A 113 37.56 31.01 -24.73
N THR A 114 36.71 31.91 -24.26
CA THR A 114 36.91 32.58 -22.99
C THR A 114 35.82 32.09 -22.05
N VAL A 115 36.21 31.75 -20.81
CA VAL A 115 35.27 31.22 -19.83
C VAL A 115 35.32 32.08 -18.58
N SER A 116 34.19 32.76 -18.27
CA SER A 116 34.17 33.74 -17.19
C SER A 116 32.79 33.91 -16.58
N SER A 117 32.75 34.25 -15.28
CA SER A 117 31.51 34.61 -14.60
C SER A 117 31.02 35.98 -15.07
N ALA A 118 31.90 36.78 -15.67
CA ALA A 118 31.62 38.16 -15.97
C ALA A 118 30.50 38.23 -17.00
N SER A 119 29.77 39.36 -16.93
CA SER A 119 28.75 39.71 -17.89
C SER A 119 29.29 40.82 -18.79
N THR A 120 28.71 40.92 -19.99
CA THR A 120 29.14 41.90 -20.96
C THR A 120 29.01 43.30 -20.35
N LYS A 121 30.06 44.11 -20.53
CA LYS A 121 30.08 45.47 -20.03
C LYS A 121 30.98 46.26 -20.96
N GLY A 122 30.51 47.44 -21.39
CA GLY A 122 31.30 48.34 -22.20
C GLY A 122 32.23 49.14 -21.31
N PRO A 123 33.33 49.70 -21.86
CA PRO A 123 34.40 50.32 -21.06
C PRO A 123 34.00 51.69 -20.56
N SER A 124 34.44 52.09 -19.36
CA SER A 124 34.49 53.53 -19.13
C SER A 124 35.92 54.01 -19.38
N VAL A 125 36.05 55.20 -19.98
CA VAL A 125 37.29 55.64 -20.61
C VAL A 125 37.76 56.93 -19.98
N PHE A 126 38.78 56.91 -19.12
CA PHE A 126 39.32 58.11 -18.50
C PHE A 126 40.58 58.62 -19.20
N PRO A 127 40.93 59.93 -19.11
CA PRO A 127 42.12 60.45 -19.76
C PRO A 127 43.37 60.17 -18.93
N LEU A 128 44.47 59.88 -19.63
CA LEU A 128 45.80 60.07 -19.10
C LEU A 128 46.29 61.40 -19.64
N ALA A 129 46.15 62.43 -18.78
CA ALA A 129 46.37 63.80 -19.18
C ALA A 129 47.85 64.13 -19.15
N PRO A 130 48.37 64.84 -20.19
CA PRO A 130 49.75 65.29 -20.22
C PRO A 130 49.91 66.37 -19.15
N SER A 131 51.12 66.38 -18.61
CA SER A 131 51.52 67.13 -17.43
C SER A 131 53.01 67.43 -17.59
N SER A 132 53.49 68.46 -16.88
CA SER A 132 54.93 68.63 -16.75
C SER A 132 55.57 67.33 -16.26
N LYS A 133 54.76 66.41 -15.66
CA LYS A 133 55.25 65.16 -15.11
C LYS A 133 54.97 64.03 -16.09
N SER A 134 54.68 64.41 -17.34
CA SER A 134 54.59 63.46 -18.44
C SER A 134 55.18 64.02 -19.74
N THR A 135 55.86 65.17 -19.64
CA THR A 135 56.60 65.78 -20.74
C THR A 135 58.05 65.29 -20.73
N SER A 136 58.73 65.38 -21.88
CA SER A 136 60.14 65.04 -21.93
C SER A 136 60.77 65.81 -23.08
N GLY A 137 60.74 67.13 -22.96
CA GLY A 137 61.46 68.02 -23.84
C GLY A 137 60.60 68.42 -25.02
N GLY A 138 61.08 68.09 -26.22
CA GLY A 138 60.40 68.26 -27.50
C GLY A 138 59.10 67.48 -27.60
N THR A 139 59.01 66.30 -26.97
CA THR A 139 57.79 65.50 -26.99
C THR A 139 57.10 65.50 -25.61
N ALA A 140 55.96 64.81 -25.53
CA ALA A 140 55.13 64.67 -24.33
C ALA A 140 54.17 63.51 -24.53
N ALA A 141 53.69 62.92 -23.45
CA ALA A 141 52.90 61.71 -23.62
C ALA A 141 51.54 61.90 -22.95
N LEU A 142 50.50 61.40 -23.62
CA LEU A 142 49.14 61.45 -23.12
C LEU A 142 48.43 60.18 -23.59
N GLY A 143 47.30 59.84 -22.95
CA GLY A 143 46.58 58.65 -23.37
C GLY A 143 45.22 58.50 -22.71
N CYS A 144 44.67 57.30 -22.83
CA CYS A 144 43.37 56.92 -22.32
C CYS A 144 43.54 55.63 -21.54
N LEU A 145 42.95 55.60 -20.34
CA LEU A 145 42.69 54.39 -19.59
C LEU A 145 41.32 53.83 -19.96
N VAL A 146 41.29 52.67 -20.64
CA VAL A 146 40.05 51.99 -21.02
C VAL A 146 39.73 50.92 -19.99
N LYS A 147 38.84 51.23 -19.02
CA LYS A 147 38.73 50.47 -17.79
C LYS A 147 37.37 49.76 -17.72
N ASP A 148 37.36 48.51 -17.23
CA ASP A 148 36.19 47.77 -16.77
C ASP A 148 35.28 47.32 -17.91
N TYR A 149 35.84 46.59 -18.86
CA TYR A 149 35.05 46.05 -19.95
C TYR A 149 35.14 44.53 -19.96
N PHE A 150 34.25 43.88 -20.72
CA PHE A 150 34.22 42.43 -20.91
C PHE A 150 33.23 42.15 -22.02
N PRO A 151 33.49 41.17 -22.92
CA PRO A 151 34.78 40.48 -23.01
C PRO A 151 35.73 41.32 -23.86
N GLU A 152 36.82 40.68 -24.31
CA GLU A 152 37.67 41.33 -25.30
C GLU A 152 37.06 41.10 -26.66
N PRO A 153 37.46 41.80 -27.75
CA PRO A 153 38.36 42.95 -27.69
C PRO A 153 37.70 44.35 -27.65
N VAL A 154 38.54 45.34 -27.37
CA VAL A 154 38.27 46.74 -27.59
C VAL A 154 39.23 47.22 -28.68
N THR A 155 38.91 48.30 -29.39
CA THR A 155 39.71 48.88 -30.45
C THR A 155 40.00 50.32 -30.05
N VAL A 156 41.28 50.75 -30.09
CA VAL A 156 41.51 52.17 -29.86
C VAL A 156 42.09 52.79 -31.12
N SER A 157 41.66 54.02 -31.41
CA SER A 157 42.28 54.80 -32.45
C SER A 157 42.42 56.21 -31.91
N TRP A 158 43.26 57.05 -32.53
CA TRP A 158 43.36 58.40 -32.01
C TRP A 158 42.97 59.39 -33.11
N ASN A 159 42.15 60.40 -32.77
CA ASN A 159 41.72 61.40 -33.72
C ASN A 159 41.26 60.70 -34.99
N SER A 160 40.50 59.61 -34.79
CA SER A 160 39.77 58.90 -35.82
C SER A 160 40.74 58.30 -36.83
N GLY A 161 41.98 58.02 -36.41
CA GLY A 161 42.96 57.34 -37.25
C GLY A 161 43.90 58.33 -37.95
N ALA A 162 43.66 59.63 -37.79
CA ALA A 162 44.59 60.66 -38.28
C ALA A 162 45.91 60.58 -37.53
N LEU A 163 45.85 60.28 -36.21
CA LEU A 163 47.04 60.15 -35.39
C LEU A 163 47.37 58.69 -35.19
N THR A 164 48.47 58.25 -35.82
CA THR A 164 48.67 56.83 -36.05
C THR A 164 50.00 56.36 -35.42
N SER A 165 51.08 57.07 -35.71
CA SER A 165 52.39 56.70 -35.23
C SER A 165 52.69 57.38 -33.87
N GLY A 166 53.48 56.68 -33.05
CA GLY A 166 53.81 57.16 -31.72
C GLY A 166 52.86 56.58 -30.68
N VAL A 167 51.96 55.70 -31.17
CA VAL A 167 50.90 55.12 -30.34
C VAL A 167 51.35 53.75 -29.84
N HIS A 168 51.09 53.49 -28.56
CA HIS A 168 51.25 52.18 -28.00
C HIS A 168 49.96 51.83 -27.25
N THR A 169 49.32 50.78 -27.74
CA THR A 169 48.20 50.19 -27.05
C THR A 169 48.70 48.94 -26.33
N PHE A 170 48.64 48.95 -25.00
CA PHE A 170 49.06 47.82 -24.21
C PHE A 170 48.08 46.67 -24.38
N PRO A 171 48.57 45.42 -24.24
CA PRO A 171 47.72 44.26 -23.94
C PRO A 171 46.77 44.52 -22.79
N ALA A 172 45.55 44.03 -22.98
CA ALA A 172 44.53 44.03 -21.94
C ALA A 172 45.08 43.29 -20.73
N VAL A 173 44.60 43.71 -19.57
CA VAL A 173 44.90 43.04 -18.32
C VAL A 173 43.57 42.62 -17.71
N LEU A 174 43.46 41.35 -17.32
CA LEU A 174 42.30 40.88 -16.58
C LEU A 174 42.46 41.27 -15.11
N GLN A 175 41.56 42.12 -14.59
CA GLN A 175 41.55 42.52 -13.19
C GLN A 175 40.88 41.42 -12.36
N SER A 176 40.99 41.52 -11.04
CA SER A 176 40.42 40.51 -10.18
C SER A 176 38.90 40.69 -10.09
N SER A 177 38.37 41.77 -10.67
CA SER A 177 36.93 41.92 -10.82
C SER A 177 36.40 41.04 -11.96
N GLY A 178 37.27 40.45 -12.76
CA GLY A 178 36.87 39.68 -13.93
C GLY A 178 36.65 40.54 -15.16
N LEU A 179 36.86 41.86 -15.03
CA LEU A 179 36.72 42.82 -16.12
C LEU A 179 38.10 43.24 -16.62
N TYR A 180 38.26 43.38 -17.94
CA TYR A 180 39.54 43.77 -18.51
C TYR A 180 39.73 45.29 -18.42
N SER A 181 40.94 45.72 -18.72
CA SER A 181 41.38 47.10 -18.64
C SER A 181 42.61 47.22 -19.52
N LEU A 182 42.79 48.35 -20.21
CA LEU A 182 44.03 48.56 -20.94
C LEU A 182 44.27 50.04 -21.14
N SER A 183 45.53 50.36 -21.38
CA SER A 183 45.87 51.75 -21.65
C SER A 183 46.39 51.92 -23.08
N SER A 184 45.98 53.01 -23.71
CA SER A 184 46.58 53.37 -24.97
C SER A 184 47.23 54.75 -24.83
N VAL A 185 48.51 54.85 -25.15
CA VAL A 185 49.23 56.11 -24.96
C VAL A 185 49.88 56.53 -26.27
N VAL A 186 50.08 57.85 -26.40
CA VAL A 186 50.69 58.38 -27.59
C VAL A 186 51.62 59.52 -27.14
N THR A 187 52.78 59.58 -27.82
CA THR A 187 53.76 60.63 -27.68
C THR A 187 53.55 61.61 -28.85
N VAL A 188 53.59 62.91 -28.52
CA VAL A 188 53.23 63.98 -29.44
C VAL A 188 54.09 65.21 -29.17
N PRO A 189 54.32 66.12 -30.13
CA PRO A 189 54.98 67.39 -29.84
C PRO A 189 54.44 68.10 -28.61
N SER A 190 55.35 68.59 -27.75
CA SER A 190 54.93 69.29 -26.55
C SER A 190 54.42 70.68 -26.90
N SER A 191 54.83 71.21 -28.05
CA SER A 191 54.34 72.47 -28.59
C SER A 191 52.87 72.37 -29.02
N SER A 192 52.44 71.16 -29.47
CA SER A 192 51.07 70.91 -29.89
C SER A 192 50.06 70.89 -28.73
N LEU A 193 50.52 70.72 -27.50
CA LEU A 193 49.64 70.39 -26.38
C LEU A 193 48.48 71.35 -26.15
N GLY A 194 48.71 72.66 -26.18
CA GLY A 194 47.58 73.54 -25.91
C GLY A 194 46.72 73.87 -27.14
N THR A 195 47.14 73.40 -28.32
CA THR A 195 46.52 73.75 -29.60
C THR A 195 45.77 72.55 -30.18
N GLN A 196 46.46 71.43 -30.42
CA GLN A 196 45.88 70.25 -31.06
C GLN A 196 45.00 69.53 -30.05
N THR A 197 43.82 69.09 -30.53
CA THR A 197 42.93 68.25 -29.75
C THR A 197 43.31 66.78 -29.93
N TYR A 198 43.29 66.05 -28.80
CA TYR A 198 43.58 64.65 -28.73
C TYR A 198 42.35 63.93 -28.19
N ILE A 199 41.80 63.05 -29.05
CA ILE A 199 40.62 62.28 -28.76
C ILE A 199 40.94 60.82 -29.04
N CYS A 200 40.68 59.93 -28.08
CA CYS A 200 40.83 58.51 -28.33
C CYS A 200 39.45 57.89 -28.60
N ASN A 201 39.38 56.97 -29.58
CA ASN A 201 38.15 56.35 -30.05
C ASN A 201 38.13 54.86 -29.69
N VAL A 202 37.48 54.57 -28.57
CA VAL A 202 37.39 53.22 -28.04
C VAL A 202 36.13 52.58 -28.58
N ASN A 203 36.26 51.46 -29.25
CA ASN A 203 35.10 50.79 -29.80
C ASN A 203 34.98 49.39 -29.17
N HIS A 204 33.81 49.05 -28.65
CA HIS A 204 33.58 47.75 -28.00
C HIS A 204 32.35 47.05 -28.57
N LYS A 205 32.52 46.32 -29.68
CA LYS A 205 31.43 45.69 -30.42
C LYS A 205 30.58 44.78 -29.52
N PRO A 206 31.17 43.92 -28.66
CA PRO A 206 30.37 43.07 -27.78
C PRO A 206 29.29 43.78 -26.96
N SER A 207 29.35 45.11 -26.84
CA SER A 207 28.33 45.84 -26.09
C SER A 207 27.73 46.96 -26.91
N ASN A 208 28.09 47.03 -28.19
CA ASN A 208 27.71 48.09 -29.13
C ASN A 208 27.94 49.46 -28.52
N THR A 209 29.08 49.65 -27.86
CA THR A 209 29.43 50.92 -27.23
C THR A 209 30.67 51.46 -27.94
N LYS A 210 30.63 52.74 -28.33
CA LYS A 210 31.78 53.45 -28.85
C LYS A 210 31.96 54.69 -27.97
N VAL A 211 33.13 54.86 -27.36
CA VAL A 211 33.41 56.02 -26.51
C VAL A 211 34.48 56.86 -27.19
N ASP A 212 34.30 58.20 -27.17
CA ASP A 212 35.28 59.17 -27.63
C ASP A 212 35.66 60.07 -26.46
N LYS A 213 36.93 59.97 -25.98
CA LYS A 213 37.42 60.82 -24.90
C LYS A 213 38.43 61.85 -25.42
N LYS A 214 38.18 63.11 -25.06
CA LYS A 214 39.09 64.21 -25.31
C LYS A 214 40.06 64.26 -24.12
N VAL A 215 41.35 64.19 -24.42
CA VAL A 215 42.36 64.26 -23.38
C VAL A 215 42.96 65.67 -23.38
N GLU A 216 42.84 66.35 -22.25
CA GLU A 216 43.24 67.75 -22.19
C GLU A 216 44.31 67.93 -21.14
N PRO A 217 45.35 68.75 -21.40
CA PRO A 217 46.29 69.18 -20.37
C PRO A 217 45.56 69.65 -19.11
N LYS A 218 46.12 69.41 -17.89
CA LYS A 218 45.30 69.35 -16.67
C LYS A 218 44.56 70.68 -16.38
N ASP B 1 51.98 9.19 -19.30
CA ASP B 1 52.16 10.53 -19.91
C ASP B 1 53.62 10.91 -19.88
N ILE B 2 54.15 11.22 -21.08
CA ILE B 2 55.52 11.66 -21.25
C ILE B 2 55.60 13.19 -21.12
N GLN B 3 56.49 13.70 -20.25
CA GLN B 3 56.61 15.14 -20.04
C GLN B 3 57.79 15.68 -20.85
N MET B 4 57.62 16.84 -21.47
CA MET B 4 58.66 17.48 -22.25
C MET B 4 59.22 18.67 -21.48
N THR B 5 60.56 18.75 -21.34
CA THR B 5 61.19 19.90 -20.72
C THR B 5 62.04 20.64 -21.76
N GLN B 6 61.61 21.87 -22.06
CA GLN B 6 62.35 22.74 -22.95
C GLN B 6 63.36 23.56 -22.15
N SER B 7 64.39 24.03 -22.85
CA SER B 7 65.54 24.61 -22.17
C SER B 7 66.35 25.49 -23.10
N PRO B 8 66.57 26.77 -22.72
CA PRO B 8 65.90 27.38 -21.56
C PRO B 8 64.54 27.96 -21.96
N SER B 9 63.80 28.53 -21.01
CA SER B 9 62.49 29.11 -21.32
C SER B 9 62.60 30.33 -22.21
N SER B 10 63.65 31.16 -22.02
CA SER B 10 63.87 32.34 -22.84
C SER B 10 65.36 32.52 -23.11
N LEU B 11 65.67 33.08 -24.27
CA LEU B 11 67.05 33.28 -24.68
C LEU B 11 67.12 34.57 -25.48
N SER B 12 68.19 35.34 -25.25
CA SER B 12 68.35 36.62 -25.91
C SER B 12 69.60 36.57 -26.80
N ALA B 13 69.41 36.60 -28.12
CA ALA B 13 70.47 36.35 -29.06
C ALA B 13 70.45 37.41 -30.17
N SER B 14 71.56 37.45 -30.94
CA SER B 14 71.76 38.42 -32.00
C SER B 14 71.69 37.72 -33.35
N VAL B 15 71.49 38.52 -34.39
CA VAL B 15 71.49 37.95 -35.73
C VAL B 15 72.90 37.44 -35.99
N GLY B 16 73.01 36.18 -36.42
CA GLY B 16 74.29 35.59 -36.78
C GLY B 16 74.75 34.54 -35.78
N ASP B 17 74.13 34.52 -34.58
CA ASP B 17 74.49 33.59 -33.52
C ASP B 17 74.10 32.15 -33.89
N ARG B 18 74.85 31.22 -33.28
CA ARG B 18 74.46 29.81 -33.19
C ARG B 18 73.54 29.68 -31.99
N VAL B 19 72.36 29.08 -32.18
CA VAL B 19 71.44 28.90 -31.08
C VAL B 19 71.04 27.44 -30.97
N THR B 20 70.94 26.99 -29.71
CA THR B 20 70.77 25.61 -29.36
C THR B 20 69.68 25.52 -28.30
N ILE B 21 68.53 24.97 -28.67
CA ILE B 21 67.42 24.74 -27.75
C ILE B 21 67.40 23.25 -27.47
N THR B 22 67.07 22.90 -26.22
CA THR B 22 66.98 21.52 -25.80
C THR B 22 65.55 21.13 -25.43
N CYS B 23 65.22 19.87 -25.70
CA CYS B 23 63.99 19.25 -25.29
C CYS B 23 64.35 17.89 -24.71
N ARG B 24 64.09 17.74 -23.41
CA ARG B 24 64.35 16.51 -22.66
C ARG B 24 63.02 15.88 -22.30
N THR B 25 62.85 14.58 -22.58
CA THR B 25 61.58 13.92 -22.35
C THR B 25 61.70 12.98 -21.17
N SER B 26 60.58 12.68 -20.50
CA SER B 26 60.62 11.87 -19.29
C SER B 26 60.64 10.38 -19.60
N GLY B 27 60.41 10.04 -20.87
CA GLY B 27 60.41 8.67 -21.33
C GLY B 27 60.76 8.61 -22.81
N ASN B 28 61.40 7.52 -23.23
CA ASN B 28 61.92 7.36 -24.58
C ASN B 28 60.77 7.56 -25.57
N ILE B 29 61.02 8.33 -26.63
CA ILE B 29 59.99 8.66 -27.61
C ILE B 29 60.44 8.32 -29.03
N TYR B 30 61.48 7.49 -29.13
CA TYR B 30 61.77 6.74 -30.35
C TYR B 30 61.83 7.61 -31.60
N ASN B 31 62.37 8.83 -31.42
CA ASN B 31 62.71 9.79 -32.47
C ASN B 31 61.45 10.46 -33.03
N TYR B 32 60.32 10.24 -32.37
CA TYR B 32 59.08 10.86 -32.81
C TYR B 32 59.02 12.24 -32.22
N LEU B 33 59.98 13.09 -32.60
CA LEU B 33 60.01 14.43 -32.06
C LEU B 33 59.90 15.48 -33.15
N ALA B 34 59.06 16.48 -32.88
CA ALA B 34 58.87 17.60 -33.79
C ALA B 34 59.27 18.91 -33.13
N TRP B 35 59.73 19.86 -33.96
CA TRP B 35 60.04 21.22 -33.51
C TRP B 35 59.16 22.19 -34.28
N TYR B 36 58.54 23.11 -33.55
CA TYR B 36 57.64 24.13 -34.07
C TYR B 36 58.22 25.52 -33.81
N GLN B 37 57.94 26.46 -34.72
CA GLN B 37 58.17 27.88 -34.49
C GLN B 37 56.83 28.60 -34.52
N GLN B 38 56.55 29.42 -33.49
CA GLN B 38 55.28 30.12 -33.43
C GLN B 38 55.50 31.63 -33.26
N LYS B 39 54.99 32.43 -34.20
CA LYS B 39 55.03 33.89 -34.05
C LYS B 39 53.72 34.33 -33.39
N PRO B 40 53.62 35.49 -32.69
CA PRO B 40 52.42 35.81 -31.90
C PRO B 40 51.17 35.87 -32.76
N GLY B 41 50.07 35.32 -32.21
CA GLY B 41 48.78 35.31 -32.89
C GLY B 41 48.65 34.39 -34.10
N LYS B 42 49.63 33.48 -34.34
CA LYS B 42 49.52 32.53 -35.43
C LYS B 42 49.63 31.10 -34.91
N ALA B 43 49.21 30.14 -35.75
CA ALA B 43 49.26 28.73 -35.40
C ALA B 43 50.69 28.23 -35.54
N PRO B 44 51.16 27.26 -34.72
CA PRO B 44 52.53 26.74 -34.81
C PRO B 44 52.92 26.23 -36.19
N LYS B 45 54.15 26.54 -36.64
CA LYS B 45 54.68 26.09 -37.92
C LYS B 45 55.73 25.00 -37.67
N LEU B 46 55.71 23.94 -38.47
CA LEU B 46 56.63 22.84 -38.23
C LEU B 46 57.96 23.07 -38.94
N LEU B 47 59.07 22.75 -38.27
CA LEU B 47 60.42 22.91 -38.83
C LEU B 47 61.05 21.54 -39.07
N ILE B 48 61.09 20.75 -37.98
CA ILE B 48 61.73 19.43 -37.94
C ILE B 48 60.73 18.41 -37.41
N TYR B 49 60.59 17.31 -38.15
CA TYR B 49 59.73 16.17 -37.80
C TYR B 49 60.59 14.92 -37.74
N ASN B 50 60.19 13.94 -36.93
CA ASN B 50 61.08 12.85 -36.55
C ASN B 50 62.30 13.55 -35.98
N ALA B 51 63.33 12.90 -35.48
CA ALA B 51 64.16 13.78 -34.66
C ALA B 51 64.87 14.87 -35.49
N LYS B 52 65.00 14.63 -36.81
CA LYS B 52 66.07 15.23 -37.59
C LYS B 52 65.65 15.55 -39.02
N THR B 53 64.45 15.14 -39.44
CA THR B 53 64.01 15.41 -40.81
C THR B 53 63.47 16.84 -40.93
N LEU B 54 63.95 17.56 -41.95
CA LEU B 54 63.56 18.94 -42.18
C LEU B 54 62.28 19.00 -43.01
N ALA B 55 61.30 19.80 -42.57
CA ALA B 55 60.04 19.97 -43.31
C ALA B 55 60.27 20.78 -44.59
N ASP B 56 59.31 20.72 -45.52
CA ASP B 56 59.46 21.37 -46.83
C ASP B 56 59.63 22.87 -46.69
N ALA B 57 60.53 23.45 -47.51
CA ALA B 57 60.74 24.89 -47.60
C ALA B 57 61.20 25.50 -46.27
N VAL B 58 61.72 24.67 -45.36
CA VAL B 58 62.39 25.18 -44.16
C VAL B 58 63.86 25.39 -44.50
N PRO B 59 64.43 26.61 -44.27
CA PRO B 59 65.85 26.86 -44.51
C PRO B 59 66.76 25.90 -43.73
N SER B 60 67.92 25.57 -44.32
CA SER B 60 68.72 24.49 -43.79
C SER B 60 69.55 24.97 -42.58
N ARG B 61 69.44 26.24 -42.22
CA ARG B 61 70.08 26.70 -41.00
C ARG B 61 69.44 26.00 -39.80
N PHE B 62 68.20 25.52 -40.00
CA PHE B 62 67.47 24.76 -38.99
C PHE B 62 67.87 23.30 -39.06
N SER B 63 68.32 22.76 -37.92
CA SER B 63 68.77 21.39 -37.87
C SER B 63 68.35 20.78 -36.53
N GLY B 64 67.89 19.54 -36.58
CA GLY B 64 67.49 18.87 -35.35
C GLY B 64 68.32 17.61 -35.12
N SER B 65 68.65 17.32 -33.87
CA SER B 65 69.32 16.07 -33.55
C SER B 65 68.85 15.57 -32.19
N GLY B 66 69.53 14.53 -31.71
CA GLY B 66 69.23 13.87 -30.44
C GLY B 66 68.66 12.48 -30.71
N SER B 67 68.36 11.72 -29.63
CA SER B 67 67.92 10.35 -29.87
C SER B 67 66.95 9.76 -28.87
N GLY B 68 67.24 9.70 -27.58
CA GLY B 68 66.33 8.84 -26.82
C GLY B 68 65.33 9.74 -26.11
N THR B 69 65.87 10.49 -25.15
CA THR B 69 65.13 11.41 -24.30
C THR B 69 65.73 12.81 -24.43
N ASP B 70 66.82 12.94 -25.19
CA ASP B 70 67.56 14.18 -25.31
C ASP B 70 67.60 14.60 -26.77
N TYR B 71 66.96 15.75 -27.09
CA TYR B 71 66.82 16.27 -28.44
C TYR B 71 67.20 17.75 -28.52
N THR B 72 67.64 18.17 -29.72
CA THR B 72 68.27 19.47 -29.88
C THR B 72 67.87 20.10 -31.20
N LEU B 73 67.36 21.35 -31.10
CA LEU B 73 67.19 22.23 -32.24
C LEU B 73 68.37 23.19 -32.32
N THR B 74 68.97 23.27 -33.51
CA THR B 74 70.11 24.12 -33.75
C THR B 74 69.78 25.08 -34.88
N ILE B 75 69.98 26.38 -34.61
CA ILE B 75 69.92 27.35 -35.69
C ILE B 75 71.33 27.89 -35.85
N SER B 76 71.95 27.62 -37.01
CA SER B 76 73.38 27.84 -37.15
C SER B 76 73.70 29.32 -37.16
N SER B 77 73.03 30.07 -38.04
CA SER B 77 73.20 31.51 -38.15
C SER B 77 71.81 32.14 -38.08
N LEU B 78 71.40 32.52 -36.87
CA LEU B 78 70.09 33.11 -36.62
C LEU B 78 69.83 34.28 -37.58
N GLN B 79 68.65 34.29 -38.22
CA GLN B 79 68.25 35.35 -39.16
C GLN B 79 67.15 36.22 -38.56
N PRO B 80 66.86 37.42 -39.13
CA PRO B 80 65.86 38.33 -38.54
C PRO B 80 64.51 37.66 -38.21
N GLU B 81 64.05 36.78 -39.11
CA GLU B 81 62.71 36.24 -39.06
C GLU B 81 62.64 35.05 -38.09
N ASP B 82 63.74 34.78 -37.37
CA ASP B 82 63.81 33.56 -36.58
C ASP B 82 63.51 33.89 -35.13
N PHE B 83 63.25 35.16 -34.81
CA PHE B 83 62.89 35.50 -33.45
C PHE B 83 61.43 35.13 -33.26
N ALA B 84 61.18 34.27 -32.25
CA ALA B 84 59.89 33.59 -32.14
C ALA B 84 59.87 32.73 -30.88
N THR B 85 58.76 32.03 -30.66
CA THR B 85 58.70 30.99 -29.64
C THR B 85 58.83 29.62 -30.31
N TYR B 86 59.67 28.75 -29.74
CA TYR B 86 59.91 27.42 -30.29
C TYR B 86 59.38 26.35 -29.34
N TYR B 87 58.81 25.28 -29.91
CA TYR B 87 58.13 24.25 -29.16
C TYR B 87 58.55 22.87 -29.67
N CYS B 88 58.63 21.91 -28.77
CA CYS B 88 58.78 20.52 -29.18
C CYS B 88 57.50 19.75 -28.83
N GLN B 89 57.22 18.71 -29.61
CA GLN B 89 56.07 17.87 -29.34
C GLN B 89 56.51 16.44 -29.64
N HIS B 90 55.98 15.44 -28.92
CA HIS B 90 56.23 14.07 -29.34
C HIS B 90 55.05 13.53 -30.16
N PHE B 91 55.33 12.51 -30.97
CA PHE B 91 54.35 11.84 -31.82
C PHE B 91 54.39 10.35 -31.55
N TRP B 92 54.56 10.00 -30.29
CA TRP B 92 54.65 8.58 -29.92
C TRP B 92 53.36 8.10 -29.25
N SER B 93 53.39 7.74 -27.97
CA SER B 93 52.23 7.17 -27.29
C SER B 93 51.20 8.24 -26.98
N ILE B 94 49.93 7.85 -26.85
CA ILE B 94 48.86 8.75 -26.46
C ILE B 94 49.05 9.08 -24.99
N PRO B 95 48.72 10.29 -24.48
CA PRO B 95 48.55 11.49 -25.29
C PRO B 95 49.89 12.11 -25.68
N TRP B 96 49.93 12.62 -26.91
CA TRP B 96 51.01 13.50 -27.34
C TRP B 96 51.06 14.73 -26.43
N THR B 97 52.28 15.15 -26.10
CA THR B 97 52.48 16.31 -25.24
C THR B 97 53.51 17.26 -25.86
N PHE B 98 53.47 18.54 -25.46
CA PHE B 98 54.34 19.61 -25.97
C PHE B 98 55.25 20.15 -24.87
N GLY B 99 56.30 20.86 -25.28
CA GLY B 99 57.18 21.51 -24.32
C GLY B 99 56.65 22.87 -23.89
N GLY B 100 57.34 23.46 -22.90
CA GLY B 100 56.90 24.72 -22.34
C GLY B 100 57.18 25.88 -23.31
N GLY B 101 58.08 25.66 -24.27
CA GLY B 101 58.48 26.69 -25.23
C GLY B 101 59.80 27.38 -24.85
N THR B 102 60.55 27.78 -25.88
CA THR B 102 61.72 28.64 -25.76
C THR B 102 61.43 29.89 -26.59
N LYS B 103 61.38 31.04 -25.90
CA LYS B 103 61.13 32.32 -26.56
C LYS B 103 62.47 32.98 -26.89
N VAL B 104 62.67 33.30 -28.16
CA VAL B 104 63.95 33.78 -28.62
C VAL B 104 63.77 35.26 -29.00
N GLU B 105 64.44 36.13 -28.22
CA GLU B 105 64.31 37.57 -28.36
C GLU B 105 65.61 38.18 -28.91
N ILE B 106 65.57 39.44 -29.37
CA ILE B 106 66.72 40.13 -29.93
C ILE B 106 67.54 40.76 -28.82
N LYS B 107 68.85 40.46 -28.81
CA LYS B 107 69.72 41.00 -27.77
C LYS B 107 70.16 42.40 -28.19
N ARG B 108 70.31 43.23 -27.16
CA ARG B 108 70.88 44.55 -27.29
C ARG B 108 71.40 44.95 -25.91
N THR B 109 72.08 46.10 -25.86
CA THR B 109 72.60 46.61 -24.61
C THR B 109 71.46 47.03 -23.67
N VAL B 110 71.78 47.09 -22.38
CA VAL B 110 70.87 47.58 -21.35
C VAL B 110 70.48 49.01 -21.70
N ALA B 111 69.18 49.35 -21.50
CA ALA B 111 68.62 50.67 -21.76
C ALA B 111 67.61 51.02 -20.67
N ALA B 112 67.88 52.12 -19.94
CA ALA B 112 66.97 52.63 -18.94
C ALA B 112 65.76 53.30 -19.60
N PRO B 113 64.54 53.11 -19.08
CA PRO B 113 63.34 53.75 -19.65
C PRO B 113 63.22 55.26 -19.39
N SER B 114 62.43 55.96 -20.21
CA SER B 114 61.87 57.24 -19.78
C SER B 114 60.52 56.96 -19.12
N VAL B 115 60.33 57.54 -17.93
CA VAL B 115 59.23 57.16 -17.08
C VAL B 115 58.30 58.35 -16.88
N PHE B 116 57.01 58.15 -17.12
CA PHE B 116 55.99 59.16 -16.95
C PHE B 116 54.90 58.68 -16.01
N ILE B 117 54.35 59.59 -15.21
CA ILE B 117 53.33 59.21 -14.24
C ILE B 117 52.06 60.04 -14.47
N PHE B 118 50.92 59.36 -14.41
CA PHE B 118 49.62 60.01 -14.59
C PHE B 118 48.78 59.80 -13.35
N PRO B 119 48.32 60.85 -12.64
CA PRO B 119 47.49 60.66 -11.45
C PRO B 119 46.11 60.26 -11.95
N PRO B 120 45.18 59.81 -11.09
CA PRO B 120 43.85 59.43 -11.56
C PRO B 120 43.11 60.69 -11.96
N SER B 121 42.31 60.62 -13.05
CA SER B 121 41.47 61.72 -13.51
C SER B 121 40.45 62.09 -12.45
N ASP B 122 40.06 63.39 -12.36
CA ASP B 122 39.07 63.76 -11.36
C ASP B 122 37.75 63.02 -11.64
N GLU B 123 37.53 62.73 -12.94
CA GLU B 123 36.36 62.01 -13.37
C GLU B 123 36.31 60.64 -12.70
N GLN B 124 37.38 59.85 -12.87
CA GLN B 124 37.40 58.49 -12.36
C GLN B 124 37.27 58.54 -10.85
N LEU B 125 37.92 59.55 -10.22
CA LEU B 125 38.06 59.57 -8.78
C LEU B 125 36.68 59.79 -8.17
N LYS B 126 35.87 60.64 -8.82
CA LYS B 126 34.54 60.92 -8.31
C LYS B 126 33.71 59.63 -8.22
N SER B 127 33.89 58.67 -9.14
CA SER B 127 33.16 57.41 -9.10
C SER B 127 33.74 56.41 -8.08
N GLY B 128 34.68 56.85 -7.24
CA GLY B 128 35.10 56.13 -6.06
C GLY B 128 36.25 55.12 -6.27
N THR B 129 37.05 55.30 -7.31
CA THR B 129 38.20 54.46 -7.58
C THR B 129 39.32 55.31 -8.19
N ALA B 130 40.57 54.93 -7.94
CA ALA B 130 41.69 55.76 -8.37
C ALA B 130 42.73 54.90 -9.06
N SER B 131 42.90 55.11 -10.36
CA SER B 131 43.90 54.38 -11.11
C SER B 131 45.13 55.27 -11.31
N VAL B 132 46.27 54.89 -10.71
CA VAL B 132 47.50 55.63 -10.96
C VAL B 132 48.29 54.88 -12.02
N VAL B 133 48.71 55.56 -13.07
CA VAL B 133 49.40 54.86 -14.15
C VAL B 133 50.84 55.32 -14.21
N CYS B 134 51.74 54.36 -14.41
CA CYS B 134 53.15 54.64 -14.61
C CYS B 134 53.59 53.99 -15.92
N LEU B 135 54.25 54.76 -16.78
CA LEU B 135 54.53 54.32 -18.14
C LEU B 135 56.04 54.27 -18.37
N LEU B 136 56.57 53.11 -18.76
CA LEU B 136 58.00 52.89 -18.95
C LEU B 136 58.24 52.81 -20.46
N ASN B 137 58.94 53.80 -21.03
CA ASN B 137 58.66 54.11 -22.41
C ASN B 137 59.86 53.80 -23.30
N ASN B 138 60.99 53.21 -22.85
CA ASN B 138 61.77 52.49 -23.86
C ASN B 138 62.98 51.77 -23.27
N PHE B 139 62.80 50.52 -22.82
CA PHE B 139 63.79 49.92 -21.93
C PHE B 139 64.25 48.55 -22.45
N TYR B 140 65.41 48.08 -21.96
CA TYR B 140 65.91 46.73 -22.18
C TYR B 140 66.77 46.35 -20.99
N PRO B 141 66.75 45.09 -20.50
CA PRO B 141 65.81 44.07 -21.00
C PRO B 141 64.42 44.11 -20.36
N ARG B 142 63.62 43.08 -20.63
CA ARG B 142 62.22 43.08 -20.27
C ARG B 142 62.04 43.12 -18.76
N GLU B 143 62.95 42.46 -18.05
CA GLU B 143 62.70 42.06 -16.67
C GLU B 143 62.96 43.20 -15.68
N ALA B 144 62.29 44.33 -15.84
CA ALA B 144 62.46 45.50 -14.99
C ALA B 144 61.47 45.46 -13.84
N LYS B 145 61.95 45.61 -12.61
CA LYS B 145 61.09 45.56 -11.43
C LYS B 145 60.48 46.94 -11.20
N VAL B 146 59.15 47.05 -11.31
CA VAL B 146 58.41 48.27 -11.04
C VAL B 146 57.74 48.19 -9.67
N GLN B 147 58.07 49.06 -8.72
CA GLN B 147 57.39 49.03 -7.44
C GLN B 147 56.67 50.36 -7.20
N TRP B 148 55.56 50.32 -6.45
CA TRP B 148 54.82 51.53 -6.12
C TRP B 148 55.03 51.85 -4.65
N LYS B 149 55.33 53.11 -4.36
CA LYS B 149 55.51 53.56 -2.99
C LYS B 149 54.54 54.72 -2.77
N VAL B 150 53.67 54.60 -1.76
CA VAL B 150 52.79 55.71 -1.43
C VAL B 150 53.08 56.14 0.01
N ASP B 151 53.53 57.39 0.15
CA ASP B 151 54.10 57.90 1.39
C ASP B 151 55.19 56.94 1.85
N ASN B 152 55.95 56.40 0.88
CA ASN B 152 57.19 55.70 1.14
C ASN B 152 56.97 54.23 1.52
N ALA B 153 55.69 53.82 1.57
CA ALA B 153 55.31 52.46 1.92
C ALA B 153 55.11 51.66 0.64
N LEU B 154 55.70 50.46 0.59
CA LEU B 154 55.73 49.70 -0.64
C LEU B 154 54.40 48.98 -0.83
N GLN B 155 53.66 49.42 -1.86
CA GLN B 155 52.38 48.86 -2.25
C GLN B 155 52.63 47.51 -2.89
N SER B 156 51.64 46.63 -2.72
CA SER B 156 51.82 45.23 -3.05
C SER B 156 50.46 44.54 -3.29
N GLY B 157 50.39 43.75 -4.37
CA GLY B 157 49.18 43.04 -4.76
C GLY B 157 48.17 43.91 -5.47
N ASN B 158 48.40 45.23 -5.57
CA ASN B 158 47.39 46.17 -6.04
C ASN B 158 47.84 46.93 -7.28
N SER B 159 48.87 46.41 -7.95
CA SER B 159 49.27 46.92 -9.24
C SER B 159 49.23 45.77 -10.24
N GLN B 160 49.11 46.09 -11.54
CA GLN B 160 49.22 45.16 -12.65
C GLN B 160 49.98 45.87 -13.77
N GLU B 161 50.74 45.11 -14.58
CA GLU B 161 51.59 45.65 -15.63
C GLU B 161 51.23 45.02 -16.98
N SER B 162 51.63 45.64 -18.07
CA SER B 162 51.39 45.11 -19.39
C SER B 162 52.52 45.61 -20.29
N VAL B 163 53.07 44.75 -21.16
CA VAL B 163 54.30 45.11 -21.85
C VAL B 163 54.11 45.00 -23.37
N THR B 164 54.81 45.82 -24.15
CA THR B 164 54.72 45.64 -25.60
C THR B 164 55.67 44.54 -26.03
N GLU B 165 55.61 44.20 -27.32
CA GLU B 165 56.61 43.35 -27.94
C GLU B 165 57.85 44.20 -28.22
N GLN B 166 58.99 43.55 -28.43
CA GLN B 166 60.21 44.25 -28.79
C GLN B 166 59.98 45.20 -29.96
N ASP B 167 60.39 46.46 -29.82
CA ASP B 167 60.33 47.42 -30.91
C ASP B 167 61.22 46.98 -32.07
N SER B 168 60.68 47.20 -33.28
CA SER B 168 61.33 46.76 -34.49
C SER B 168 62.57 47.63 -34.79
N LYS B 169 62.66 48.83 -34.19
CA LYS B 169 63.70 49.77 -34.58
C LYS B 169 64.86 49.76 -33.60
N ASP B 170 64.57 49.74 -32.29
CA ASP B 170 65.62 49.86 -31.28
C ASP B 170 65.63 48.68 -30.32
N SER B 171 64.78 47.66 -30.57
CA SER B 171 64.79 46.43 -29.79
C SER B 171 64.38 46.66 -28.34
N THR B 172 63.64 47.75 -28.06
CA THR B 172 63.27 47.98 -26.67
C THR B 172 61.84 47.52 -26.40
N TYR B 173 61.48 47.55 -25.12
CA TYR B 173 60.15 47.29 -24.66
C TYR B 173 59.58 48.60 -24.12
N SER B 174 58.25 48.64 -24.02
CA SER B 174 57.53 49.61 -23.21
C SER B 174 56.53 48.89 -22.31
N LEU B 175 56.33 49.43 -21.11
CA LEU B 175 55.51 48.79 -20.10
C LEU B 175 54.61 49.85 -19.50
N SER B 176 53.38 49.48 -19.13
CA SER B 176 52.52 50.31 -18.31
C SER B 176 52.23 49.56 -17.02
N SER B 177 52.12 50.32 -15.93
CA SER B 177 51.81 49.76 -14.64
C SER B 177 50.68 50.57 -13.99
N THR B 178 49.63 49.88 -13.53
CA THR B 178 48.50 50.58 -12.97
C THR B 178 48.38 50.22 -11.49
N LEU B 179 48.43 51.24 -10.62
CA LEU B 179 48.09 51.08 -9.22
C LEU B 179 46.61 51.39 -9.03
N THR B 180 45.91 50.48 -8.37
CA THR B 180 44.47 50.62 -8.15
C THR B 180 44.16 50.78 -6.66
N LEU B 181 43.66 51.96 -6.27
CA LEU B 181 43.17 52.17 -4.91
C LEU B 181 41.77 52.74 -4.98
N SER B 182 40.98 52.55 -3.92
CA SER B 182 39.69 53.22 -3.78
C SER B 182 39.95 54.70 -3.54
N LYS B 183 38.96 55.53 -3.88
CA LYS B 183 39.05 56.98 -3.67
C LYS B 183 39.47 57.27 -2.24
N ALA B 184 38.84 56.56 -1.31
CA ALA B 184 39.05 56.79 0.11
C ALA B 184 40.52 56.63 0.45
N ASP B 185 41.10 55.47 0.03
CA ASP B 185 42.49 55.12 0.28
C ASP B 185 43.42 56.10 -0.42
N TYR B 186 43.05 56.49 -1.65
CA TYR B 186 43.90 57.40 -2.39
C TYR B 186 44.08 58.71 -1.62
N GLU B 187 43.07 59.11 -0.86
CA GLU B 187 43.02 60.48 -0.36
C GLU B 187 43.60 60.56 1.04
N LYS B 188 44.02 59.41 1.59
CA LYS B 188 44.65 59.36 2.90
C LYS B 188 46.11 59.84 2.81
N HIS B 189 46.66 59.83 1.58
CA HIS B 189 48.08 59.82 1.30
C HIS B 189 48.44 60.87 0.27
N LYS B 190 49.74 61.22 0.24
CA LYS B 190 50.18 62.44 -0.42
C LYS B 190 51.14 62.11 -1.56
N VAL B 191 52.16 61.28 -1.26
CA VAL B 191 53.23 61.11 -2.21
C VAL B 191 53.08 59.77 -2.92
N TYR B 192 52.93 59.85 -4.26
CA TYR B 192 52.80 58.68 -5.11
C TYR B 192 54.05 58.58 -5.98
N ALA B 193 54.79 57.48 -5.83
CA ALA B 193 56.04 57.28 -6.53
C ALA B 193 56.06 55.93 -7.24
N CYS B 194 56.61 55.91 -8.44
CA CYS B 194 56.79 54.71 -9.24
C CYS B 194 58.29 54.49 -9.43
N GLU B 195 58.81 53.34 -9.01
CA GLU B 195 60.25 53.18 -8.81
C GLU B 195 60.69 51.96 -9.62
N VAL B 196 61.51 52.19 -10.64
CA VAL B 196 61.85 51.13 -11.58
C VAL B 196 63.30 50.72 -11.34
N THR B 197 63.53 49.41 -11.19
CA THR B 197 64.87 48.88 -10.96
C THR B 197 65.31 48.02 -12.15
N GLN B 198 66.58 48.14 -12.54
CA GLN B 198 67.13 47.38 -13.65
C GLN B 198 68.55 47.03 -13.25
N GLY B 199 68.68 45.87 -12.59
CA GLY B 199 69.87 45.54 -11.83
C GLY B 199 70.09 46.55 -10.69
N THR B 200 71.17 47.32 -10.82
CA THR B 200 71.53 48.34 -9.85
C THR B 200 71.51 49.74 -10.50
N THR B 201 70.47 50.02 -11.34
CA THR B 201 70.08 51.35 -11.80
C THR B 201 68.58 51.53 -11.64
N SER B 202 68.18 52.68 -11.05
CA SER B 202 66.84 52.92 -10.53
C SER B 202 66.31 54.28 -10.97
N VAL B 203 65.14 54.31 -11.62
CA VAL B 203 64.46 55.55 -11.97
C VAL B 203 63.20 55.69 -11.13
N THR B 204 63.02 56.82 -10.44
CA THR B 204 61.76 57.06 -9.73
C THR B 204 61.03 58.30 -10.28
N LYS B 205 59.78 58.13 -10.75
CA LYS B 205 58.89 59.24 -11.04
C LYS B 205 57.87 59.35 -9.91
N SER B 206 57.62 60.57 -9.44
CA SER B 206 56.62 60.74 -8.40
C SER B 206 55.77 61.99 -8.66
N PHE B 207 54.65 62.11 -7.94
CA PHE B 207 53.86 63.32 -7.86
C PHE B 207 53.25 63.41 -6.47
N ASN B 208 52.77 64.60 -6.09
CA ASN B 208 51.95 64.74 -4.90
C ASN B 208 50.52 64.98 -5.33
N ARG B 209 49.57 64.37 -4.59
CA ARG B 209 48.15 64.47 -4.87
C ARG B 209 47.71 65.94 -4.85
N GLY B 210 47.08 66.42 -5.95
CA GLY B 210 46.61 67.79 -6.07
C GLY B 210 47.76 68.81 -6.14
N GLU B 211 48.41 68.86 -7.31
CA GLU B 211 49.53 69.73 -7.63
C GLU B 211 49.91 69.50 -9.11
N VAL C 2 -38.36 -30.81 11.49
CA VAL C 2 -39.36 -31.89 11.12
C VAL C 2 -39.67 -32.79 12.32
N GLN C 3 -38.68 -32.98 13.23
CA GLN C 3 -38.86 -33.41 14.62
C GLN C 3 -38.11 -32.43 15.52
N LEU C 4 -38.53 -32.32 16.79
CA LEU C 4 -37.86 -31.45 17.74
C LEU C 4 -37.44 -32.29 18.94
N VAL C 5 -36.16 -32.17 19.35
CA VAL C 5 -35.63 -32.93 20.47
C VAL C 5 -35.07 -31.99 21.52
N GLN C 6 -35.56 -32.11 22.76
CA GLN C 6 -35.25 -31.21 23.84
C GLN C 6 -34.27 -31.86 24.83
N SER C 7 -33.52 -31.02 25.56
CA SER C 7 -32.63 -31.47 26.65
C SER C 7 -33.45 -32.14 27.77
N GLY C 8 -32.77 -32.92 28.64
CA GLY C 8 -33.38 -33.60 29.77
C GLY C 8 -33.82 -32.66 30.90
N ALA C 9 -34.38 -33.26 31.96
CA ALA C 9 -34.97 -32.53 33.08
C ALA C 9 -33.91 -31.72 33.82
N GLU C 10 -34.29 -30.56 34.36
CA GLU C 10 -33.35 -29.73 35.11
C GLU C 10 -33.90 -29.42 36.50
N VAL C 11 -33.02 -29.40 37.52
CA VAL C 11 -33.45 -29.07 38.87
C VAL C 11 -32.53 -27.96 39.34
N LYS C 12 -33.09 -26.80 39.73
CA LYS C 12 -32.28 -25.60 39.94
C LYS C 12 -32.77 -24.88 41.18
N LYS C 13 -31.88 -24.09 41.81
CA LYS C 13 -32.25 -23.33 42.99
C LYS C 13 -32.79 -21.97 42.55
N PRO C 14 -33.66 -21.30 43.37
CA PRO C 14 -34.14 -19.96 43.04
C PRO C 14 -32.93 -19.05 42.89
N GLY C 15 -32.97 -18.14 41.92
CA GLY C 15 -31.87 -17.22 41.67
C GLY C 15 -31.05 -17.65 40.46
N ALA C 16 -30.90 -18.96 40.25
CA ALA C 16 -30.06 -19.54 39.21
C ALA C 16 -30.74 -19.50 37.85
N SER C 17 -30.10 -20.15 36.87
CA SER C 17 -30.54 -20.07 35.49
C SER C 17 -30.66 -21.48 34.91
N VAL C 18 -31.49 -21.65 33.87
CA VAL C 18 -31.62 -22.93 33.21
C VAL C 18 -31.56 -22.70 31.70
N LYS C 19 -30.79 -23.53 30.99
CA LYS C 19 -30.64 -23.42 29.55
C LYS C 19 -31.17 -24.72 28.96
N VAL C 20 -32.28 -24.64 28.22
CA VAL C 20 -32.96 -25.78 27.61
C VAL C 20 -32.69 -25.74 26.12
N SER C 21 -32.36 -26.89 25.54
CA SER C 21 -32.04 -26.94 24.12
C SER C 21 -33.19 -27.58 23.35
N CYS C 22 -33.15 -27.41 22.02
CA CYS C 22 -34.12 -27.99 21.13
C CYS C 22 -33.47 -28.09 19.76
N LYS C 23 -33.23 -29.33 19.29
CA LYS C 23 -32.52 -29.55 18.03
C LYS C 23 -33.55 -29.84 16.94
N ALA C 24 -33.62 -28.90 15.97
CA ALA C 24 -34.65 -28.97 14.96
C ALA C 24 -34.02 -29.57 13.71
N SER C 25 -34.47 -30.78 13.35
CA SER C 25 -33.86 -31.45 12.22
C SER C 25 -34.29 -30.77 10.92
N GLY C 26 -35.41 -30.06 10.97
CA GLY C 26 -36.07 -29.55 9.78
C GLY C 26 -35.38 -28.35 9.14
N TYR C 27 -34.46 -27.69 9.89
CA TYR C 27 -33.92 -26.40 9.49
C TYR C 27 -32.97 -26.55 8.31
N THR C 28 -33.29 -25.85 7.23
CA THR C 28 -32.59 -25.99 5.97
C THR C 28 -32.25 -24.60 5.46
N PHE C 29 -31.59 -23.78 6.30
CA PHE C 29 -31.16 -22.44 5.92
C PHE C 29 -32.28 -21.62 5.24
N THR C 30 -33.53 -21.68 5.76
CA THR C 30 -34.66 -20.82 5.40
C THR C 30 -35.49 -20.55 6.65
N SER C 31 -36.49 -19.68 6.54
CA SER C 31 -37.24 -19.19 7.69
C SER C 31 -37.79 -20.36 8.51
N TYR C 32 -37.50 -20.39 9.80
CA TYR C 32 -37.99 -21.44 10.68
C TYR C 32 -38.21 -20.81 12.04
N TRP C 33 -39.47 -20.45 12.31
CA TRP C 33 -39.78 -19.79 13.57
C TRP C 33 -39.94 -20.86 14.66
N MET C 34 -39.06 -20.84 15.67
CA MET C 34 -39.21 -21.82 16.72
C MET C 34 -39.70 -21.12 17.95
N HIS C 35 -40.85 -21.56 18.47
CA HIS C 35 -41.49 -20.88 19.58
C HIS C 35 -41.25 -21.64 20.86
N TRP C 36 -41.45 -20.96 21.98
CA TRP C 36 -41.23 -21.54 23.28
C TRP C 36 -42.40 -21.25 24.21
N VAL C 37 -42.91 -22.32 24.83
CA VAL C 37 -44.18 -22.35 25.54
C VAL C 37 -43.96 -23.21 26.78
N ARG C 38 -44.56 -22.82 27.90
CA ARG C 38 -44.39 -23.63 29.11
C ARG C 38 -45.76 -23.93 29.70
N GLN C 39 -45.82 -24.91 30.60
CA GLN C 39 -47.07 -25.29 31.25
C GLN C 39 -46.77 -25.74 32.67
N ALA C 40 -47.26 -24.99 33.66
CA ALA C 40 -47.16 -25.41 35.05
C ALA C 40 -48.42 -26.21 35.32
N PRO C 41 -48.41 -27.28 36.16
CA PRO C 41 -49.68 -27.91 36.59
C PRO C 41 -50.62 -26.86 37.18
N GLY C 42 -50.07 -25.91 37.97
CA GLY C 42 -50.86 -24.81 38.49
C GLY C 42 -51.48 -23.83 37.47
N GLN C 43 -51.38 -24.10 36.16
CA GLN C 43 -51.87 -23.23 35.11
C GLN C 43 -52.21 -24.06 33.86
N GLY C 44 -52.76 -23.40 32.83
CA GLY C 44 -52.54 -23.75 31.44
C GLY C 44 -51.21 -23.17 30.91
N LEU C 45 -51.16 -22.92 29.60
CA LEU C 45 -49.90 -22.70 28.96
C LEU C 45 -49.59 -21.20 28.83
N GLU C 46 -48.29 -20.87 28.73
CA GLU C 46 -47.80 -19.53 28.48
C GLU C 46 -46.82 -19.55 27.31
N TRP C 47 -46.89 -18.53 26.46
CA TRP C 47 -45.96 -18.37 25.36
C TRP C 47 -44.81 -17.49 25.84
N ILE C 48 -43.58 -17.94 25.57
CA ILE C 48 -42.43 -17.23 26.14
C ILE C 48 -41.80 -16.32 25.09
N GLY C 49 -41.59 -16.87 23.89
CA GLY C 49 -40.99 -16.13 22.81
C GLY C 49 -40.83 -16.99 21.56
N LYS C 50 -40.26 -16.36 20.52
CA LYS C 50 -39.95 -17.07 19.29
C LYS C 50 -38.57 -16.61 18.82
N ILE C 51 -37.90 -17.45 18.01
CA ILE C 51 -36.69 -17.08 17.30
C ILE C 51 -36.69 -17.79 15.94
N ASP C 52 -36.27 -17.07 14.90
CA ASP C 52 -36.10 -17.63 13.56
C ASP C 52 -34.66 -18.11 13.42
N LEU C 53 -34.51 -19.42 13.19
CA LEU C 53 -33.20 -20.05 13.08
C LEU C 53 -32.37 -19.38 11.98
N SER C 54 -33.02 -18.89 10.93
CA SER C 54 -32.28 -18.44 9.76
C SER C 54 -31.56 -17.10 10.00
N ASP C 55 -32.23 -16.17 10.71
CA ASP C 55 -31.69 -14.82 10.77
C ASP C 55 -31.54 -14.41 12.23
N SER C 56 -31.92 -15.31 13.14
CA SER C 56 -31.72 -15.13 14.56
C SER C 56 -32.59 -14.01 15.14
N GLU C 57 -33.52 -13.49 14.32
CA GLU C 57 -34.57 -12.59 14.76
C GLU C 57 -35.35 -13.21 15.92
N ALA C 58 -35.66 -12.44 16.97
CA ALA C 58 -36.34 -13.02 18.12
C ALA C 58 -37.32 -12.02 18.74
N HIS C 59 -38.41 -12.53 19.33
CA HIS C 59 -39.38 -11.71 20.06
C HIS C 59 -39.79 -12.44 21.35
N PHE C 60 -40.11 -11.67 22.39
CA PHE C 60 -40.43 -12.25 23.68
C PHE C 60 -41.73 -11.67 24.24
N ASN C 61 -42.29 -12.42 25.18
CA ASN C 61 -43.40 -11.96 25.97
C ASN C 61 -42.83 -10.94 26.94
N GLN C 62 -43.54 -9.82 27.16
CA GLN C 62 -43.07 -8.82 28.11
C GLN C 62 -42.80 -9.45 29.47
N LYS C 63 -43.47 -10.57 29.79
CA LYS C 63 -43.40 -11.15 31.12
C LYS C 63 -42.03 -11.79 31.36
N PHE C 64 -41.34 -12.11 30.26
CA PHE C 64 -40.10 -12.88 30.32
C PHE C 64 -38.91 -12.15 29.70
N GLU C 65 -39.16 -11.06 28.96
CA GLU C 65 -38.17 -10.45 28.10
C GLU C 65 -36.92 -10.09 28.90
N ASP C 66 -37.10 -9.77 30.19
CA ASP C 66 -36.00 -9.41 31.09
C ASP C 66 -35.15 -10.61 31.50
N ARG C 67 -35.79 -11.77 31.60
CA ARG C 67 -35.13 -12.88 32.24
C ARG C 67 -34.77 -13.96 31.22
N ALA C 68 -35.15 -13.81 29.95
CA ALA C 68 -35.04 -14.91 29.02
C ALA C 68 -34.24 -14.49 27.81
N THR C 69 -33.56 -15.48 27.23
CA THR C 69 -32.75 -15.24 26.07
C THR C 69 -32.90 -16.40 25.10
N LEU C 70 -32.86 -16.13 23.79
CA LEU C 70 -32.89 -17.19 22.79
C LEU C 70 -31.69 -17.07 21.86
N THR C 71 -30.94 -18.16 21.72
CA THR C 71 -29.77 -18.15 20.84
C THR C 71 -29.84 -19.35 19.90
N VAL C 72 -29.22 -19.20 18.73
CA VAL C 72 -29.28 -20.24 17.72
C VAL C 72 -27.86 -20.68 17.39
N ASP C 73 -27.70 -21.98 17.22
CA ASP C 73 -26.46 -22.47 16.68
C ASP C 73 -26.76 -22.97 15.28
N ARG C 74 -26.45 -22.13 14.29
CA ARG C 74 -26.90 -22.37 12.93
C ARG C 74 -26.32 -23.69 12.42
N SER C 75 -25.09 -24.05 12.86
CA SER C 75 -24.37 -25.21 12.38
C SER C 75 -24.99 -26.51 12.89
N THR C 76 -25.34 -26.54 14.18
CA THR C 76 -25.90 -27.73 14.83
C THR C 76 -27.43 -27.74 14.80
N SER C 77 -28.07 -26.68 14.29
CA SER C 77 -29.52 -26.57 14.19
C SER C 77 -30.19 -26.58 15.57
N THR C 78 -29.56 -25.97 16.56
CA THR C 78 -30.07 -26.10 17.92
C THR C 78 -30.36 -24.72 18.50
N VAL C 79 -31.53 -24.59 19.13
CA VAL C 79 -31.93 -23.36 19.78
C VAL C 79 -31.79 -23.56 21.28
N TYR C 80 -31.25 -22.53 21.94
CA TYR C 80 -31.14 -22.52 23.39
C TYR C 80 -32.02 -21.41 23.96
N MET C 81 -33.02 -21.82 24.75
CA MET C 81 -33.86 -20.93 25.55
C MET C 81 -33.27 -20.91 26.95
N GLU C 82 -32.87 -19.75 27.45
CA GLU C 82 -32.22 -19.69 28.74
C GLU C 82 -32.94 -18.69 29.63
N LEU C 83 -33.51 -19.19 30.73
CA LEU C 83 -34.31 -18.38 31.63
C LEU C 83 -33.56 -18.23 32.96
N SER C 84 -33.46 -16.99 33.44
CA SER C 84 -32.60 -16.57 34.53
C SER C 84 -33.45 -16.08 35.70
N SER C 85 -32.81 -15.78 36.84
CA SER C 85 -33.53 -15.28 38.00
C SER C 85 -34.75 -16.16 38.30
N LEU C 86 -34.50 -17.48 38.32
CA LEU C 86 -35.56 -18.47 38.46
C LEU C 86 -36.27 -18.28 39.78
N ARG C 87 -37.59 -18.48 39.80
CA ARG C 87 -38.34 -18.56 41.03
C ARG C 87 -39.19 -19.83 40.92
N SER C 88 -39.90 -20.15 42.01
CA SER C 88 -40.59 -21.42 42.09
C SER C 88 -41.71 -21.46 41.05
N GLU C 89 -42.34 -20.30 40.76
CA GLU C 89 -43.35 -20.25 39.71
C GLU C 89 -42.80 -20.75 38.38
N ASP C 90 -41.48 -20.91 38.26
CA ASP C 90 -40.91 -21.22 36.96
C ASP C 90 -40.90 -22.73 36.72
N THR C 91 -41.20 -23.47 37.79
CA THR C 91 -41.35 -24.92 37.76
C THR C 91 -42.49 -25.25 36.81
N ALA C 92 -42.15 -25.94 35.72
CA ALA C 92 -43.13 -26.20 34.69
C ALA C 92 -42.51 -27.09 33.63
N VAL C 93 -43.33 -27.44 32.63
CA VAL C 93 -42.82 -28.21 31.51
C VAL C 93 -42.64 -27.26 30.31
N TYR C 94 -41.41 -27.22 29.78
CA TYR C 94 -41.06 -26.26 28.75
C TYR C 94 -41.05 -26.97 27.40
N TYR C 95 -41.82 -26.44 26.45
CA TYR C 95 -41.96 -27.05 25.12
C TYR C 95 -41.39 -26.11 24.07
N CYS C 96 -40.69 -26.65 23.07
CA CYS C 96 -40.37 -25.89 21.87
C CYS C 96 -41.34 -26.36 20.78
N ALA C 97 -41.62 -25.52 19.77
CA ALA C 97 -42.52 -25.92 18.71
C ALA C 97 -42.16 -25.16 17.44
N LYS C 98 -42.31 -25.80 16.28
CA LYS C 98 -42.07 -25.12 15.03
C LYS C 98 -43.41 -24.64 14.53
N MET C 99 -43.50 -23.33 14.33
CA MET C 99 -44.68 -22.72 13.76
C MET C 99 -44.67 -22.91 12.24
N GLY C 100 -45.71 -23.56 11.73
CA GLY C 100 -45.95 -23.67 10.30
C GLY C 100 -46.87 -22.54 9.86
N GLU C 101 -47.58 -22.72 8.74
CA GLU C 101 -48.29 -21.64 8.07
C GLU C 101 -49.43 -21.08 8.90
N PHE C 102 -50.14 -21.94 9.65
CA PHE C 102 -51.40 -21.55 10.26
C PHE C 102 -51.51 -22.01 11.71
N TYR C 103 -50.72 -23.02 12.09
CA TYR C 103 -50.60 -23.48 13.46
C TYR C 103 -49.22 -24.08 13.66
N PHE C 104 -48.96 -24.60 14.86
CA PHE C 104 -47.70 -25.24 15.11
C PHE C 104 -47.66 -26.61 14.43
N ASP C 105 -46.68 -26.78 13.52
CA ASP C 105 -46.42 -28.01 12.78
C ASP C 105 -46.00 -29.16 13.70
N TYR C 106 -45.05 -28.91 14.62
CA TYR C 106 -44.50 -29.97 15.45
C TYR C 106 -44.20 -29.36 16.81
N TRP C 107 -44.35 -30.19 17.86
CA TRP C 107 -43.96 -29.80 19.21
C TRP C 107 -42.78 -30.66 19.62
N GLY C 108 -41.99 -30.17 20.59
CA GLY C 108 -40.96 -30.99 21.22
C GLY C 108 -41.63 -31.96 22.21
N GLN C 109 -40.82 -32.73 22.94
CA GLN C 109 -41.35 -33.72 23.87
C GLN C 109 -41.53 -33.10 25.24
N GLY C 110 -41.15 -31.83 25.41
CA GLY C 110 -41.19 -31.18 26.71
C GLY C 110 -39.89 -31.39 27.51
N THR C 111 -39.56 -30.46 28.41
CA THR C 111 -38.49 -30.60 29.37
C THR C 111 -39.02 -30.18 30.75
N THR C 112 -38.92 -31.09 31.72
CA THR C 112 -39.34 -30.73 33.07
C THR C 112 -38.30 -29.81 33.69
N VAL C 113 -38.74 -28.68 34.27
CA VAL C 113 -37.80 -27.83 35.00
C VAL C 113 -38.39 -27.55 36.38
N THR C 114 -37.68 -27.97 37.43
CA THR C 114 -38.16 -27.81 38.79
C THR C 114 -37.25 -26.80 39.47
N VAL C 115 -37.84 -25.84 40.20
CA VAL C 115 -37.10 -24.76 40.84
C VAL C 115 -37.46 -24.75 42.33
N SER C 116 -36.51 -25.17 43.16
CA SER C 116 -36.76 -25.29 44.63
C SER C 116 -35.50 -24.97 45.42
N SER C 117 -35.67 -24.48 46.65
CA SER C 117 -34.54 -24.17 47.55
C SER C 117 -34.01 -25.47 48.14
N ALA C 118 -34.69 -26.57 47.84
CA ALA C 118 -34.52 -27.83 48.56
C ALA C 118 -33.35 -28.59 47.97
N SER C 119 -32.84 -29.55 48.73
CA SER C 119 -31.65 -30.30 48.29
C SER C 119 -32.01 -31.79 48.16
N THR C 120 -31.23 -32.52 47.38
CA THR C 120 -31.48 -33.94 47.19
C THR C 120 -31.61 -34.65 48.54
N LYS C 121 -32.65 -35.48 48.66
CA LYS C 121 -32.81 -36.36 49.80
C LYS C 121 -33.55 -37.59 49.30
N GLY C 122 -33.06 -38.77 49.71
CA GLY C 122 -33.73 -40.03 49.44
C GLY C 122 -34.89 -40.22 50.41
N PRO C 123 -35.92 -41.01 50.04
CA PRO C 123 -37.15 -41.12 50.83
C PRO C 123 -36.95 -42.01 52.06
N SER C 124 -37.62 -41.70 53.18
CA SER C 124 -37.75 -42.79 54.14
C SER C 124 -39.14 -43.40 54.00
N VAL C 125 -39.26 -44.72 54.11
CA VAL C 125 -40.40 -45.50 53.66
C VAL C 125 -41.01 -46.23 54.85
N PHE C 126 -42.17 -45.78 55.33
CA PHE C 126 -42.88 -46.41 56.43
C PHE C 126 -44.00 -47.33 55.94
N PRO C 127 -44.42 -48.34 56.74
CA PRO C 127 -45.47 -49.25 56.28
C PRO C 127 -46.86 -48.67 56.54
N LEU C 128 -47.77 -48.90 55.58
CA LEU C 128 -49.19 -48.82 55.87
C LEU C 128 -49.70 -50.24 56.05
N ALA C 129 -49.78 -50.64 57.32
CA ALA C 129 -49.98 -52.03 57.66
C ALA C 129 -51.46 -52.33 57.66
N PRO C 130 -51.89 -53.50 57.14
CA PRO C 130 -53.25 -54.01 57.40
C PRO C 130 -53.38 -54.56 58.82
N SER C 131 -54.58 -54.94 59.23
CA SER C 131 -54.80 -55.57 60.53
C SER C 131 -54.75 -57.11 60.46
N SER C 132 -54.40 -57.74 61.59
CA SER C 132 -54.55 -59.19 61.75
C SER C 132 -56.02 -59.59 61.81
N LYS C 133 -56.83 -58.78 62.50
CA LYS C 133 -58.29 -58.85 62.49
C LYS C 133 -58.76 -57.86 61.42
N SER C 134 -59.23 -58.39 60.28
CA SER C 134 -59.70 -57.59 59.15
C SER C 134 -61.13 -57.11 59.37
N THR C 135 -61.31 -55.78 59.54
CA THR C 135 -62.61 -55.13 59.57
C THR C 135 -63.02 -54.70 58.15
N SER C 136 -62.48 -55.41 57.13
CA SER C 136 -62.57 -55.00 55.74
C SER C 136 -63.24 -56.06 54.88
N GLY C 137 -63.77 -57.13 55.51
CA GLY C 137 -64.44 -58.22 54.82
C GLY C 137 -63.43 -59.24 54.31
N GLY C 138 -63.49 -59.49 53.00
CA GLY C 138 -62.62 -60.42 52.28
C GLY C 138 -61.30 -59.78 51.83
N THR C 139 -61.33 -58.49 51.47
CA THR C 139 -60.13 -57.81 51.01
C THR C 139 -59.55 -56.91 52.12
N ALA C 140 -58.22 -56.82 52.20
CA ALA C 140 -57.54 -55.91 53.10
C ALA C 140 -56.66 -55.00 52.26
N ALA C 141 -56.39 -53.81 52.80
CA ALA C 141 -55.55 -52.88 52.08
C ALA C 141 -54.29 -52.59 52.89
N LEU C 142 -53.17 -52.54 52.18
CA LEU C 142 -51.88 -52.27 52.79
C LEU C 142 -51.04 -51.44 51.82
N GLY C 143 -49.97 -50.81 52.35
CA GLY C 143 -49.12 -50.01 51.49
C GLY C 143 -47.87 -49.47 52.19
N CYS C 144 -47.24 -48.53 51.49
CA CYS C 144 -46.02 -47.87 51.89
C CYS C 144 -46.22 -46.38 51.75
N LEU C 145 -45.87 -45.66 52.83
CA LEU C 145 -45.73 -44.20 52.82
C LEU C 145 -44.28 -43.83 52.48
N VAL C 146 -44.08 -43.22 51.30
CA VAL C 146 -42.77 -42.81 50.82
C VAL C 146 -42.59 -41.32 51.14
N LYS C 147 -41.82 -41.00 52.19
CA LYS C 147 -42.03 -39.75 52.93
C LYS C 147 -41.13 -38.54 52.62
N ASP C 148 -39.82 -38.58 52.64
CA ASP C 148 -39.41 -37.18 52.53
C ASP C 148 -38.34 -37.04 51.47
N TYR C 149 -38.71 -36.94 50.19
CA TYR C 149 -37.70 -37.05 49.15
C TYR C 149 -37.69 -35.81 48.27
N PHE C 150 -36.61 -35.67 47.46
CA PHE C 150 -36.42 -34.59 46.50
C PHE C 150 -35.20 -34.92 45.65
N PRO C 151 -35.18 -34.64 44.33
CA PRO C 151 -36.33 -34.17 43.58
C PRO C 151 -37.19 -35.37 43.16
N GLU C 152 -38.04 -35.21 42.13
CA GLU C 152 -39.34 -35.82 42.28
C GLU C 152 -39.57 -37.23 41.74
N PRO C 153 -38.75 -37.83 40.87
CA PRO C 153 -39.12 -39.19 40.43
C PRO C 153 -38.79 -40.30 41.45
N VAL C 154 -39.82 -40.85 42.09
CA VAL C 154 -39.69 -42.14 42.78
C VAL C 154 -40.51 -43.18 42.02
N THR C 155 -40.08 -44.46 42.07
CA THR C 155 -40.80 -45.54 41.45
C THR C 155 -41.19 -46.55 42.52
N VAL C 156 -42.47 -46.97 42.52
CA VAL C 156 -42.83 -48.01 43.46
C VAL C 156 -43.28 -49.25 42.70
N SER C 157 -42.93 -50.42 43.21
CA SER C 157 -43.45 -51.66 42.69
C SER C 157 -43.71 -52.57 43.87
N TRP C 158 -44.48 -53.65 43.69
CA TRP C 158 -44.73 -54.54 44.80
C TRP C 158 -44.24 -55.95 44.47
N ASN C 159 -43.59 -56.60 45.45
CA ASN C 159 -43.11 -57.96 45.29
C ASN C 159 -42.40 -58.05 43.95
N SER C 160 -41.58 -57.03 43.63
CA SER C 160 -40.63 -57.03 42.54
C SER C 160 -41.35 -57.18 41.21
N GLY C 161 -42.57 -56.61 41.14
CA GLY C 161 -43.33 -56.57 39.91
C GLY C 161 -44.31 -57.73 39.76
N ALA C 162 -44.24 -58.71 40.67
CA ALA C 162 -45.15 -59.85 40.65
C ALA C 162 -46.57 -59.40 41.00
N LEU C 163 -46.67 -58.45 41.96
CA LEU C 163 -47.95 -57.94 42.43
C LEU C 163 -48.22 -56.61 41.75
N THR C 164 -49.20 -56.63 40.85
CA THR C 164 -49.39 -55.57 39.88
C THR C 164 -50.81 -55.00 39.99
N SER C 165 -51.80 -55.88 40.06
CA SER C 165 -53.19 -55.46 40.10
C SER C 165 -53.65 -55.22 41.54
N GLY C 166 -54.54 -54.25 41.68
CA GLY C 166 -55.06 -53.85 42.97
C GLY C 166 -54.25 -52.68 43.50
N VAL C 167 -53.25 -52.22 42.74
CA VAL C 167 -52.27 -51.26 43.18
C VAL C 167 -52.69 -49.87 42.72
N HIS C 168 -52.51 -48.90 43.60
CA HIS C 168 -52.62 -47.50 43.21
C HIS C 168 -51.45 -46.75 43.85
N THR C 169 -50.63 -46.16 42.98
CA THR C 169 -49.57 -45.28 43.40
C THR C 169 -50.04 -43.85 43.13
N PHE C 170 -50.20 -43.09 44.20
CA PHE C 170 -50.70 -41.73 44.08
C PHE C 170 -49.61 -40.83 43.54
N PRO C 171 -49.99 -39.74 42.81
CA PRO C 171 -49.08 -38.61 42.58
C PRO C 171 -48.47 -38.08 43.86
N ALA C 172 -47.17 -37.77 43.77
CA ALA C 172 -46.43 -37.13 44.85
C ALA C 172 -47.10 -35.79 45.15
N VAL C 173 -46.97 -35.38 46.40
CA VAL C 173 -47.51 -34.12 46.86
C VAL C 173 -46.37 -33.35 47.55
N LEU C 174 -46.20 -32.06 47.20
CA LEU C 174 -45.13 -31.23 47.73
C LEU C 174 -45.53 -30.67 49.09
N GLN C 175 -44.80 -31.03 50.16
CA GLN C 175 -45.00 -30.54 51.52
C GLN C 175 -44.39 -29.14 51.67
N SER C 176 -44.68 -28.45 52.79
CA SER C 176 -44.17 -27.09 52.91
C SER C 176 -42.70 -27.11 53.33
N SER C 177 -42.17 -28.31 53.59
CA SER C 177 -40.74 -28.52 53.77
C SER C 177 -40.00 -28.45 52.43
N GLY C 178 -40.71 -28.47 51.30
CA GLY C 178 -40.09 -28.54 49.98
C GLY C 178 -39.71 -29.97 49.58
N LEU C 179 -40.04 -30.96 50.43
CA LEU C 179 -39.83 -32.37 50.15
C LEU C 179 -41.14 -33.01 49.69
N TYR C 180 -41.05 -33.88 48.70
CA TYR C 180 -42.23 -34.61 48.23
C TYR C 180 -42.52 -35.81 49.13
N SER C 181 -43.72 -36.37 48.95
CA SER C 181 -44.25 -37.44 49.78
C SER C 181 -45.35 -38.10 48.99
N LEU C 182 -45.50 -39.43 49.12
CA LEU C 182 -46.30 -40.16 48.15
C LEU C 182 -46.67 -41.50 48.76
N SER C 183 -47.90 -41.98 48.53
CA SER C 183 -48.26 -43.30 49.01
C SER C 183 -48.53 -44.26 47.87
N SER C 184 -48.15 -45.51 48.08
CA SER C 184 -48.58 -46.56 47.20
C SER C 184 -49.34 -47.60 48.02
N VAL C 185 -50.56 -47.92 47.57
CA VAL C 185 -51.40 -48.86 48.31
C VAL C 185 -51.85 -49.97 47.39
N VAL C 186 -52.16 -51.12 48.01
CA VAL C 186 -52.64 -52.27 47.29
C VAL C 186 -53.70 -52.93 48.15
N THR C 187 -54.75 -53.48 47.51
CA THR C 187 -55.73 -54.35 48.14
C THR C 187 -55.42 -55.78 47.75
N VAL C 188 -55.56 -56.70 48.72
CA VAL C 188 -55.23 -58.11 48.54
C VAL C 188 -56.19 -58.99 49.37
N PRO C 189 -56.40 -60.28 49.05
CA PRO C 189 -57.13 -61.16 49.98
C PRO C 189 -56.62 -61.07 51.41
N SER C 190 -57.54 -60.94 52.39
CA SER C 190 -57.15 -60.88 53.79
C SER C 190 -56.70 -62.25 54.30
N SER C 191 -57.09 -63.32 53.60
CA SER C 191 -56.62 -64.68 53.86
C SER C 191 -55.13 -64.84 53.55
N SER C 192 -54.64 -64.13 52.53
CA SER C 192 -53.24 -64.19 52.16
C SER C 192 -52.29 -63.56 53.19
N LEU C 193 -52.77 -62.71 54.12
CA LEU C 193 -51.91 -61.93 54.99
C LEU C 193 -50.89 -62.72 55.82
N GLY C 194 -51.21 -63.90 56.36
CA GLY C 194 -50.21 -64.60 57.13
C GLY C 194 -49.42 -65.62 56.30
N THR C 195 -49.63 -65.65 54.99
CA THR C 195 -49.00 -66.60 54.07
C THR C 195 -48.10 -65.82 53.10
N GLN C 196 -48.75 -65.09 52.21
CA GLN C 196 -48.11 -64.26 51.20
C GLN C 196 -47.53 -63.01 51.86
N THR C 197 -46.26 -62.70 51.57
CA THR C 197 -45.61 -61.58 52.25
C THR C 197 -45.56 -60.42 51.27
N TYR C 198 -45.65 -59.19 51.79
CA TYR C 198 -45.82 -57.99 50.98
C TYR C 198 -44.65 -57.01 51.14
N ILE C 199 -43.96 -56.74 50.03
CA ILE C 199 -42.74 -55.94 50.02
C ILE C 199 -42.90 -54.87 48.95
N CYS C 200 -42.67 -53.61 49.32
CA CYS C 200 -42.70 -52.55 48.32
C CYS C 200 -41.28 -52.13 47.94
N ASN C 201 -41.04 -51.88 46.64
CA ASN C 201 -39.75 -51.56 46.10
C ASN C 201 -39.72 -50.10 45.62
N VAL C 202 -39.24 -49.21 46.50
CA VAL C 202 -39.14 -47.79 46.20
C VAL C 202 -37.77 -47.53 45.60
N ASN C 203 -37.72 -46.96 44.40
CA ASN C 203 -36.42 -46.57 43.86
C ASN C 203 -36.40 -45.06 43.67
N HIS C 204 -35.33 -44.41 44.14
CA HIS C 204 -35.13 -42.97 43.97
C HIS C 204 -33.78 -42.67 43.33
N LYS C 205 -33.73 -42.74 41.97
CA LYS C 205 -32.52 -42.62 41.18
C LYS C 205 -31.76 -41.33 41.51
N PRO C 206 -32.43 -40.16 41.59
CA PRO C 206 -31.73 -38.92 41.90
C PRO C 206 -30.83 -38.96 43.12
N SER C 207 -31.02 -39.93 44.03
CA SER C 207 -30.21 -39.99 45.24
C SER C 207 -29.56 -41.36 45.42
N ASN C 208 -29.69 -42.21 44.39
CA ASN C 208 -29.22 -43.59 44.39
C ASN C 208 -29.65 -44.32 45.66
N THR C 209 -30.91 -44.15 46.09
CA THR C 209 -31.42 -44.97 47.17
C THR C 209 -32.52 -45.87 46.64
N LYS C 210 -32.47 -47.15 46.96
CA LYS C 210 -33.53 -48.11 46.72
C LYS C 210 -33.92 -48.64 48.10
N VAL C 211 -35.20 -48.53 48.45
CA VAL C 211 -35.69 -49.08 49.72
C VAL C 211 -36.63 -50.25 49.40
N ASP C 212 -36.47 -51.37 50.14
CA ASP C 212 -37.38 -52.52 50.07
C ASP C 212 -37.97 -52.76 51.45
N LYS C 213 -39.25 -52.44 51.67
CA LYS C 213 -39.93 -52.64 52.95
C LYS C 213 -40.92 -53.81 52.89
N LYS C 214 -40.84 -54.68 53.89
CA LYS C 214 -41.84 -55.70 54.13
C LYS C 214 -42.93 -55.06 54.97
N VAL C 215 -44.16 -55.12 54.48
CA VAL C 215 -45.30 -54.64 55.24
C VAL C 215 -45.98 -55.84 55.89
N GLU C 216 -46.05 -55.82 57.22
CA GLU C 216 -46.43 -56.99 57.99
C GLU C 216 -47.75 -56.73 58.70
N PRO C 217 -48.67 -57.72 58.71
CA PRO C 217 -49.89 -57.63 59.51
C PRO C 217 -49.62 -57.13 60.92
N LYS C 218 -50.60 -56.44 61.52
CA LYS C 218 -50.45 -55.66 62.73
C LYS C 218 -51.73 -55.80 63.57
N ASP D 1 -52.76 -7.12 25.94
CA ASP D 1 -52.73 -8.60 25.57
C ASP D 1 -53.98 -9.33 26.04
N ILE D 2 -54.39 -10.32 25.23
CA ILE D 2 -55.75 -10.83 25.20
C ILE D 2 -55.92 -11.95 26.22
N GLN D 3 -57.01 -11.90 27.01
CA GLN D 3 -57.28 -12.94 27.99
C GLN D 3 -58.29 -13.93 27.42
N MET D 4 -58.04 -15.24 27.60
CA MET D 4 -58.94 -16.27 27.13
C MET D 4 -59.70 -16.88 28.31
N THR D 5 -61.04 -16.94 28.24
CA THR D 5 -61.80 -17.63 29.27
C THR D 5 -62.47 -18.87 28.68
N GLN D 6 -62.00 -20.03 29.14
CA GLN D 6 -62.61 -21.29 28.79
C GLN D 6 -63.71 -21.61 29.80
N SER D 7 -64.63 -22.49 29.38
CA SER D 7 -65.87 -22.66 30.12
C SER D 7 -66.56 -23.94 29.67
N PRO D 8 -66.90 -24.86 30.60
CA PRO D 8 -66.52 -24.73 32.02
C PRO D 8 -65.14 -25.30 32.26
N SER D 9 -64.66 -25.28 33.52
CA SER D 9 -63.42 -25.91 33.91
C SER D 9 -63.45 -27.41 33.67
N SER D 10 -64.58 -28.05 34.00
CA SER D 10 -64.68 -29.51 34.00
C SER D 10 -66.05 -29.94 33.51
N LEU D 11 -66.11 -31.11 32.88
CA LEU D 11 -67.35 -31.60 32.32
C LEU D 11 -67.33 -33.12 32.41
N SER D 12 -68.51 -33.72 32.75
CA SER D 12 -68.59 -35.16 32.90
C SER D 12 -69.61 -35.74 31.94
N ALA D 13 -69.14 -36.45 30.91
CA ALA D 13 -70.03 -36.93 29.86
C ALA D 13 -69.84 -38.43 29.63
N SER D 14 -70.85 -39.02 29.01
CA SER D 14 -70.83 -40.42 28.61
C SER D 14 -70.51 -40.51 27.13
N VAL D 15 -70.10 -41.70 26.73
CA VAL D 15 -69.85 -41.91 25.32
C VAL D 15 -71.16 -41.74 24.58
N GLY D 16 -71.17 -40.90 23.54
CA GLY D 16 -72.36 -40.67 22.73
C GLY D 16 -72.98 -39.27 22.96
N ASP D 17 -72.57 -38.59 24.04
CA ASP D 17 -73.11 -37.28 24.39
C ASP D 17 -72.55 -36.19 23.47
N ARG D 18 -73.33 -35.12 23.34
CA ARG D 18 -72.93 -33.87 22.69
C ARG D 18 -72.18 -33.04 23.70
N VAL D 19 -71.02 -32.48 23.33
CA VAL D 19 -70.29 -31.63 24.26
C VAL D 19 -69.95 -30.30 23.59
N THR D 20 -70.00 -29.23 24.39
CA THR D 20 -69.81 -27.86 23.96
C THR D 20 -68.90 -27.17 24.97
N ILE D 21 -67.71 -26.76 24.52
CA ILE D 21 -66.79 -25.97 25.30
C ILE D 21 -66.78 -24.57 24.71
N THR D 22 -66.61 -23.55 25.56
CA THR D 22 -66.59 -22.16 25.15
C THR D 22 -65.24 -21.54 25.45
N CYS D 23 -64.81 -20.62 24.57
CA CYS D 23 -63.65 -19.79 24.78
C CYS D 23 -64.06 -18.38 24.40
N ARG D 24 -64.07 -17.48 25.40
CA ARG D 24 -64.39 -16.07 25.23
C ARG D 24 -63.12 -15.26 25.41
N THR D 25 -62.81 -14.36 24.47
CA THR D 25 -61.59 -13.57 24.54
C THR D 25 -61.90 -12.14 24.96
N SER D 26 -60.90 -11.40 25.45
CA SER D 26 -61.14 -10.06 25.98
C SER D 26 -60.97 -9.02 24.89
N GLY D 27 -60.79 -9.45 23.65
CA GLY D 27 -60.62 -8.55 22.51
C GLY D 27 -60.63 -9.33 21.21
N ASN D 28 -61.04 -8.68 20.12
CA ASN D 28 -61.24 -9.36 18.85
C ASN D 28 -59.93 -10.03 18.44
N ILE D 29 -60.00 -11.30 18.02
CA ILE D 29 -58.83 -12.04 17.59
C ILE D 29 -59.03 -12.58 16.17
N TYR D 30 -60.01 -12.03 15.46
CA TYR D 30 -60.10 -12.08 14.01
C TYR D 30 -59.98 -13.51 13.47
N ASN D 31 -60.58 -14.45 14.21
CA ASN D 31 -60.76 -15.84 13.83
C ASN D 31 -59.48 -16.63 14.00
N TYR D 32 -58.44 -16.01 14.57
CA TYR D 32 -57.17 -16.69 14.77
C TYR D 32 -57.25 -17.51 16.03
N LEU D 33 -58.17 -18.49 16.04
CA LEU D 33 -58.34 -19.29 17.25
C LEU D 33 -58.09 -20.77 16.97
N ALA D 34 -57.38 -21.41 17.90
CA ALA D 34 -57.06 -22.83 17.80
C ALA D 34 -57.61 -23.58 19.01
N TRP D 35 -57.96 -24.86 18.80
CA TRP D 35 -58.39 -25.75 19.87
C TRP D 35 -57.43 -26.93 19.92
N TYR D 36 -56.99 -27.26 21.14
CA TYR D 36 -56.05 -28.33 21.41
C TYR D 36 -56.72 -29.36 22.31
N GLN D 37 -56.34 -30.63 22.11
CA GLN D 37 -56.66 -31.67 23.06
C GLN D 37 -55.36 -32.21 23.63
N GLN D 38 -55.24 -32.21 24.95
CA GLN D 38 -54.03 -32.69 25.60
C GLN D 38 -54.37 -33.92 26.43
N LYS D 39 -53.75 -35.05 26.05
CA LYS D 39 -53.90 -36.26 26.85
C LYS D 39 -52.85 -36.19 27.96
N PRO D 40 -53.14 -36.64 29.21
CA PRO D 40 -52.25 -36.48 30.36
C PRO D 40 -50.80 -36.87 30.06
N GLY D 41 -49.87 -35.99 30.46
CA GLY D 41 -48.45 -36.21 30.28
C GLY D 41 -47.90 -36.06 28.85
N LYS D 42 -48.66 -35.64 27.83
CA LYS D 42 -48.08 -35.46 26.50
C LYS D 42 -48.28 -34.02 25.99
N ALA D 43 -47.73 -33.71 24.82
CA ALA D 43 -47.78 -32.35 24.29
C ALA D 43 -49.15 -32.12 23.68
N PRO D 44 -49.71 -30.87 23.71
CA PRO D 44 -51.04 -30.61 23.15
C PRO D 44 -51.15 -31.00 21.67
N LYS D 45 -52.27 -31.61 21.25
CA LYS D 45 -52.55 -31.97 19.87
C LYS D 45 -53.57 -30.98 19.30
N LEU D 46 -53.33 -30.53 18.07
CA LEU D 46 -54.22 -29.53 17.52
C LEU D 46 -55.41 -30.18 16.81
N LEU D 47 -56.62 -29.62 17.01
CA LEU D 47 -57.84 -30.15 16.41
C LEU D 47 -58.40 -29.19 15.38
N ILE D 48 -58.58 -27.93 15.79
CA ILE D 48 -59.23 -26.88 15.00
C ILE D 48 -58.33 -25.65 15.02
N TYR D 49 -58.09 -25.06 13.84
CA TYR D 49 -57.35 -23.81 13.67
C TYR D 49 -58.21 -22.86 12.88
N ASN D 50 -57.92 -21.55 13.02
CA ASN D 50 -58.70 -20.50 12.39
C ASN D 50 -60.17 -20.71 12.70
N ALA D 51 -60.46 -21.05 13.94
CA ALA D 51 -61.80 -21.06 14.50
C ALA D 51 -62.64 -22.26 14.06
N LYS D 52 -62.53 -22.65 12.77
CA LYS D 52 -63.48 -23.60 12.19
C LYS D 52 -62.80 -24.64 11.30
N THR D 53 -61.54 -24.42 10.89
CA THR D 53 -60.87 -25.35 9.99
C THR D 53 -60.28 -26.51 10.77
N LEU D 54 -60.57 -27.72 10.30
CA LEU D 54 -60.19 -28.93 11.01
C LEU D 54 -58.80 -29.36 10.57
N ALA D 55 -57.93 -29.69 11.52
CA ALA D 55 -56.59 -30.20 11.27
C ALA D 55 -56.64 -31.60 10.65
N ASP D 56 -55.52 -32.05 10.08
CA ASP D 56 -55.46 -33.30 9.34
C ASP D 56 -55.82 -34.48 10.23
N ALA D 57 -56.61 -35.44 9.69
CA ALA D 57 -56.94 -36.70 10.35
C ALA D 57 -57.68 -36.49 11.67
N VAL D 58 -58.28 -35.33 11.88
CA VAL D 58 -59.15 -35.11 13.03
C VAL D 58 -60.56 -35.57 12.67
N PRO D 59 -61.20 -36.48 13.44
CA PRO D 59 -62.54 -36.97 13.11
C PRO D 59 -63.58 -35.85 13.02
N SER D 60 -64.62 -36.10 12.24
CA SER D 60 -65.59 -35.07 11.90
C SER D 60 -66.53 -34.78 13.08
N ARG D 61 -66.43 -35.56 14.15
CA ARG D 61 -67.29 -35.26 15.29
C ARG D 61 -66.85 -33.93 15.89
N PHE D 62 -65.61 -33.54 15.58
CA PHE D 62 -65.04 -32.30 16.05
C PHE D 62 -65.44 -31.17 15.11
N SER D 63 -66.01 -30.11 15.69
CA SER D 63 -66.29 -28.92 14.91
C SER D 63 -66.08 -27.67 15.77
N GLY D 64 -65.52 -26.62 15.19
CA GLY D 64 -65.45 -25.38 15.94
C GLY D 64 -66.19 -24.27 15.22
N SER D 65 -66.91 -23.45 15.99
CA SER D 65 -67.55 -22.27 15.46
C SER D 65 -67.23 -21.05 16.33
N GLY D 66 -67.96 -19.96 16.04
CA GLY D 66 -67.77 -18.68 16.71
C GLY D 66 -67.10 -17.69 15.76
N SER D 67 -67.00 -16.44 16.22
CA SER D 67 -66.30 -15.37 15.53
C SER D 67 -66.10 -14.22 16.50
N GLY D 68 -65.21 -13.28 16.19
CA GLY D 68 -65.04 -12.12 17.07
C GLY D 68 -64.37 -12.44 18.41
N THR D 69 -65.20 -12.56 19.46
CA THR D 69 -64.76 -12.64 20.84
C THR D 69 -65.29 -13.93 21.50
N ASP D 70 -66.16 -14.64 20.77
CA ASP D 70 -66.85 -15.81 21.30
C ASP D 70 -66.71 -16.98 20.33
N TYR D 71 -66.12 -18.08 20.82
CA TYR D 71 -65.80 -19.27 20.04
C TYR D 71 -66.24 -20.54 20.76
N THR D 72 -66.59 -21.58 19.98
CA THR D 72 -67.18 -22.81 20.52
C THR D 72 -66.61 -24.05 19.85
N LEU D 73 -66.09 -24.98 20.67
CA LEU D 73 -65.76 -26.33 20.24
C LEU D 73 -66.95 -27.26 20.53
N THR D 74 -67.34 -28.06 19.52
CA THR D 74 -68.42 -29.01 19.64
C THR D 74 -67.89 -30.41 19.34
N ILE D 75 -68.22 -31.34 20.23
CA ILE D 75 -68.02 -32.74 19.90
C ILE D 75 -69.41 -33.34 19.80
N SER D 76 -69.81 -33.75 18.58
CA SER D 76 -71.19 -34.10 18.28
C SER D 76 -71.58 -35.33 19.08
N SER D 77 -70.68 -36.31 19.12
CA SER D 77 -70.85 -37.57 19.82
C SER D 77 -69.49 -37.99 20.39
N LEU D 78 -69.29 -37.70 21.68
CA LEU D 78 -68.07 -38.03 22.41
C LEU D 78 -67.75 -39.52 22.28
N GLN D 79 -66.50 -39.84 21.92
CA GLN D 79 -65.99 -41.20 21.80
C GLN D 79 -64.98 -41.52 22.90
N PRO D 80 -64.63 -42.80 23.17
CA PRO D 80 -63.75 -43.13 24.29
C PRO D 80 -62.43 -42.35 24.32
N GLU D 81 -61.85 -42.12 23.14
CA GLU D 81 -60.53 -41.53 23.03
C GLU D 81 -60.59 -40.00 23.12
N ASP D 82 -61.76 -39.45 23.47
CA ASP D 82 -61.96 -38.01 23.48
C ASP D 82 -61.90 -37.47 24.90
N PHE D 83 -61.68 -38.36 25.86
CA PHE D 83 -61.62 -37.88 27.23
C PHE D 83 -60.23 -37.34 27.45
N ALA D 84 -60.15 -36.07 27.87
CA ALA D 84 -58.91 -35.30 27.75
C ALA D 84 -59.14 -33.89 28.30
N THR D 85 -58.05 -33.10 28.29
CA THR D 85 -58.18 -31.69 28.59
C THR D 85 -58.12 -30.91 27.28
N TYR D 86 -59.01 -29.93 27.14
CA TYR D 86 -59.08 -29.11 25.93
C TYR D 86 -58.65 -27.68 26.23
N TYR D 87 -57.95 -27.06 25.29
CA TYR D 87 -57.43 -25.71 25.45
C TYR D 87 -57.69 -24.89 24.19
N CYS D 88 -57.92 -23.59 24.37
CA CYS D 88 -57.92 -22.70 23.23
C CYS D 88 -56.72 -21.77 23.29
N GLN D 89 -56.27 -21.29 22.13
CA GLN D 89 -55.12 -20.40 22.07
C GLN D 89 -55.42 -19.41 20.95
N HIS D 90 -54.96 -18.15 21.08
CA HIS D 90 -55.08 -17.28 19.91
C HIS D 90 -53.74 -17.21 19.15
N PHE D 91 -53.83 -16.86 17.87
CA PHE D 91 -52.68 -16.74 16.99
C PHE D 91 -52.75 -15.37 16.34
N TRP D 92 -53.12 -14.36 17.14
CA TRP D 92 -53.20 -13.00 16.63
C TRP D 92 -52.03 -12.16 17.14
N SER D 93 -52.29 -11.13 17.97
CA SER D 93 -51.36 -10.19 18.61
C SER D 93 -50.31 -10.91 19.42
N ILE D 94 -49.10 -10.40 19.52
CA ILE D 94 -48.16 -10.85 20.54
C ILE D 94 -48.63 -10.29 21.88
N PRO D 95 -48.45 -10.99 23.03
CA PRO D 95 -48.16 -12.41 23.08
C PRO D 95 -49.41 -13.27 22.88
N TRP D 96 -49.25 -14.37 22.16
CA TRP D 96 -50.26 -15.41 22.11
C TRP D 96 -50.56 -15.94 23.51
N THR D 97 -51.85 -16.19 23.78
CA THR D 97 -52.26 -16.65 25.10
C THR D 97 -53.21 -17.83 24.97
N PHE D 98 -53.29 -18.66 26.03
CA PHE D 98 -54.12 -19.86 26.07
C PHE D 98 -55.23 -19.76 27.13
N GLY D 99 -56.23 -20.63 27.03
CA GLY D 99 -57.28 -20.68 28.02
C GLY D 99 -56.92 -21.56 29.20
N GLY D 100 -57.78 -21.58 30.21
CA GLY D 100 -57.51 -22.27 31.45
C GLY D 100 -57.63 -23.79 31.26
N GLY D 101 -58.33 -24.22 30.21
CA GLY D 101 -58.56 -25.63 29.95
C GLY D 101 -59.93 -26.15 30.41
N THR D 102 -60.52 -27.10 29.66
CA THR D 102 -61.71 -27.83 30.05
C THR D 102 -61.35 -29.32 30.09
N LYS D 103 -61.46 -29.92 31.27
CA LYS D 103 -61.15 -31.33 31.45
C LYS D 103 -62.42 -32.14 31.30
N VAL D 104 -62.42 -33.12 30.38
CA VAL D 104 -63.61 -33.85 30.03
C VAL D 104 -63.43 -35.27 30.54
N GLU D 105 -64.25 -35.66 31.52
CA GLU D 105 -64.14 -36.91 32.24
C GLU D 105 -65.32 -37.84 31.86
N ILE D 106 -65.21 -39.16 32.16
CA ILE D 106 -66.23 -40.15 31.84
C ILE D 106 -67.30 -40.18 32.93
N LYS D 107 -68.56 -40.04 32.52
CA LYS D 107 -69.64 -40.05 33.50
C LYS D 107 -70.04 -41.51 33.71
N ARG D 108 -70.41 -41.79 34.95
CA ARG D 108 -70.50 -43.16 35.44
C ARG D 108 -71.45 -43.10 36.63
N THR D 109 -71.99 -44.26 37.03
CA THR D 109 -72.86 -44.34 38.19
C THR D 109 -72.10 -44.03 39.47
N VAL D 110 -72.83 -43.60 40.50
CA VAL D 110 -72.27 -43.29 41.79
C VAL D 110 -71.69 -44.59 42.35
N ALA D 111 -70.54 -44.47 43.02
CA ALA D 111 -69.89 -45.59 43.72
C ALA D 111 -69.28 -45.06 45.01
N ALA D 112 -69.85 -45.43 46.16
CA ALA D 112 -69.32 -45.00 47.45
C ALA D 112 -67.88 -45.50 47.53
N PRO D 113 -66.96 -44.76 48.20
CA PRO D 113 -65.63 -45.27 48.45
C PRO D 113 -65.57 -46.42 49.46
N SER D 114 -64.55 -47.26 49.27
CA SER D 114 -64.09 -48.17 50.31
C SER D 114 -63.05 -47.44 51.12
N VAL D 115 -63.24 -47.34 52.45
CA VAL D 115 -62.44 -46.42 53.23
C VAL D 115 -61.59 -47.19 54.22
N PHE D 116 -60.28 -46.94 54.20
CA PHE D 116 -59.36 -47.53 55.14
C PHE D 116 -58.60 -46.42 55.84
N ILE D 117 -58.30 -46.65 57.13
CA ILE D 117 -57.52 -45.70 57.90
C ILE D 117 -56.31 -46.42 58.49
N PHE D 118 -55.15 -45.77 58.41
CA PHE D 118 -53.91 -46.32 58.92
C PHE D 118 -53.33 -45.39 59.98
N PRO D 119 -52.98 -45.86 61.19
CA PRO D 119 -52.31 -45.01 62.15
C PRO D 119 -50.86 -44.86 61.69
N PRO D 120 -50.06 -43.94 62.27
CA PRO D 120 -48.63 -43.84 61.93
C PRO D 120 -47.95 -45.08 62.53
N SER D 121 -46.95 -45.61 61.80
CA SER D 121 -46.12 -46.72 62.23
C SER D 121 -45.31 -46.33 63.48
N ASP D 122 -44.98 -47.31 64.33
CA ASP D 122 -44.18 -46.99 65.50
C ASP D 122 -42.80 -46.50 65.06
N GLU D 123 -42.37 -46.96 63.87
CA GLU D 123 -41.13 -46.54 63.24
C GLU D 123 -41.12 -45.02 63.07
N GLN D 124 -42.14 -44.50 62.38
CA GLN D 124 -42.18 -43.08 62.08
C GLN D 124 -42.29 -42.29 63.37
N LEU D 125 -43.01 -42.85 64.34
CA LEU D 125 -43.25 -42.19 65.61
C LEU D 125 -41.95 -41.96 66.36
N LYS D 126 -41.03 -42.93 66.29
CA LYS D 126 -39.68 -42.81 66.82
C LYS D 126 -39.02 -41.49 66.40
N SER D 127 -39.18 -41.09 65.14
CA SER D 127 -38.54 -39.89 64.61
C SER D 127 -39.33 -38.61 64.93
N GLY D 128 -40.46 -38.73 65.66
CA GLY D 128 -41.13 -37.58 66.26
C GLY D 128 -42.13 -36.81 65.38
N THR D 129 -42.58 -37.41 64.27
CA THR D 129 -43.71 -36.93 63.49
C THR D 129 -44.63 -38.12 63.14
N ALA D 130 -45.91 -37.83 62.91
CA ALA D 130 -46.91 -38.89 62.85
C ALA D 130 -47.80 -38.68 61.64
N SER D 131 -47.72 -39.59 60.68
CA SER D 131 -48.51 -39.46 59.47
C SER D 131 -49.75 -40.37 59.55
N VAL D 132 -50.95 -39.76 59.60
CA VAL D 132 -52.15 -40.60 59.58
C VAL D 132 -52.69 -40.65 58.14
N VAL D 133 -52.95 -41.84 57.62
CA VAL D 133 -53.35 -41.92 56.23
C VAL D 133 -54.78 -42.42 56.14
N CYS D 134 -55.55 -41.80 55.23
CA CYS D 134 -56.90 -42.21 54.92
C CYS D 134 -56.98 -42.48 53.44
N LEU D 135 -57.46 -43.67 53.06
CA LEU D 135 -57.55 -44.07 51.66
C LEU D 135 -59.02 -44.21 51.24
N LEU D 136 -59.39 -43.52 50.15
CA LEU D 136 -60.66 -43.71 49.48
C LEU D 136 -60.41 -44.55 48.22
N ASN D 137 -60.96 -45.73 48.22
CA ASN D 137 -60.69 -46.64 47.14
C ASN D 137 -61.91 -46.79 46.24
N ASN D 138 -61.72 -46.60 44.93
CA ASN D 138 -62.68 -46.93 43.86
C ASN D 138 -64.05 -46.26 44.07
N PHE D 139 -64.09 -44.93 43.95
CA PHE D 139 -65.29 -44.13 44.21
C PHE D 139 -65.64 -43.32 42.96
N TYR D 140 -66.91 -42.85 42.93
CA TYR D 140 -67.40 -41.92 41.93
C TYR D 140 -68.55 -41.13 42.55
N PRO D 141 -68.68 -39.80 42.27
CA PRO D 141 -67.79 -39.08 41.36
C PRO D 141 -66.52 -38.54 41.98
N ARG D 142 -65.79 -37.71 41.22
CA ARG D 142 -64.48 -37.22 41.62
C ARG D 142 -64.55 -36.44 42.93
N GLU D 143 -65.62 -35.66 43.06
CA GLU D 143 -65.73 -34.62 44.06
C GLU D 143 -66.04 -35.32 45.37
N ALA D 144 -65.18 -35.06 46.35
CA ALA D 144 -65.34 -35.57 47.70
C ALA D 144 -64.62 -34.65 48.69
N LYS D 145 -65.35 -34.12 49.68
CA LYS D 145 -64.71 -33.43 50.79
C LYS D 145 -64.24 -34.48 51.81
N VAL D 146 -62.91 -34.60 52.00
CA VAL D 146 -62.34 -35.48 53.02
C VAL D 146 -61.89 -34.65 54.21
N GLN D 147 -62.51 -34.81 55.38
CA GLN D 147 -62.13 -34.02 56.53
C GLN D 147 -61.65 -34.93 57.65
N TRP D 148 -60.76 -34.40 58.49
CA TRP D 148 -60.19 -35.13 59.60
C TRP D 148 -60.79 -34.59 60.89
N LYS D 149 -61.25 -35.51 61.75
CA LYS D 149 -61.75 -35.12 63.05
C LYS D 149 -60.95 -35.90 64.08
N VAL D 150 -60.26 -35.17 64.99
CA VAL D 150 -59.53 -35.87 66.03
C VAL D 150 -60.09 -35.45 67.39
N ASP D 151 -60.64 -36.43 68.10
CA ASP D 151 -61.50 -36.23 69.26
C ASP D 151 -62.54 -35.17 68.91
N ASN D 152 -63.09 -35.31 67.69
CA ASN D 152 -64.32 -34.63 67.30
C ASN D 152 -64.08 -33.16 66.93
N ALA D 153 -62.80 -32.76 66.91
CA ALA D 153 -62.40 -31.42 66.51
C ALA D 153 -61.99 -31.49 65.04
N LEU D 154 -62.52 -30.56 64.25
CA LEU D 154 -62.30 -30.65 62.81
C LEU D 154 -60.94 -30.03 62.49
N GLN D 155 -60.01 -30.87 62.04
CA GLN D 155 -58.65 -30.51 61.68
C GLN D 155 -58.69 -29.65 60.42
N SER D 156 -57.67 -28.83 60.27
CA SER D 156 -57.59 -27.89 59.16
C SER D 156 -56.12 -27.65 58.77
N GLY D 157 -55.84 -27.73 57.48
CA GLY D 157 -54.65 -27.11 56.90
C GLY D 157 -53.40 -27.97 57.01
N ASN D 158 -53.50 -29.12 57.71
CA ASN D 158 -52.34 -29.98 57.91
C ASN D 158 -52.62 -31.37 57.36
N SER D 159 -53.54 -31.42 56.40
CA SER D 159 -53.74 -32.59 55.57
C SER D 159 -53.43 -32.23 54.14
N GLN D 160 -52.99 -33.23 53.35
CA GLN D 160 -52.84 -33.12 51.91
C GLN D 160 -53.40 -34.35 51.24
N GLU D 161 -54.02 -34.17 50.07
CA GLU D 161 -54.66 -35.27 49.35
C GLU D 161 -54.05 -35.44 47.98
N SER D 162 -54.20 -36.63 47.40
CA SER D 162 -53.71 -36.89 46.07
C SER D 162 -54.69 -37.88 45.42
N VAL D 163 -55.01 -37.69 44.14
CA VAL D 163 -56.04 -38.50 43.52
C VAL D 163 -55.46 -39.25 42.30
N THR D 164 -56.02 -40.43 41.98
CA THR D 164 -55.57 -41.08 40.76
C THR D 164 -56.27 -40.45 39.55
N GLU D 165 -55.87 -40.89 38.36
CA GLU D 165 -56.61 -40.62 37.15
C GLU D 165 -57.84 -41.50 37.17
N GLN D 166 -58.87 -41.09 36.41
CA GLN D 166 -60.03 -41.95 36.21
C GLN D 166 -59.56 -43.31 35.73
N ASP D 167 -59.93 -44.38 36.44
CA ASP D 167 -59.38 -45.71 36.22
C ASP D 167 -59.68 -46.18 34.80
N SER D 168 -58.68 -46.85 34.24
CA SER D 168 -58.79 -47.22 32.83
C SER D 168 -59.72 -48.40 32.63
N LYS D 169 -60.14 -49.09 33.70
CA LYS D 169 -61.21 -50.08 33.54
C LYS D 169 -62.59 -49.58 34.00
N ASP D 170 -62.72 -49.32 35.31
CA ASP D 170 -64.04 -49.09 35.88
C ASP D 170 -64.35 -47.60 35.98
N SER D 171 -63.42 -46.73 35.54
CA SER D 171 -63.64 -45.29 35.49
C SER D 171 -63.92 -44.70 36.87
N THR D 172 -63.38 -45.31 37.94
CA THR D 172 -63.49 -44.71 39.25
C THR D 172 -62.22 -43.98 39.63
N TYR D 173 -62.29 -43.30 40.77
CA TYR D 173 -61.16 -42.59 41.32
C TYR D 173 -60.72 -43.31 42.58
N SER D 174 -59.44 -43.09 42.95
CA SER D 174 -58.95 -43.35 44.29
C SER D 174 -58.21 -42.15 44.82
N LEU D 175 -58.30 -41.95 46.13
CA LEU D 175 -57.76 -40.75 46.75
C LEU D 175 -57.06 -41.19 48.03
N SER D 176 -55.91 -40.56 48.34
CA SER D 176 -55.30 -40.71 49.65
C SER D 176 -55.22 -39.34 50.31
N SER D 177 -55.42 -39.33 51.62
CA SER D 177 -55.27 -38.13 52.41
C SER D 177 -54.33 -38.39 53.58
N THR D 178 -53.35 -37.51 53.78
CA THR D 178 -52.42 -37.66 54.89
C THR D 178 -52.65 -36.53 55.89
N LEU D 179 -52.90 -36.87 57.15
CA LEU D 179 -52.84 -35.90 58.24
C LEU D 179 -51.46 -35.96 58.86
N THR D 180 -50.78 -34.80 58.96
CA THR D 180 -49.44 -34.74 59.53
C THR D 180 -49.45 -34.01 60.89
N LEU D 181 -49.11 -34.73 61.96
CA LEU D 181 -48.99 -34.12 63.28
C LEU D 181 -47.63 -34.50 63.85
N SER D 182 -47.12 -33.71 64.78
CA SER D 182 -45.95 -34.11 65.54
C SER D 182 -46.34 -35.26 66.49
N LYS D 183 -45.37 -36.09 66.89
CA LYS D 183 -45.63 -37.19 67.80
C LYS D 183 -46.35 -36.67 69.05
N ALA D 184 -45.87 -35.52 69.56
CA ALA D 184 -46.41 -34.94 70.77
C ALA D 184 -47.90 -34.66 70.60
N ASP D 185 -48.26 -33.98 69.51
CA ASP D 185 -49.62 -33.57 69.19
C ASP D 185 -50.47 -34.82 68.90
N TYR D 186 -49.89 -35.85 68.27
CA TYR D 186 -50.65 -37.05 68.01
C TYR D 186 -51.11 -37.69 69.31
N GLU D 187 -50.34 -37.53 70.38
CA GLU D 187 -50.55 -38.28 71.60
C GLU D 187 -51.52 -37.54 72.54
N LYS D 188 -51.93 -36.33 72.17
CA LYS D 188 -52.84 -35.51 72.95
C LYS D 188 -54.28 -36.03 72.83
N HIS D 189 -54.53 -36.88 71.82
CA HIS D 189 -55.87 -37.26 71.39
C HIS D 189 -55.97 -38.76 71.13
N LYS D 190 -57.21 -39.25 71.10
CA LYS D 190 -57.50 -40.67 71.10
C LYS D 190 -58.22 -41.10 69.83
N VAL D 191 -59.25 -40.36 69.44
CA VAL D 191 -60.11 -40.78 68.33
C VAL D 191 -59.72 -40.04 67.06
N TYR D 192 -59.29 -40.82 66.06
CA TYR D 192 -58.86 -40.33 64.76
C TYR D 192 -59.87 -40.81 63.72
N ALA D 193 -60.58 -39.88 63.09
CA ALA D 193 -61.67 -40.21 62.18
C ALA D 193 -61.47 -39.51 60.84
N CYS D 194 -61.69 -40.27 59.77
CA CYS D 194 -61.66 -39.76 58.42
C CYS D 194 -63.07 -39.75 57.84
N GLU D 195 -63.57 -38.58 57.42
CA GLU D 195 -64.96 -38.41 57.08
C GLU D 195 -65.00 -37.95 55.63
N VAL D 196 -65.65 -38.74 54.77
CA VAL D 196 -65.82 -38.33 53.39
C VAL D 196 -67.26 -37.87 53.16
N THR D 197 -67.41 -36.70 52.53
CA THR D 197 -68.72 -36.20 52.13
C THR D 197 -68.84 -36.19 50.61
N GLN D 198 -70.01 -36.59 50.08
CA GLN D 198 -70.10 -36.90 48.66
C GLN D 198 -71.39 -36.44 48.02
N GLY D 199 -72.32 -35.89 48.79
CA GLY D 199 -73.46 -35.31 48.11
C GLY D 199 -74.63 -36.27 48.06
N THR D 200 -74.44 -37.56 47.70
CA THR D 200 -75.43 -38.56 48.07
C THR D 200 -74.92 -39.49 49.18
N THR D 201 -73.59 -39.62 49.39
CA THR D 201 -73.04 -40.53 50.39
C THR D 201 -71.91 -39.89 51.20
N SER D 202 -71.95 -40.17 52.51
CA SER D 202 -71.00 -39.74 53.52
C SER D 202 -70.47 -40.96 54.29
N VAL D 203 -69.16 -41.27 54.20
CA VAL D 203 -68.58 -42.40 54.91
C VAL D 203 -67.61 -41.91 55.99
N THR D 204 -67.70 -42.39 57.22
CA THR D 204 -66.65 -42.15 58.22
C THR D 204 -65.94 -43.45 58.67
N LYS D 205 -64.60 -43.54 58.55
CA LYS D 205 -63.83 -44.55 59.29
C LYS D 205 -63.08 -43.91 60.46
N SER D 206 -62.98 -44.62 61.59
CA SER D 206 -62.13 -44.12 62.66
C SER D 206 -61.30 -45.23 63.30
N PHE D 207 -60.28 -44.84 64.08
CA PHE D 207 -59.60 -45.73 64.99
C PHE D 207 -59.28 -45.00 66.28
N ASN D 208 -58.98 -45.75 67.34
CA ASN D 208 -58.45 -45.16 68.56
C ASN D 208 -56.98 -45.48 68.65
N ARG D 209 -56.18 -44.49 69.10
CA ARG D 209 -54.73 -44.58 69.16
C ARG D 209 -54.34 -45.76 70.06
N GLY D 210 -53.56 -46.70 69.51
CA GLY D 210 -53.19 -47.99 70.10
C GLY D 210 -54.34 -48.78 70.73
N GLU D 211 -55.29 -49.30 69.92
CA GLU D 211 -56.42 -50.04 70.46
C GLU D 211 -56.73 -51.30 69.64
N VAL E 2 25.56 -44.91 -27.18
CA VAL E 2 24.25 -44.25 -26.94
C VAL E 2 24.17 -43.90 -25.46
N GLN E 3 25.25 -44.13 -24.72
CA GLN E 3 25.28 -43.74 -23.30
C GLN E 3 26.63 -43.08 -22.99
N LEU E 4 26.64 -42.03 -22.17
CA LEU E 4 27.91 -41.35 -21.79
C LEU E 4 28.30 -41.91 -20.43
N VAL E 5 29.59 -41.85 -20.07
CA VAL E 5 30.00 -42.48 -18.84
C VAL E 5 30.45 -41.41 -17.85
N GLN E 6 29.82 -41.42 -16.67
CA GLN E 6 30.09 -40.42 -15.64
C GLN E 6 30.90 -41.08 -14.52
N SER E 7 31.59 -40.27 -13.70
CA SER E 7 32.26 -40.73 -12.49
C SER E 7 31.21 -41.30 -11.51
N GLY E 8 31.68 -42.12 -10.55
CA GLY E 8 30.81 -42.76 -9.55
C GLY E 8 30.27 -41.76 -8.52
N ALA E 9 29.51 -42.25 -7.54
CA ALA E 9 28.81 -41.43 -6.56
C ALA E 9 29.81 -40.68 -5.69
N GLU E 10 29.45 -39.46 -5.27
CA GLU E 10 30.34 -38.60 -4.51
C GLU E 10 29.62 -38.17 -3.23
N VAL E 11 30.39 -38.07 -2.14
CA VAL E 11 29.93 -37.61 -0.84
C VAL E 11 30.88 -36.49 -0.45
N LYS E 12 30.33 -35.34 -0.06
CA LYS E 12 31.14 -34.18 0.33
C LYS E 12 30.48 -33.50 1.52
N LYS E 13 31.24 -32.73 2.30
CA LYS E 13 30.71 -31.94 3.41
C LYS E 13 30.30 -30.55 2.92
N PRO E 14 29.41 -29.80 3.61
CA PRO E 14 29.09 -28.43 3.21
C PRO E 14 30.39 -27.63 3.14
N GLY E 15 30.53 -26.76 2.12
CA GLY E 15 31.73 -25.96 1.97
C GLY E 15 32.69 -26.51 0.91
N ALA E 16 32.71 -27.84 0.75
CA ALA E 16 33.67 -28.55 -0.10
C ALA E 16 33.32 -28.43 -1.58
N SER E 17 34.06 -29.16 -2.42
CA SER E 17 33.86 -29.08 -3.86
C SER E 17 33.71 -30.49 -4.44
N VAL E 18 33.06 -30.62 -5.58
CA VAL E 18 32.88 -31.92 -6.21
C VAL E 18 33.21 -31.79 -7.69
N LYS E 19 33.99 -32.74 -8.23
CA LYS E 19 34.35 -32.72 -9.64
C LYS E 19 33.84 -34.02 -10.23
N VAL E 20 32.86 -33.91 -11.14
CA VAL E 20 32.23 -35.03 -11.81
C VAL E 20 32.73 -35.07 -13.24
N SER E 21 33.08 -36.27 -13.74
CA SER E 21 33.57 -36.39 -15.11
C SER E 21 32.50 -37.01 -16.02
N CYS E 22 32.73 -36.94 -17.34
CA CYS E 22 31.81 -37.49 -18.32
C CYS E 22 32.58 -37.72 -19.62
N LYS E 23 32.54 -38.96 -20.13
CA LYS E 23 33.36 -39.33 -21.27
C LYS E 23 32.49 -39.43 -22.53
N ALA E 24 32.91 -38.74 -23.59
CA ALA E 24 32.01 -38.48 -24.71
C ALA E 24 31.95 -39.60 -25.74
N SER E 25 33.10 -40.03 -26.25
CA SER E 25 33.13 -41.22 -27.06
C SER E 25 32.60 -40.93 -28.47
N GLY E 26 31.80 -39.88 -28.60
CA GLY E 26 31.36 -39.41 -29.90
C GLY E 26 32.32 -38.39 -30.52
N TYR E 27 33.27 -37.85 -29.73
CA TYR E 27 33.95 -36.62 -30.09
C TYR E 27 34.96 -36.82 -31.21
N THR E 28 34.78 -36.11 -32.32
CA THR E 28 35.66 -36.27 -33.46
C THR E 28 36.20 -34.92 -33.91
N PHE E 29 36.82 -34.17 -32.98
CA PHE E 29 37.45 -32.90 -33.29
C PHE E 29 36.54 -31.96 -34.11
N THR E 30 35.24 -31.83 -33.76
CA THR E 30 34.34 -30.76 -34.23
C THR E 30 33.35 -30.40 -33.12
N SER E 31 32.41 -29.47 -33.38
CA SER E 31 31.54 -28.92 -32.36
C SER E 31 30.82 -30.03 -31.62
N TYR E 32 30.93 -30.04 -30.29
CA TYR E 32 30.24 -31.02 -29.47
C TYR E 32 29.83 -30.35 -28.16
N TRP E 33 28.56 -29.92 -28.08
CA TRP E 33 28.10 -29.21 -26.90
C TRP E 33 27.72 -30.21 -25.80
N MET E 34 28.44 -30.21 -24.69
CA MET E 34 28.09 -31.13 -23.61
C MET E 34 27.45 -30.32 -22.49
N HIS E 35 26.21 -30.66 -22.14
CA HIS E 35 25.48 -29.85 -21.18
C HIS E 35 25.45 -30.57 -19.85
N TRP E 36 25.12 -29.81 -18.80
CA TRP E 36 25.06 -30.37 -17.46
C TRP E 36 23.78 -29.92 -16.77
N VAL E 37 23.09 -30.92 -16.20
CA VAL E 37 21.74 -30.83 -15.67
C VAL E 37 21.73 -31.64 -14.38
N ARG E 38 20.98 -31.19 -13.38
CA ARG E 38 20.89 -31.93 -12.14
C ARG E 38 19.42 -32.09 -11.76
N GLN E 39 19.13 -33.02 -10.83
CA GLN E 39 17.77 -33.28 -10.38
C GLN E 39 17.83 -33.65 -8.90
N ALA E 40 17.22 -32.80 -8.07
CA ALA E 40 17.16 -33.03 -6.64
C ALA E 40 15.96 -33.93 -6.35
N PRO E 41 16.00 -34.80 -5.32
CA PRO E 41 14.81 -35.60 -4.95
C PRO E 41 13.70 -34.59 -4.65
N GLY E 42 12.50 -34.77 -5.20
CA GLY E 42 11.46 -33.76 -4.99
C GLY E 42 11.85 -32.39 -5.54
N GLN E 43 12.35 -32.46 -6.77
CA GLN E 43 12.49 -31.35 -7.70
C GLN E 43 12.28 -31.93 -9.12
N GLY E 44 12.08 -30.99 -10.05
CA GLY E 44 12.37 -31.21 -11.46
C GLY E 44 13.85 -30.93 -11.75
N LEU E 45 14.17 -30.79 -13.03
CA LEU E 45 15.56 -30.70 -13.39
C LEU E 45 15.99 -29.24 -13.53
N GLU E 46 17.30 -28.98 -13.36
CA GLU E 46 17.92 -27.69 -13.50
C GLU E 46 19.13 -27.79 -14.43
N TRP E 47 19.29 -26.79 -15.30
CA TRP E 47 20.38 -26.74 -16.25
C TRP E 47 21.51 -25.94 -15.63
N ILE E 48 22.74 -26.47 -15.69
CA ILE E 48 23.83 -25.83 -14.96
C ILE E 48 24.70 -25.04 -15.93
N GLY E 49 25.07 -25.66 -17.06
CA GLY E 49 25.90 -25.00 -18.06
C GLY E 49 26.17 -25.93 -19.23
N LYS E 50 26.91 -25.41 -20.21
CA LYS E 50 27.31 -26.20 -21.36
C LYS E 50 28.78 -25.87 -21.66
N ILE E 51 29.48 -26.80 -22.31
CA ILE E 51 30.82 -26.56 -22.84
C ILE E 51 31.00 -27.33 -24.14
N ASP E 52 31.64 -26.69 -25.13
CA ASP E 52 31.96 -27.30 -26.41
C ASP E 52 33.36 -27.93 -26.32
N LEU E 53 33.41 -29.25 -26.53
CA LEU E 53 34.65 -30.01 -26.50
C LEU E 53 35.70 -29.43 -27.45
N SER E 54 35.25 -28.91 -28.58
CA SER E 54 36.18 -28.54 -29.62
C SER E 54 36.97 -27.28 -29.27
N ASP E 55 36.36 -26.33 -28.57
CA ASP E 55 37.00 -25.04 -28.43
C ASP E 55 36.99 -24.61 -26.96
N SER E 56 36.41 -25.45 -26.11
CA SER E 56 36.41 -25.22 -24.67
C SER E 56 35.53 -24.04 -24.27
N GLU E 57 34.82 -23.46 -25.24
CA GLU E 57 33.85 -22.40 -24.99
C GLU E 57 32.78 -22.89 -24.01
N ALA E 58 32.39 -22.05 -23.05
CA ALA E 58 31.47 -22.51 -22.02
C ALA E 58 30.52 -21.40 -21.59
N HIS E 59 29.31 -21.78 -21.16
CA HIS E 59 28.32 -20.84 -20.62
C HIS E 59 27.64 -21.49 -19.42
N PHE E 60 27.20 -20.66 -18.47
CA PHE E 60 26.61 -21.16 -17.24
C PHE E 60 25.27 -20.48 -16.95
N ASN E 61 24.48 -21.11 -16.10
CA ASN E 61 23.30 -20.53 -15.52
C ASN E 61 23.75 -19.46 -14.53
N GLN E 62 23.11 -18.31 -14.51
CA GLN E 62 23.48 -17.27 -13.55
C GLN E 62 23.52 -17.83 -12.13
N LYS E 63 22.73 -18.85 -11.85
CA LYS E 63 22.55 -19.36 -10.50
C LYS E 63 23.81 -20.10 -10.04
N PHE E 64 24.65 -20.54 -10.99
CA PHE E 64 25.80 -21.38 -10.69
C PHE E 64 27.12 -20.78 -11.16
N GLU E 65 27.06 -19.74 -12.00
CA GLU E 65 28.21 -19.22 -12.74
C GLU E 65 29.37 -18.91 -11.80
N ASP E 66 29.04 -18.52 -10.56
CA ASP E 66 30.03 -18.09 -9.58
C ASP E 66 30.68 -19.27 -8.89
N ARG E 67 30.10 -20.50 -8.93
CA ARG E 67 30.60 -21.63 -8.17
C ARG E 67 30.93 -22.81 -9.07
N ALA E 68 30.71 -22.70 -10.38
CA ALA E 68 30.88 -23.83 -11.26
C ALA E 68 31.93 -23.55 -12.33
N THR E 69 32.67 -24.60 -12.66
CA THR E 69 33.71 -24.56 -13.69
C THR E 69 33.46 -25.75 -14.63
N LEU E 70 33.68 -25.56 -15.93
CA LEU E 70 33.69 -26.65 -16.88
C LEU E 70 35.04 -26.70 -17.60
N THR E 71 35.64 -27.88 -17.60
CA THR E 71 36.96 -28.13 -18.17
C THR E 71 36.83 -29.27 -19.17
N VAL E 72 37.73 -29.33 -20.15
CA VAL E 72 37.65 -30.41 -21.11
C VAL E 72 39.04 -30.96 -21.42
N ASP E 73 39.07 -32.20 -21.89
CA ASP E 73 40.30 -32.90 -22.24
C ASP E 73 40.20 -33.44 -23.66
N ARG E 74 40.99 -32.91 -24.58
CA ARG E 74 40.94 -33.28 -25.99
C ARG E 74 41.09 -34.80 -26.18
N SER E 75 42.10 -35.34 -25.50
CA SER E 75 42.64 -36.67 -25.78
C SER E 75 41.70 -37.75 -25.25
N THR E 76 41.20 -37.55 -24.02
CA THR E 76 40.37 -38.53 -23.36
C THR E 76 38.88 -38.24 -23.58
N SER E 77 38.53 -37.12 -24.25
CA SER E 77 37.13 -36.78 -24.50
C SER E 77 36.37 -36.57 -23.20
N THR E 78 37.03 -35.99 -22.19
CA THR E 78 36.40 -35.97 -20.88
C THR E 78 36.09 -34.55 -20.47
N VAL E 79 34.84 -34.35 -20.05
CA VAL E 79 34.39 -33.07 -19.56
C VAL E 79 34.30 -33.17 -18.05
N TYR E 80 34.78 -32.14 -17.38
CA TYR E 80 34.72 -32.10 -15.93
C TYR E 80 33.88 -30.90 -15.52
N MET E 81 32.79 -31.20 -14.81
CA MET E 81 31.95 -30.21 -14.17
C MET E 81 32.36 -30.17 -12.71
N GLU E 82 32.79 -29.01 -12.22
CA GLU E 82 33.21 -28.91 -10.83
C GLU E 82 32.42 -27.81 -10.13
N LEU E 83 31.68 -28.21 -9.09
CA LEU E 83 30.84 -27.29 -8.36
C LEU E 83 31.41 -27.13 -6.95
N SER E 84 31.55 -25.87 -6.52
CA SER E 84 32.29 -25.51 -5.31
C SER E 84 31.35 -24.90 -4.27
N SER E 85 31.86 -24.61 -3.07
CA SER E 85 31.04 -23.96 -2.05
C SER E 85 29.70 -24.67 -1.87
N LEU E 86 29.74 -26.02 -1.78
CA LEU E 86 28.58 -26.88 -1.79
C LEU E 86 27.71 -26.57 -0.57
N ARG E 87 26.40 -26.70 -0.73
CA ARG E 87 25.51 -26.79 0.43
C ARG E 87 24.63 -28.01 0.24
N SER E 88 23.81 -28.28 1.26
CA SER E 88 23.04 -29.51 1.25
C SER E 88 22.03 -29.50 0.11
N GLU E 89 21.50 -28.33 -0.25
CA GLU E 89 20.63 -28.21 -1.41
C GLU E 89 21.31 -28.73 -2.68
N ASP E 90 22.62 -28.99 -2.65
CA ASP E 90 23.31 -29.38 -3.87
C ASP E 90 23.25 -30.90 -4.04
N THR E 91 22.74 -31.60 -3.01
CA THR E 91 22.48 -33.03 -3.05
C THR E 91 21.48 -33.31 -4.15
N ALA E 92 21.92 -34.03 -5.18
CA ALA E 92 21.08 -34.27 -6.35
C ALA E 92 21.77 -35.26 -7.25
N VAL E 93 21.11 -35.59 -8.36
CA VAL E 93 21.71 -36.47 -9.36
C VAL E 93 22.13 -35.60 -10.54
N TYR E 94 23.43 -35.68 -10.88
CA TYR E 94 24.01 -34.80 -11.88
C TYR E 94 24.17 -35.58 -13.19
N TYR E 95 23.60 -35.04 -14.26
CA TYR E 95 23.61 -35.69 -15.56
C TYR E 95 24.40 -34.85 -16.54
N CYS E 96 25.20 -35.49 -17.39
CA CYS E 96 25.75 -34.81 -18.57
C CYS E 96 24.93 -35.26 -19.77
N ALA E 97 24.87 -34.43 -20.81
CA ALA E 97 24.13 -34.83 -21.99
C ALA E 97 24.74 -34.16 -23.22
N LYS E 98 24.75 -34.88 -24.34
CA LYS E 98 25.26 -34.34 -25.59
C LYS E 98 24.07 -33.82 -26.35
N MET E 99 24.13 -32.53 -26.64
CA MET E 99 23.06 -31.86 -27.36
C MET E 99 23.23 -32.14 -28.84
N GLY E 100 22.19 -32.71 -29.44
CA GLY E 100 22.16 -32.91 -30.88
C GLY E 100 21.44 -31.75 -31.54
N GLU E 101 21.10 -31.97 -32.80
CA GLU E 101 20.61 -30.92 -33.69
C GLU E 101 19.22 -30.44 -33.28
N PHE E 102 18.43 -31.26 -32.56
CA PHE E 102 17.04 -30.94 -32.29
C PHE E 102 16.67 -31.02 -30.81
N TYR E 103 17.30 -31.96 -30.10
CA TYR E 103 17.10 -32.21 -28.68
C TYR E 103 18.36 -32.87 -28.14
N PHE E 104 18.38 -33.32 -26.88
CA PHE E 104 19.57 -34.01 -26.43
C PHE E 104 19.64 -35.41 -27.02
N ASP E 105 20.74 -35.68 -27.76
CA ASP E 105 21.00 -36.97 -28.37
C ASP E 105 21.13 -38.04 -27.28
N TYR E 106 22.05 -37.83 -26.32
CA TYR E 106 22.45 -38.87 -25.39
C TYR E 106 22.59 -38.27 -24.00
N TRP E 107 22.19 -39.06 -23.00
CA TRP E 107 22.35 -38.65 -21.61
C TRP E 107 23.38 -39.54 -20.95
N GLY E 108 24.04 -39.04 -19.90
CA GLY E 108 24.88 -39.88 -19.09
C GLY E 108 24.02 -40.73 -18.18
N GLN E 109 24.65 -41.53 -17.31
CA GLN E 109 23.89 -42.44 -16.46
C GLN E 109 23.54 -41.74 -15.15
N GLY E 110 24.00 -40.49 -14.97
CA GLY E 110 23.81 -39.77 -13.72
C GLY E 110 24.94 -40.06 -12.73
N THR E 111 25.19 -39.11 -11.82
CA THR E 111 26.09 -39.28 -10.68
C THR E 111 25.37 -38.77 -9.43
N THR E 112 25.21 -39.62 -8.43
CA THR E 112 24.65 -39.14 -7.17
C THR E 112 25.68 -38.26 -6.47
N VAL E 113 25.26 -37.08 -6.02
CA VAL E 113 26.14 -36.29 -5.17
C VAL E 113 25.37 -35.94 -3.90
N THR E 114 25.85 -36.43 -2.77
CA THR E 114 25.22 -36.11 -1.50
C THR E 114 26.16 -35.17 -0.74
N VAL E 115 25.54 -34.12 -0.16
CA VAL E 115 26.27 -33.06 0.52
C VAL E 115 25.73 -32.94 1.95
N SER E 116 26.55 -33.32 2.95
CA SER E 116 26.07 -33.50 4.31
C SER E 116 27.21 -33.37 5.31
N SER E 117 26.90 -32.88 6.51
CA SER E 117 27.91 -32.79 7.56
C SER E 117 28.15 -34.16 8.18
N ALA E 118 27.28 -35.14 7.88
CA ALA E 118 27.46 -36.51 8.36
C ALA E 118 28.69 -37.11 7.68
N SER E 119 29.26 -38.12 8.36
CA SER E 119 30.35 -38.94 7.86
C SER E 119 29.86 -40.37 7.68
N THR E 120 30.64 -41.18 6.96
CA THR E 120 30.29 -42.55 6.63
C THR E 120 29.98 -43.36 7.88
N LYS E 121 28.90 -44.12 7.85
CA LYS E 121 28.57 -45.10 8.88
C LYS E 121 27.87 -46.28 8.20
N GLY E 122 28.31 -47.50 8.52
CA GLY E 122 27.62 -48.71 8.07
C GLY E 122 26.39 -48.97 8.94
N PRO E 123 25.35 -49.66 8.41
CA PRO E 123 24.06 -49.78 9.09
C PRO E 123 24.11 -50.81 10.21
N SER E 124 23.43 -50.55 11.34
CA SER E 124 23.19 -51.68 12.21
C SER E 124 21.77 -52.17 11.98
N VAL E 125 21.58 -53.50 11.99
CA VAL E 125 20.41 -54.14 11.40
C VAL E 125 19.70 -54.95 12.48
N PHE E 126 18.53 -54.49 12.95
CA PHE E 126 17.71 -55.25 13.89
C PHE E 126 16.59 -56.04 13.21
N PRO E 127 16.07 -57.14 13.83
CA PRO E 127 14.97 -57.90 13.22
C PRO E 127 13.63 -57.25 13.51
N LEU E 128 12.75 -57.30 12.49
CA LEU E 128 11.32 -57.15 12.71
C LEU E 128 10.75 -58.55 12.70
N ALA E 129 10.59 -59.12 13.89
CA ALA E 129 10.27 -60.52 14.10
C ALA E 129 8.77 -60.71 13.94
N PRO E 130 8.36 -61.80 13.26
CA PRO E 130 6.97 -62.22 13.23
C PRO E 130 6.59 -62.63 14.65
N SER E 131 5.41 -62.16 15.08
CA SER E 131 4.58 -62.98 15.94
C SER E 131 3.57 -63.71 15.05
N SER E 132 3.36 -64.99 15.33
CA SER E 132 2.22 -65.74 14.81
C SER E 132 0.99 -65.56 15.72
N LYS E 133 0.94 -64.41 16.42
CA LYS E 133 -0.29 -63.85 16.97
C LYS E 133 -0.84 -62.86 15.94
N SER E 134 -0.43 -62.99 14.67
CA SER E 134 -0.51 -61.91 13.67
C SER E 134 -0.90 -62.45 12.29
N THR E 135 -2.08 -63.07 12.23
CA THR E 135 -2.64 -63.68 11.02
C THR E 135 -3.47 -62.69 10.16
N SER E 136 -2.72 -61.75 9.52
CA SER E 136 -3.30 -60.55 8.91
C SER E 136 -3.26 -60.49 7.38
N GLY E 137 -4.35 -60.92 6.73
CA GLY E 137 -4.35 -61.33 5.34
C GLY E 137 -4.21 -62.85 5.15
N GLY E 138 -4.24 -63.64 6.25
CA GLY E 138 -3.87 -65.06 6.28
C GLY E 138 -2.36 -65.31 6.47
N THR E 139 -1.52 -64.29 6.26
CA THR E 139 -0.07 -64.39 6.31
C THR E 139 0.50 -63.72 7.57
N ALA E 140 1.83 -63.83 7.75
CA ALA E 140 2.56 -63.11 8.80
C ALA E 140 3.56 -62.20 8.13
N ALA E 141 4.01 -61.16 8.84
CA ALA E 141 5.01 -60.30 8.23
C ALA E 141 6.25 -60.29 9.10
N LEU E 142 7.42 -60.27 8.45
CA LEU E 142 8.68 -60.10 9.14
C LEU E 142 9.60 -59.21 8.29
N GLY E 143 10.62 -58.64 8.94
CA GLY E 143 11.59 -57.84 8.22
C GLY E 143 12.87 -57.54 9.01
N CYS E 144 13.67 -56.66 8.39
CA CYS E 144 14.89 -56.11 8.95
C CYS E 144 14.79 -54.59 8.96
N LEU E 145 15.09 -54.01 10.13
CA LEU E 145 15.24 -52.56 10.30
C LEU E 145 16.71 -52.20 10.11
N VAL E 146 17.01 -51.47 9.01
CA VAL E 146 18.37 -51.07 8.67
C VAL E 146 18.62 -49.64 9.14
N LYS E 147 19.26 -49.47 10.31
CA LYS E 147 19.25 -48.21 11.04
C LYS E 147 20.63 -47.55 11.06
N ASP E 148 20.67 -46.22 10.86
CA ASP E 148 21.79 -45.35 11.16
C ASP E 148 22.97 -45.54 10.22
N TYR E 149 22.72 -45.37 8.93
CA TYR E 149 23.78 -45.47 7.94
C TYR E 149 23.93 -44.14 7.20
N PHE E 150 25.04 -44.01 6.47
CA PHE E 150 25.37 -42.86 5.65
C PHE E 150 26.58 -43.20 4.77
N PRO E 151 26.63 -42.76 3.50
CA PRO E 151 25.48 -42.15 2.81
C PRO E 151 24.56 -43.22 2.27
N GLU E 152 23.66 -42.84 1.36
CA GLU E 152 22.93 -43.85 0.62
C GLU E 152 23.87 -44.39 -0.43
N PRO E 153 23.61 -45.56 -1.06
CA PRO E 153 22.45 -46.41 -0.73
C PRO E 153 22.71 -47.70 0.04
N VAL E 154 21.61 -48.31 0.49
CA VAL E 154 21.60 -49.67 0.98
C VAL E 154 20.84 -50.58 0.00
N THR E 155 21.19 -51.86 -0.08
CA THR E 155 20.50 -52.88 -0.85
C THR E 155 19.94 -53.90 0.14
N VAL E 156 18.66 -54.26 0.02
CA VAL E 156 18.25 -55.45 0.75
C VAL E 156 17.84 -56.54 -0.23
N SER E 157 18.22 -57.78 0.08
CA SER E 157 17.70 -58.93 -0.64
C SER E 157 17.33 -59.98 0.41
N TRP E 158 16.51 -60.98 0.05
CA TRP E 158 16.15 -61.97 1.04
C TRP E 158 16.61 -63.34 0.54
N ASN E 159 17.27 -64.12 1.42
CA ASN E 159 17.78 -65.43 1.09
C ASN E 159 18.51 -65.31 -0.25
N SER E 160 19.33 -64.25 -0.34
CA SER E 160 20.31 -64.04 -1.40
C SER E 160 19.60 -63.97 -2.75
N GLY E 161 18.40 -63.41 -2.74
CA GLY E 161 17.68 -63.10 -3.97
C GLY E 161 16.72 -64.19 -4.39
N ALA E 162 16.67 -65.30 -3.62
CA ALA E 162 15.71 -66.36 -3.88
C ALA E 162 14.28 -65.88 -3.57
N LEU E 163 14.14 -65.08 -2.51
CA LEU E 163 12.83 -64.61 -2.03
C LEU E 163 12.64 -63.18 -2.51
N THR E 164 11.69 -63.03 -3.45
CA THR E 164 11.32 -61.75 -4.01
C THR E 164 9.82 -61.49 -3.84
N SER E 165 8.94 -62.51 -3.88
CA SER E 165 7.51 -62.28 -3.78
C SER E 165 7.12 -61.76 -2.41
N GLY E 166 6.42 -60.61 -2.37
CA GLY E 166 5.78 -60.15 -1.15
C GLY E 166 6.74 -59.34 -0.28
N VAL E 167 7.84 -58.94 -0.92
CA VAL E 167 8.88 -58.13 -0.32
C VAL E 167 8.61 -56.66 -0.63
N HIS E 168 8.84 -55.81 0.36
CA HIS E 168 8.70 -54.39 0.21
C HIS E 168 9.86 -53.70 0.93
N THR E 169 10.72 -53.06 0.15
CA THR E 169 11.84 -52.34 0.71
C THR E 169 11.54 -50.85 0.59
N PHE E 170 11.38 -50.19 1.74
CA PHE E 170 10.99 -48.80 1.77
C PHE E 170 12.15 -47.89 1.33
N PRO E 171 11.82 -46.73 0.73
CA PRO E 171 12.71 -45.58 0.68
C PRO E 171 13.31 -45.24 2.04
N ALA E 172 14.60 -44.92 2.01
CA ALA E 172 15.32 -44.41 3.16
C ALA E 172 14.65 -43.14 3.66
N VAL E 173 14.73 -42.94 4.96
CA VAL E 173 14.26 -41.72 5.58
C VAL E 173 15.47 -41.11 6.32
N LEU E 174 15.76 -39.83 6.05
CA LEU E 174 16.82 -39.13 6.73
C LEU E 174 16.33 -38.66 8.09
N GLN E 175 16.98 -39.16 9.18
CA GLN E 175 16.72 -38.79 10.56
C GLN E 175 17.38 -37.44 10.87
N SER E 176 17.04 -36.85 12.02
CA SER E 176 17.58 -35.53 12.32
C SER E 176 19.02 -35.65 12.80
N SER E 177 19.49 -36.89 12.98
CA SER E 177 20.90 -37.18 13.22
C SER E 177 21.72 -37.02 11.93
N GLY E 178 21.09 -36.87 10.76
CA GLY E 178 21.79 -36.86 9.49
C GLY E 178 22.11 -38.26 8.92
N LEU E 179 21.64 -39.31 9.63
CA LEU E 179 21.85 -40.68 9.22
C LEU E 179 20.55 -41.25 8.66
N TYR E 180 20.65 -42.05 7.59
CA TYR E 180 19.47 -42.65 7.00
C TYR E 180 19.07 -43.92 7.75
N SER E 181 17.87 -44.42 7.43
CA SER E 181 17.25 -45.55 8.09
C SER E 181 16.19 -46.07 7.14
N LEU E 182 15.99 -47.39 7.07
CA LEU E 182 14.92 -47.94 6.23
C LEU E 182 14.56 -49.33 6.67
N SER E 183 13.35 -49.77 6.31
CA SER E 183 12.96 -51.14 6.59
C SER E 183 12.75 -51.92 5.30
N SER E 184 13.11 -53.20 5.37
CA SER E 184 12.67 -54.11 4.32
C SER E 184 11.79 -55.19 4.97
N VAL E 185 10.58 -55.40 4.42
CA VAL E 185 9.64 -56.34 5.01
C VAL E 185 9.20 -57.37 3.98
N VAL E 186 8.78 -58.53 4.48
CA VAL E 186 8.21 -59.56 3.62
C VAL E 186 7.05 -60.22 4.36
N THR E 187 6.01 -60.58 3.60
CA THR E 187 4.89 -61.37 4.08
C THR E 187 5.11 -62.82 3.67
N VAL E 188 4.84 -63.74 4.59
CA VAL E 188 5.24 -65.13 4.48
C VAL E 188 4.18 -66.02 5.14
N PRO E 189 3.98 -67.28 4.69
CA PRO E 189 3.10 -68.20 5.40
C PRO E 189 3.35 -68.24 6.91
N SER E 190 2.28 -68.16 7.71
CA SER E 190 2.42 -68.24 9.16
C SER E 190 2.69 -69.66 9.59
N SER E 191 2.27 -70.63 8.77
CA SER E 191 2.34 -72.05 9.09
C SER E 191 3.79 -72.55 9.06
N SER E 192 4.59 -72.01 8.14
CA SER E 192 5.96 -72.42 7.91
C SER E 192 6.77 -71.24 8.40
N LEU E 193 6.79 -71.06 9.74
CA LEU E 193 7.65 -70.03 10.33
C LEU E 193 8.82 -70.70 11.06
N GLY E 194 8.60 -71.89 11.59
CA GLY E 194 9.72 -72.59 12.22
C GLY E 194 10.51 -73.43 11.21
N THR E 195 10.07 -73.47 9.95
CA THR E 195 10.64 -74.37 8.94
C THR E 195 11.42 -73.56 7.90
N GLN E 196 10.79 -72.60 7.22
CA GLN E 196 11.52 -71.79 6.24
C GLN E 196 12.36 -70.74 6.95
N THR E 197 13.63 -70.60 6.54
CA THR E 197 14.51 -69.63 7.15
C THR E 197 14.48 -68.35 6.33
N TYR E 198 14.43 -67.21 7.03
CA TYR E 198 14.38 -65.91 6.38
C TYR E 198 15.58 -65.07 6.82
N ILE E 199 16.49 -64.81 5.87
CA ILE E 199 17.72 -64.05 6.11
C ILE E 199 17.73 -62.89 5.14
N CYS E 200 17.94 -61.68 5.67
CA CYS E 200 18.02 -60.50 4.85
C CYS E 200 19.48 -60.11 4.65
N ASN E 201 19.82 -59.71 3.42
CA ASN E 201 21.16 -59.35 3.02
C ASN E 201 21.19 -57.84 2.78
N VAL E 202 21.66 -57.12 3.82
CA VAL E 202 21.83 -55.68 3.74
C VAL E 202 23.22 -55.41 3.21
N ASN E 203 23.30 -54.69 2.10
CA ASN E 203 24.61 -54.35 1.59
C ASN E 203 24.76 -52.84 1.56
N HIS E 204 25.88 -52.34 2.08
CA HIS E 204 26.15 -50.90 2.15
C HIS E 204 27.52 -50.57 1.56
N LYS E 205 27.59 -50.44 0.22
CA LYS E 205 28.84 -50.33 -0.53
C LYS E 205 29.67 -49.16 -0.03
N PRO E 206 29.08 -47.96 0.19
CA PRO E 206 29.83 -46.81 0.69
C PRO E 206 30.70 -47.07 1.90
N SER E 207 30.40 -48.13 2.68
CA SER E 207 31.17 -48.39 3.90
C SER E 207 31.75 -49.80 3.91
N ASN E 208 31.61 -50.51 2.78
CA ASN E 208 31.98 -51.91 2.63
C ASN E 208 31.47 -52.74 3.79
N THR E 209 30.20 -52.54 4.14
CA THR E 209 29.56 -53.35 5.16
C THR E 209 28.50 -54.21 4.49
N LYS E 210 28.53 -55.53 4.70
CA LYS E 210 27.43 -56.42 4.35
C LYS E 210 26.93 -57.06 5.65
N VAL E 211 25.65 -56.91 5.99
CA VAL E 211 25.07 -57.62 7.12
C VAL E 211 24.12 -58.69 6.62
N ASP E 212 24.18 -59.90 7.22
CA ASP E 212 23.23 -60.98 6.94
C ASP E 212 22.50 -61.37 8.23
N LYS E 213 21.21 -61.00 8.37
CA LYS E 213 20.41 -61.22 9.59
C LYS E 213 19.33 -62.27 9.35
N LYS E 214 19.25 -63.23 10.27
CA LYS E 214 18.22 -64.25 10.27
C LYS E 214 17.06 -63.70 11.08
N VAL E 215 15.87 -63.67 10.47
CA VAL E 215 14.70 -63.24 11.21
C VAL E 215 13.91 -64.47 11.66
N GLU E 216 13.76 -64.60 12.96
CA GLU E 216 13.11 -65.73 13.59
C GLU E 216 11.99 -65.19 14.46
N PRO E 217 10.88 -65.96 14.58
CA PRO E 217 9.85 -65.68 15.59
C PRO E 217 10.46 -65.44 16.97
N LYS E 218 9.84 -64.62 17.82
CA LYS E 218 10.34 -64.52 19.20
C LYS E 218 9.30 -64.70 20.34
N ASP F 1 13.94 -14.85 -17.88
CA ASP F 1 14.31 -16.22 -17.41
C ASP F 1 13.02 -17.01 -17.16
N ILE F 2 12.74 -18.02 -17.99
CA ILE F 2 11.38 -18.49 -18.25
C ILE F 2 10.97 -19.58 -17.25
N GLN F 3 9.78 -19.47 -16.64
CA GLN F 3 9.26 -20.50 -15.75
C GLN F 3 8.32 -21.43 -16.52
N MET F 4 8.44 -22.73 -16.24
CA MET F 4 7.50 -23.72 -16.80
C MET F 4 6.54 -24.19 -15.71
N THR F 5 5.23 -24.15 -15.98
CA THR F 5 4.26 -24.69 -15.02
C THR F 5 3.54 -25.89 -15.63
N GLN F 6 3.76 -27.05 -15.01
CA GLN F 6 3.08 -28.28 -15.40
C GLN F 6 1.76 -28.41 -14.64
N SER F 7 0.86 -29.22 -15.20
CA SER F 7 -0.50 -29.26 -14.70
C SER F 7 -1.20 -30.52 -15.21
N PRO F 8 -1.77 -31.36 -14.32
CA PRO F 8 -1.62 -31.18 -12.87
C PRO F 8 -0.33 -31.83 -12.38
N SER F 9 -0.07 -31.74 -11.05
CA SER F 9 1.10 -32.33 -10.41
C SER F 9 1.05 -33.84 -10.55
N SER F 10 -0.16 -34.39 -10.33
CA SER F 10 -0.36 -35.83 -10.21
C SER F 10 -1.69 -36.17 -10.87
N LEU F 11 -1.73 -37.36 -11.45
CA LEU F 11 -2.95 -37.84 -12.05
C LEU F 11 -3.07 -39.34 -11.81
N SER F 12 -4.27 -39.80 -11.45
CA SER F 12 -4.51 -41.21 -11.25
C SER F 12 -5.52 -41.68 -12.30
N ALA F 13 -5.07 -42.53 -13.24
CA ALA F 13 -5.89 -42.88 -14.39
C ALA F 13 -5.88 -44.39 -14.60
N SER F 14 -6.75 -44.86 -15.52
CA SER F 14 -6.89 -46.28 -15.82
C SER F 14 -6.27 -46.57 -17.17
N VAL F 15 -5.94 -47.83 -17.37
CA VAL F 15 -5.40 -48.23 -18.66
C VAL F 15 -6.50 -48.01 -19.69
N GLY F 16 -6.18 -47.29 -20.77
CA GLY F 16 -7.13 -47.05 -21.83
C GLY F 16 -7.65 -45.61 -21.87
N ASP F 17 -7.42 -44.84 -20.79
CA ASP F 17 -7.87 -43.46 -20.70
C ASP F 17 -7.07 -42.56 -21.64
N ARG F 18 -7.74 -41.44 -21.98
CA ARG F 18 -7.22 -40.19 -22.50
C ARG F 18 -6.52 -39.49 -21.33
N VAL F 19 -5.31 -39.01 -21.59
CA VAL F 19 -4.66 -38.13 -20.62
C VAL F 19 -4.16 -36.90 -21.35
N THR F 20 -4.35 -35.73 -20.73
CA THR F 20 -3.69 -34.51 -21.18
C THR F 20 -2.96 -33.84 -20.02
N ILE F 21 -1.67 -33.62 -20.22
CA ILE F 21 -0.85 -32.81 -19.34
C ILE F 21 -0.62 -31.47 -20.03
N THR F 22 -0.55 -30.39 -19.24
CA THR F 22 -0.18 -29.11 -19.82
C THR F 22 1.08 -28.52 -19.21
N CYS F 23 1.72 -27.69 -20.03
CA CYS F 23 2.90 -26.94 -19.69
C CYS F 23 2.66 -25.51 -20.17
N ARG F 24 2.61 -24.59 -19.21
CA ARG F 24 2.35 -23.17 -19.43
C ARG F 24 3.64 -22.42 -19.10
N THR F 25 4.12 -21.58 -20.03
CA THR F 25 5.42 -20.95 -19.86
C THR F 25 5.22 -19.46 -19.62
N SER F 26 6.16 -18.81 -18.92
CA SER F 26 5.98 -17.43 -18.48
C SER F 26 6.38 -16.46 -19.58
N GLY F 27 7.04 -16.97 -20.63
CA GLY F 27 7.38 -16.20 -21.79
C GLY F 27 7.29 -17.06 -23.04
N ASN F 28 7.06 -16.44 -24.19
CA ASN F 28 7.03 -17.12 -25.46
C ASN F 28 8.31 -17.92 -25.64
N ILE F 29 8.20 -19.19 -26.05
CA ILE F 29 9.35 -20.06 -26.24
C ILE F 29 9.35 -20.65 -27.67
N TYR F 30 8.53 -20.07 -28.53
CA TYR F 30 8.63 -20.20 -29.98
C TYR F 30 8.71 -21.66 -30.45
N ASN F 31 7.94 -22.53 -29.78
CA ASN F 31 7.73 -23.92 -30.13
C ASN F 31 8.95 -24.79 -29.79
N TYR F 32 9.92 -24.20 -29.07
CA TYR F 32 11.10 -24.94 -28.68
C TYR F 32 10.78 -25.72 -27.42
N LEU F 33 9.82 -26.64 -27.52
CA LEU F 33 9.38 -27.35 -26.33
C LEU F 33 9.57 -28.85 -26.48
N ALA F 34 10.04 -29.48 -25.40
CA ALA F 34 10.21 -30.92 -25.36
C ALA F 34 9.37 -31.53 -24.23
N TRP F 35 8.93 -32.80 -24.42
CA TRP F 35 8.28 -33.59 -23.40
C TRP F 35 9.12 -34.82 -23.13
N TYR F 36 9.34 -35.11 -21.84
CA TYR F 36 10.13 -36.23 -21.36
C TYR F 36 9.27 -37.15 -20.50
N GLN F 37 9.59 -38.45 -20.53
CA GLN F 37 9.02 -39.42 -19.62
C GLN F 37 10.17 -40.00 -18.83
N GLN F 38 10.04 -39.96 -17.50
CA GLN F 38 11.13 -40.42 -16.63
C GLN F 38 10.59 -41.53 -15.73
N LYS F 39 11.16 -42.73 -15.87
CA LYS F 39 10.86 -43.80 -14.93
C LYS F 39 11.84 -43.70 -13.77
N PRO F 40 11.51 -44.17 -12.54
CA PRO F 40 12.42 -44.11 -11.39
C PRO F 40 13.82 -44.62 -11.69
N GLY F 41 14.82 -43.87 -11.21
CA GLY F 41 16.22 -44.27 -11.29
C GLY F 41 16.87 -44.15 -12.68
N LYS F 42 16.16 -43.64 -13.69
CA LYS F 42 16.71 -43.54 -15.02
C LYS F 42 16.72 -42.07 -15.48
N ALA F 43 17.50 -41.81 -16.53
CA ALA F 43 17.61 -40.47 -17.09
C ALA F 43 16.35 -40.23 -17.93
N PRO F 44 15.87 -38.95 -18.06
CA PRO F 44 14.66 -38.65 -18.84
C PRO F 44 14.74 -39.16 -20.28
N LYS F 45 13.64 -39.70 -20.80
CA LYS F 45 13.51 -40.15 -22.19
C LYS F 45 12.68 -39.13 -22.95
N LEU F 46 13.14 -38.76 -24.15
CA LEU F 46 12.42 -37.74 -24.86
C LEU F 46 11.32 -38.35 -25.72
N LEU F 47 10.14 -37.70 -25.74
CA LEU F 47 8.99 -38.18 -26.50
C LEU F 47 8.69 -37.25 -27.67
N ILE F 48 8.51 -35.96 -27.32
CA ILE F 48 8.04 -34.92 -28.23
C ILE F 48 9.02 -33.74 -28.16
N TYR F 49 9.49 -33.29 -29.36
CA TYR F 49 10.37 -32.14 -29.49
C TYR F 49 9.77 -31.15 -30.47
N ASN F 50 10.18 -29.87 -30.37
CA ASN F 50 9.53 -28.80 -31.11
C ASN F 50 8.01 -28.87 -30.95
N ALA F 51 7.55 -29.15 -29.73
CA ALA F 51 6.15 -29.06 -29.37
C ALA F 51 5.30 -30.22 -29.89
N LYS F 52 5.56 -30.69 -31.13
CA LYS F 52 4.61 -31.51 -31.89
C LYS F 52 5.30 -32.70 -32.57
N THR F 53 6.63 -32.67 -32.73
CA THR F 53 7.35 -33.75 -33.42
C THR F 53 7.57 -34.93 -32.49
N LEU F 54 7.25 -36.13 -32.99
CA LEU F 54 7.40 -37.38 -32.27
C LEU F 54 8.81 -37.92 -32.48
N ALA F 55 9.49 -38.30 -31.40
CA ALA F 55 10.85 -38.85 -31.49
C ALA F 55 10.81 -40.29 -32.02
N ASP F 56 11.97 -40.82 -32.41
CA ASP F 56 12.10 -42.19 -32.91
C ASP F 56 11.63 -43.22 -31.87
N ALA F 57 10.92 -44.26 -32.35
CA ALA F 57 10.50 -45.40 -31.54
C ALA F 57 9.53 -44.99 -30.42
N VAL F 58 8.94 -43.79 -30.52
CA VAL F 58 7.90 -43.38 -29.58
C VAL F 58 6.57 -43.80 -30.16
N PRO F 59 5.72 -44.55 -29.44
CA PRO F 59 4.39 -44.91 -29.95
C PRO F 59 3.54 -43.69 -30.26
N SER F 60 2.65 -43.81 -31.25
CA SER F 60 1.93 -42.66 -31.76
C SER F 60 0.79 -42.27 -30.81
N ARG F 61 0.59 -43.03 -29.72
CA ARG F 61 -0.42 -42.63 -28.75
C ARG F 61 0.01 -41.31 -28.13
N PHE F 62 1.32 -41.02 -28.21
CA PHE F 62 1.89 -39.77 -27.70
C PHE F 62 1.77 -38.68 -28.75
N SER F 63 1.15 -37.56 -28.37
CA SER F 63 0.99 -36.46 -29.31
C SER F 63 1.10 -35.14 -28.57
N GLY F 64 1.84 -34.20 -29.15
CA GLY F 64 1.95 -32.89 -28.53
C GLY F 64 1.32 -31.79 -29.38
N SER F 65 0.70 -30.83 -28.70
CA SER F 65 0.23 -29.62 -29.36
C SER F 65 0.54 -28.40 -28.50
N GLY F 66 0.01 -27.26 -28.95
CA GLY F 66 0.21 -25.96 -28.33
C GLY F 66 1.10 -25.07 -29.18
N SER F 67 1.21 -23.81 -28.76
CA SER F 67 2.08 -22.80 -29.35
C SER F 67 2.18 -21.62 -28.39
N GLY F 68 3.17 -20.75 -28.57
CA GLY F 68 3.27 -19.59 -27.69
C GLY F 68 3.73 -19.93 -26.26
N THR F 69 2.75 -19.94 -25.35
CA THR F 69 2.98 -20.07 -23.90
C THR F 69 2.19 -21.25 -23.33
N ASP F 70 1.37 -21.88 -24.19
CA ASP F 70 0.51 -22.96 -23.76
C ASP F 70 0.75 -24.18 -24.65
N TYR F 71 1.18 -25.30 -24.03
CA TYR F 71 1.53 -26.55 -24.70
C TYR F 71 0.89 -27.76 -24.00
N THR F 72 0.65 -28.84 -24.77
CA THR F 72 -0.13 -29.98 -24.30
C THR F 72 0.45 -31.31 -24.80
N LEU F 73 0.70 -32.23 -23.87
CA LEU F 73 0.96 -33.63 -24.16
C LEU F 73 -0.33 -34.43 -23.99
N THR F 74 -0.67 -35.23 -25.01
CA THR F 74 -1.86 -36.07 -25.01
C THR F 74 -1.43 -37.53 -25.17
N ILE F 75 -1.92 -38.38 -24.27
CA ILE F 75 -1.79 -39.81 -24.46
C ILE F 75 -3.18 -40.37 -24.71
N SER F 76 -3.41 -40.91 -25.91
CA SER F 76 -4.76 -41.28 -26.34
C SER F 76 -5.29 -42.46 -25.52
N SER F 77 -4.52 -43.56 -25.48
CA SER F 77 -4.88 -44.75 -24.72
C SER F 77 -3.72 -45.11 -23.83
N LEU F 78 -3.76 -44.64 -22.59
CA LEU F 78 -2.69 -44.91 -21.63
C LEU F 78 -2.44 -46.41 -21.50
N GLN F 79 -1.17 -46.82 -21.62
CA GLN F 79 -0.80 -48.23 -21.56
C GLN F 79 -0.04 -48.50 -20.27
N PRO F 80 0.11 -49.78 -19.82
CA PRO F 80 0.83 -50.09 -18.58
C PRO F 80 2.21 -49.44 -18.45
N GLU F 81 2.95 -49.37 -19.56
CA GLU F 81 4.34 -48.91 -19.55
C GLU F 81 4.42 -47.39 -19.57
N ASP F 82 3.27 -46.70 -19.44
CA ASP F 82 3.23 -45.27 -19.59
C ASP F 82 3.07 -44.62 -18.22
N PHE F 83 3.01 -45.42 -17.16
CA PHE F 83 2.89 -44.83 -15.84
C PHE F 83 4.27 -44.37 -15.41
N ALA F 84 4.40 -43.07 -15.14
CA ALA F 84 5.73 -42.46 -15.06
C ALA F 84 5.58 -41.01 -14.62
N THR F 85 6.73 -40.32 -14.52
CA THR F 85 6.71 -38.87 -14.36
C THR F 85 7.01 -38.22 -15.71
N TYR F 86 6.24 -37.18 -16.04
CA TYR F 86 6.41 -36.47 -17.30
C TYR F 86 6.87 -35.04 -17.04
N TYR F 87 7.76 -34.55 -17.91
CA TYR F 87 8.38 -33.25 -17.74
C TYR F 87 8.37 -32.51 -19.08
N CYS F 88 8.25 -31.18 -19.00
CA CYS F 88 8.51 -30.36 -20.18
C CYS F 88 9.80 -29.55 -19.96
N GLN F 89 10.47 -29.22 -21.06
CA GLN F 89 11.67 -28.40 -21.00
C GLN F 89 11.64 -27.46 -22.19
N HIS F 90 12.17 -26.23 -22.07
CA HIS F 90 12.32 -25.44 -23.29
C HIS F 90 13.74 -25.52 -23.82
N PHE F 91 13.91 -25.26 -25.12
CA PHE F 91 15.19 -25.24 -25.79
C PHE F 91 15.35 -23.89 -26.49
N TRP F 92 14.94 -22.84 -25.82
CA TRP F 92 15.01 -21.50 -26.37
C TRP F 92 16.15 -20.70 -25.70
N SER F 93 15.85 -19.62 -24.95
CA SER F 93 16.88 -18.73 -24.43
C SER F 93 17.60 -19.37 -23.24
N ILE F 94 18.84 -18.98 -22.97
CA ILE F 94 19.50 -19.48 -21.77
C ILE F 94 18.92 -18.79 -20.54
N PRO F 95 18.79 -19.42 -19.35
CA PRO F 95 18.90 -20.87 -19.16
C PRO F 95 17.65 -21.61 -19.56
N TRP F 96 17.83 -22.77 -20.19
CA TRP F 96 16.75 -23.72 -20.39
C TRP F 96 16.22 -24.15 -19.02
N THR F 97 14.88 -24.28 -18.93
CA THR F 97 14.26 -24.65 -17.68
C THR F 97 13.25 -25.78 -17.93
N PHE F 98 12.97 -26.55 -16.88
CA PHE F 98 12.07 -27.70 -16.92
C PHE F 98 10.83 -27.44 -16.04
N GLY F 99 9.80 -28.25 -16.26
CA GLY F 99 8.60 -28.16 -15.46
C GLY F 99 8.73 -28.93 -14.14
N GLY F 100 7.73 -28.76 -13.28
CA GLY F 100 7.71 -29.41 -11.98
C GLY F 100 7.46 -30.90 -12.11
N GLY F 101 6.89 -31.34 -13.24
CA GLY F 101 6.57 -32.74 -13.47
C GLY F 101 5.09 -33.08 -13.22
N THR F 102 4.58 -34.06 -13.99
CA THR F 102 3.30 -34.70 -13.78
C THR F 102 3.54 -36.18 -13.55
N LYS F 103 3.20 -36.68 -12.35
CA LYS F 103 3.35 -38.08 -12.01
C LYS F 103 2.03 -38.81 -12.27
N VAL F 104 2.10 -39.83 -13.12
CA VAL F 104 0.90 -40.48 -13.63
C VAL F 104 0.86 -41.89 -13.04
N GLU F 105 -0.13 -42.15 -12.19
CA GLU F 105 -0.26 -43.40 -11.46
C GLU F 105 -1.47 -44.19 -11.92
N ILE F 106 -1.51 -45.48 -11.56
CA ILE F 106 -2.58 -46.41 -11.96
C ILE F 106 -3.74 -46.31 -10.98
N LYS F 107 -4.96 -46.13 -11.51
CA LYS F 107 -6.13 -46.27 -10.67
C LYS F 107 -6.48 -47.75 -10.53
N ARG F 108 -7.00 -48.10 -9.38
CA ARG F 108 -7.26 -49.46 -8.96
C ARG F 108 -8.47 -49.39 -8.02
N THR F 109 -9.09 -50.54 -7.74
CA THR F 109 -10.14 -50.57 -6.73
C THR F 109 -9.52 -50.42 -5.32
N VAL F 110 -10.35 -50.00 -4.36
CA VAL F 110 -9.91 -49.76 -3.00
C VAL F 110 -9.46 -51.10 -2.43
N ALA F 111 -8.38 -51.07 -1.64
CA ALA F 111 -7.84 -52.25 -0.97
C ALA F 111 -7.39 -51.89 0.44
N ALA F 112 -7.99 -52.54 1.45
CA ALA F 112 -7.68 -52.25 2.84
C ALA F 112 -6.34 -52.87 3.20
N PRO F 113 -5.48 -52.16 3.97
CA PRO F 113 -4.17 -52.72 4.33
C PRO F 113 -4.24 -53.84 5.37
N SER F 114 -3.20 -54.68 5.35
CA SER F 114 -2.85 -55.56 6.45
C SER F 114 -1.91 -54.77 7.34
N VAL F 115 -2.21 -54.73 8.64
CA VAL F 115 -1.47 -53.88 9.55
C VAL F 115 -0.73 -54.74 10.57
N PHE F 116 0.59 -54.55 10.66
CA PHE F 116 1.39 -55.22 11.66
C PHE F 116 2.17 -54.20 12.48
N ILE F 117 2.38 -54.52 13.74
CA ILE F 117 3.25 -53.75 14.61
C ILE F 117 4.39 -54.65 15.10
N PHE F 118 5.59 -54.06 15.10
CA PHE F 118 6.80 -54.72 15.54
C PHE F 118 7.37 -53.96 16.72
N PRO F 119 7.64 -54.63 17.86
CA PRO F 119 8.25 -53.93 18.99
C PRO F 119 9.73 -53.73 18.68
N PRO F 120 10.48 -52.93 19.46
CA PRO F 120 11.92 -52.79 19.25
C PRO F 120 12.57 -54.08 19.71
N SER F 121 13.62 -54.54 19.00
CA SER F 121 14.45 -55.67 19.44
C SER F 121 15.12 -55.39 20.80
N ASP F 122 15.35 -56.43 21.61
CA ASP F 122 16.00 -56.22 22.90
C ASP F 122 17.39 -55.64 22.69
N GLU F 123 17.99 -56.01 21.55
CA GLU F 123 19.31 -55.55 21.21
C GLU F 123 19.31 -54.03 21.08
N GLN F 124 18.40 -53.50 20.24
CA GLN F 124 18.34 -52.07 20.00
C GLN F 124 18.05 -51.36 21.31
N LEU F 125 17.19 -51.96 22.14
CA LEU F 125 16.75 -51.36 23.40
C LEU F 125 17.95 -51.15 24.33
N LYS F 126 18.80 -52.17 24.40
CA LYS F 126 19.99 -52.13 25.24
C LYS F 126 20.89 -50.97 24.82
N SER F 127 20.98 -50.64 23.52
CA SER F 127 21.80 -49.52 23.05
C SER F 127 21.15 -48.16 23.29
N GLY F 128 19.97 -48.13 23.90
CA GLY F 128 19.39 -46.91 24.45
C GLY F 128 18.48 -46.12 23.50
N THR F 129 18.01 -46.72 22.40
CA THR F 129 16.93 -46.16 21.58
C THR F 129 15.93 -47.27 21.20
N ALA F 130 14.67 -46.91 20.97
CA ALA F 130 13.64 -47.91 20.69
C ALA F 130 12.87 -47.53 19.44
N SER F 131 12.98 -48.39 18.42
CA SER F 131 12.23 -48.15 17.19
C SER F 131 10.97 -49.00 17.17
N VAL F 132 9.79 -48.35 17.21
CA VAL F 132 8.56 -49.13 17.04
C VAL F 132 8.09 -48.98 15.60
N VAL F 133 7.84 -50.10 14.92
CA VAL F 133 7.54 -50.00 13.50
C VAL F 133 6.10 -50.46 13.30
N CYS F 134 5.39 -49.73 12.43
CA CYS F 134 4.05 -50.08 12.01
C CYS F 134 4.03 -50.17 10.49
N LEU F 135 3.49 -51.27 9.95
CA LEU F 135 3.53 -51.56 8.53
C LEU F 135 2.11 -51.62 7.97
N LEU F 136 1.84 -50.84 6.92
CA LEU F 136 0.64 -50.97 6.11
C LEU F 136 0.97 -51.68 4.80
N ASN F 137 0.45 -52.90 4.63
CA ASN F 137 0.87 -53.67 3.48
C ASN F 137 -0.22 -53.74 2.42
N ASN F 138 0.15 -53.46 1.16
CA ASN F 138 -0.66 -53.71 -0.02
C ASN F 138 -2.03 -53.06 0.06
N PHE F 139 -2.10 -51.73 0.04
CA PHE F 139 -3.37 -51.02 0.17
C PHE F 139 -3.53 -50.02 -0.98
N TYR F 140 -4.76 -49.54 -1.18
CA TYR F 140 -5.08 -48.52 -2.16
C TYR F 140 -6.29 -47.74 -1.67
N PRO F 141 -6.32 -46.40 -1.84
CA PRO F 141 -5.17 -45.63 -2.35
C PRO F 141 -4.18 -45.19 -1.27
N ARG F 142 -3.27 -44.26 -1.64
CA ARG F 142 -2.11 -43.93 -0.81
C ARG F 142 -2.55 -43.34 0.52
N GLU F 143 -3.64 -42.58 0.50
CA GLU F 143 -4.10 -41.79 1.63
C GLU F 143 -4.61 -42.73 2.72
N ALA F 144 -3.95 -42.68 3.88
CA ALA F 144 -4.35 -43.44 5.05
C ALA F 144 -3.86 -42.69 6.27
N LYS F 145 -4.74 -42.47 7.26
CA LYS F 145 -4.30 -41.84 8.49
C LYS F 145 -3.70 -42.91 9.40
N VAL F 146 -2.37 -42.84 9.63
CA VAL F 146 -1.67 -43.69 10.57
C VAL F 146 -1.37 -42.86 11.81
N GLN F 147 -1.96 -43.19 12.95
CA GLN F 147 -1.66 -42.42 14.14
C GLN F 147 -1.09 -43.32 15.20
N TRP F 148 -0.18 -42.79 16.05
CA TRP F 148 0.39 -43.58 17.12
C TRP F 148 -0.22 -43.16 18.46
N LYS F 149 -0.58 -44.18 19.25
CA LYS F 149 -1.17 -43.98 20.55
C LYS F 149 -0.34 -44.77 21.55
N VAL F 150 0.21 -44.09 22.55
CA VAL F 150 0.97 -44.76 23.59
C VAL F 150 0.30 -44.50 24.93
N ASP F 151 -0.20 -45.58 25.53
CA ASP F 151 -1.14 -45.55 26.64
C ASP F 151 -2.25 -44.55 26.32
N ASN F 152 -2.70 -44.62 25.07
CA ASN F 152 -3.95 -44.03 24.61
C ASN F 152 -3.80 -42.55 24.28
N ALA F 153 -2.59 -42.00 24.43
CA ALA F 153 -2.29 -40.63 24.11
C ALA F 153 -1.77 -40.53 22.68
N LEU F 154 -2.27 -39.56 21.92
CA LEU F 154 -1.85 -39.36 20.54
C LEU F 154 -0.45 -38.80 20.48
N GLN F 155 0.36 -39.34 19.57
CA GLN F 155 1.76 -38.96 19.43
C GLN F 155 1.93 -37.80 18.47
N SER F 156 3.04 -37.07 18.58
CA SER F 156 3.37 -36.01 17.64
C SER F 156 4.89 -35.83 17.53
N GLY F 157 5.39 -35.70 16.29
CA GLY F 157 6.78 -35.31 16.07
C GLY F 157 7.74 -36.49 16.17
N ASN F 158 7.28 -37.67 16.60
CA ASN F 158 8.06 -38.80 17.03
C ASN F 158 8.35 -39.78 15.90
N SER F 159 7.54 -39.66 14.83
CA SER F 159 7.38 -40.73 13.86
C SER F 159 7.71 -40.20 12.48
N GLN F 160 8.17 -41.07 11.58
CA GLN F 160 8.33 -40.77 10.16
C GLN F 160 7.86 -41.97 9.35
N GLU F 161 7.33 -41.66 8.16
CA GLU F 161 6.73 -42.67 7.30
C GLU F 161 7.48 -42.76 5.98
N SER F 162 7.39 -43.89 5.31
CA SER F 162 7.98 -44.07 4.00
C SER F 162 7.01 -44.92 3.17
N VAL F 163 6.81 -44.56 1.91
CA VAL F 163 5.82 -45.25 1.09
C VAL F 163 6.49 -45.87 -0.13
N THR F 164 6.04 -47.07 -0.53
CA THR F 164 6.61 -47.63 -1.75
C THR F 164 5.92 -47.00 -2.96
N GLU F 165 6.51 -47.31 -4.11
CA GLU F 165 5.90 -46.99 -5.38
C GLU F 165 4.85 -48.06 -5.62
N GLN F 166 3.90 -47.78 -6.51
CA GLN F 166 2.86 -48.73 -6.84
C GLN F 166 3.47 -50.07 -7.23
N ASP F 167 2.99 -51.14 -6.57
CA ASP F 167 3.48 -52.49 -6.79
C ASP F 167 3.22 -52.92 -8.23
N SER F 168 4.22 -53.61 -8.79
CA SER F 168 4.17 -53.95 -10.19
C SER F 168 3.20 -55.10 -10.46
N LYS F 169 2.76 -55.81 -9.41
CA LYS F 169 1.86 -56.94 -9.61
C LYS F 169 0.42 -56.54 -9.32
N ASP F 170 0.15 -55.81 -8.22
CA ASP F 170 -1.24 -55.54 -7.86
C ASP F 170 -1.57 -54.05 -7.78
N SER F 171 -0.63 -53.17 -8.15
CA SER F 171 -0.87 -51.74 -8.24
C SER F 171 -1.11 -51.12 -6.86
N THR F 172 -0.72 -51.76 -5.76
CA THR F 172 -0.99 -51.16 -4.46
C THR F 172 0.23 -50.45 -3.89
N TYR F 173 0.03 -49.81 -2.74
CA TYR F 173 1.10 -49.16 -1.99
C TYR F 173 1.38 -49.95 -0.72
N SER F 174 2.59 -49.74 -0.17
CA SER F 174 2.89 -50.14 1.19
C SER F 174 3.54 -48.96 1.91
N LEU F 175 3.22 -48.86 3.21
CA LEU F 175 3.72 -47.75 3.99
C LEU F 175 4.30 -48.32 5.26
N SER F 176 5.41 -47.74 5.73
CA SER F 176 5.97 -48.05 7.03
C SER F 176 5.99 -46.76 7.84
N SER F 177 5.73 -46.89 9.14
CA SER F 177 5.87 -45.77 10.04
C SER F 177 6.74 -46.19 11.25
N THR F 178 7.75 -45.39 11.54
CA THR F 178 8.63 -45.70 12.67
C THR F 178 8.45 -44.66 13.77
N LEU F 179 8.06 -45.11 14.98
CA LEU F 179 8.08 -44.26 16.16
C LEU F 179 9.43 -44.45 16.86
N THR F 180 10.11 -43.34 17.14
CA THR F 180 11.44 -43.40 17.74
C THR F 180 11.40 -42.76 19.13
N LEU F 181 11.60 -43.60 20.17
CA LEU F 181 11.79 -43.07 21.49
C LEU F 181 13.11 -43.55 22.06
N SER F 182 13.72 -42.73 22.93
CA SER F 182 14.87 -43.16 23.72
C SER F 182 14.42 -44.27 24.66
N LYS F 183 15.33 -45.17 25.06
CA LYS F 183 14.92 -46.28 25.92
C LYS F 183 14.24 -45.77 27.18
N ALA F 184 14.74 -44.67 27.74
CA ALA F 184 14.18 -44.10 28.96
C ALA F 184 12.70 -43.78 28.75
N ASP F 185 12.42 -43.03 27.66
CA ASP F 185 11.09 -42.58 27.28
C ASP F 185 10.21 -43.80 26.93
N TYR F 186 10.79 -44.79 26.26
CA TYR F 186 10.02 -45.95 25.86
C TYR F 186 9.47 -46.66 27.09
N GLU F 187 10.20 -46.58 28.21
CA GLU F 187 9.92 -47.43 29.35
C GLU F 187 8.94 -46.77 30.32
N LYS F 188 8.50 -45.55 29.98
CA LYS F 188 7.51 -44.84 30.78
C LYS F 188 6.10 -45.39 30.56
N HIS F 189 5.91 -46.20 29.51
CA HIS F 189 4.58 -46.57 29.02
C HIS F 189 4.49 -48.06 28.68
N LYS F 190 3.26 -48.58 28.58
CA LYS F 190 3.01 -50.00 28.43
C LYS F 190 2.38 -50.33 27.09
N VAL F 191 1.38 -49.55 26.66
CA VAL F 191 0.64 -49.90 25.46
C VAL F 191 1.12 -49.03 24.30
N TYR F 192 1.62 -49.73 23.26
CA TYR F 192 2.04 -49.13 22.00
C TYR F 192 1.05 -49.58 20.93
N ALA F 193 0.34 -48.63 20.31
CA ALA F 193 -0.66 -48.95 19.31
C ALA F 193 -0.43 -48.14 18.04
N CYS F 194 -0.54 -48.79 16.87
CA CYS F 194 -0.77 -47.98 15.69
C CYS F 194 -2.15 -48.19 15.09
N GLU F 195 -2.76 -47.06 14.72
CA GLU F 195 -4.15 -47.00 14.32
C GLU F 195 -4.21 -46.53 12.88
N VAL F 196 -4.73 -47.40 12.00
CA VAL F 196 -4.86 -47.04 10.60
C VAL F 196 -6.32 -46.75 10.28
N THR F 197 -6.59 -45.58 9.68
CA THR F 197 -7.92 -45.23 9.21
C THR F 197 -7.93 -45.10 7.69
N GLN F 198 -8.97 -45.69 7.07
CA GLN F 198 -9.09 -45.76 5.62
C GLN F 198 -10.58 -45.78 5.31
N GLY F 199 -11.05 -44.63 4.83
CA GLY F 199 -12.47 -44.35 4.68
C GLY F 199 -13.17 -44.38 6.04
N THR F 200 -14.05 -45.38 6.20
CA THR F 200 -14.82 -45.54 7.42
C THR F 200 -14.51 -46.90 8.05
N THR F 201 -13.21 -47.29 8.04
CA THR F 201 -12.67 -48.38 8.85
C THR F 201 -11.38 -47.90 9.54
N SER F 202 -11.29 -48.19 10.85
CA SER F 202 -10.09 -48.00 11.65
C SER F 202 -9.64 -49.32 12.26
N VAL F 203 -8.42 -49.78 11.94
CA VAL F 203 -7.81 -50.94 12.57
C VAL F 203 -6.69 -50.47 13.50
N THR F 204 -6.73 -50.92 14.76
CA THR F 204 -5.62 -50.66 15.66
C THR F 204 -4.89 -51.97 16.03
N LYS F 205 -3.60 -52.05 15.69
CA LYS F 205 -2.71 -53.10 16.11
C LYS F 205 -1.84 -52.58 17.26
N SER F 206 -1.72 -53.37 18.32
CA SER F 206 -0.96 -52.89 19.47
C SER F 206 -0.11 -54.03 20.05
N PHE F 207 0.80 -53.66 20.95
CA PHE F 207 1.46 -54.60 21.83
C PHE F 207 1.68 -53.95 23.18
N ASN F 208 1.92 -54.79 24.18
CA ASN F 208 2.34 -54.30 25.49
C ASN F 208 3.83 -54.58 25.64
N ARG F 209 4.55 -53.60 26.19
CA ARG F 209 5.98 -53.71 26.49
C ARG F 209 6.23 -54.91 27.43
N GLY F 210 7.18 -55.76 27.02
CA GLY F 210 7.54 -57.00 27.69
C GLY F 210 6.56 -58.14 27.39
N GLU F 211 5.90 -58.15 26.23
CA GLU F 211 5.01 -59.23 25.82
C GLU F 211 4.25 -59.77 27.05
N THR G 13 42.93 -26.73 -54.36
CA THR G 13 44.44 -26.68 -54.31
C THR G 13 44.92 -26.12 -52.96
N GLU G 14 45.74 -25.06 -52.96
CA GLU G 14 46.12 -24.34 -51.76
C GLU G 14 45.46 -22.95 -51.73
N SER G 15 44.91 -22.52 -52.89
CA SER G 15 44.82 -21.10 -53.22
C SER G 15 43.49 -20.76 -53.92
N TYR G 16 43.13 -19.47 -53.96
CA TYR G 16 42.01 -18.87 -54.69
C TYR G 16 40.69 -19.22 -54.02
N CYS G 17 39.74 -18.26 -53.93
CA CYS G 17 38.91 -18.29 -52.73
C CYS G 17 37.46 -18.73 -52.93
N GLY G 18 36.98 -18.68 -54.17
CA GLY G 18 35.61 -19.06 -54.49
C GLY G 18 34.78 -17.81 -54.75
N PRO G 19 33.99 -17.75 -55.85
CA PRO G 19 33.54 -16.48 -56.43
C PRO G 19 32.74 -15.59 -55.47
N CYS G 20 33.32 -14.44 -55.10
CA CYS G 20 32.74 -13.50 -54.13
C CYS G 20 32.53 -12.13 -54.74
N PRO G 21 31.70 -11.25 -54.15
CA PRO G 21 31.66 -9.85 -54.58
C PRO G 21 33.03 -9.21 -54.33
N LYS G 22 33.35 -8.18 -55.13
CA LYS G 22 34.63 -7.51 -55.03
C LYS G 22 34.72 -6.82 -53.67
N ASN G 23 35.92 -6.86 -53.09
CA ASN G 23 36.25 -6.13 -51.88
C ASN G 23 35.50 -6.70 -50.69
N TRP G 24 35.21 -8.02 -50.74
CA TRP G 24 34.61 -8.71 -49.62
C TRP G 24 35.59 -9.71 -49.04
N ILE G 25 35.39 -10.04 -47.77
CA ILE G 25 36.21 -11.02 -47.08
C ILE G 25 35.81 -12.41 -47.58
N CYS G 26 36.79 -13.25 -47.92
CA CYS G 26 36.52 -14.59 -48.43
C CYS G 26 37.17 -15.66 -47.55
N TYR G 27 36.35 -16.59 -47.05
CA TYR G 27 36.78 -17.55 -46.05
C TYR G 27 35.99 -18.85 -46.17
N LYS G 28 36.71 -19.90 -46.55
CA LYS G 28 36.20 -21.26 -46.66
C LYS G 28 35.09 -21.28 -47.69
N ASN G 29 35.33 -20.55 -48.79
CA ASN G 29 34.44 -20.51 -49.94
C ASN G 29 33.18 -19.73 -49.61
N ASN G 30 33.29 -18.76 -48.69
CA ASN G 30 32.15 -17.98 -48.24
C ASN G 30 32.52 -16.50 -48.24
N CYS G 31 31.57 -15.62 -48.54
CA CYS G 31 31.88 -14.19 -48.64
C CYS G 31 31.16 -13.43 -47.54
N TYR G 32 31.90 -12.53 -46.87
CA TYR G 32 31.33 -11.71 -45.82
C TYR G 32 31.68 -10.23 -46.06
N GLN G 33 30.85 -9.34 -45.50
CA GLN G 33 31.22 -7.95 -45.34
C GLN G 33 30.56 -7.39 -44.07
N PHE G 34 31.28 -6.53 -43.35
CA PHE G 34 30.80 -5.85 -42.15
C PHE G 34 30.47 -4.41 -42.50
N PHE G 35 29.34 -3.89 -42.01
CA PHE G 35 28.87 -2.60 -42.47
C PHE G 35 28.67 -1.66 -41.29
N ASP G 36 29.25 -0.46 -41.40
CA ASP G 36 29.40 0.53 -40.35
C ASP G 36 28.11 1.33 -40.17
N GLU G 37 27.29 1.39 -41.23
CA GLU G 37 26.05 2.18 -41.22
C GLU G 37 25.01 1.53 -40.32
N SER G 38 24.51 2.28 -39.34
CA SER G 38 23.45 1.82 -38.46
C SER G 38 22.11 1.77 -39.19
N LYS G 39 21.58 0.56 -39.37
CA LYS G 39 20.34 0.31 -40.07
C LYS G 39 19.48 -0.65 -39.24
N ASN G 40 18.16 -0.56 -39.40
CA ASN G 40 17.26 -1.52 -38.78
C ASN G 40 17.30 -2.82 -39.59
N TRP G 41 16.61 -3.85 -39.10
CA TRP G 41 16.71 -5.15 -39.73
C TRP G 41 16.30 -5.06 -41.20
N TYR G 42 15.16 -4.42 -41.49
CA TYR G 42 14.62 -4.45 -42.84
C TYR G 42 15.58 -3.74 -43.81
N GLU G 43 16.10 -2.56 -43.40
CA GLU G 43 17.01 -1.80 -44.24
C GLU G 43 18.30 -2.60 -44.47
N SER G 44 18.73 -3.30 -43.42
CA SER G 44 19.93 -4.12 -43.46
C SER G 44 19.75 -5.26 -44.46
N GLN G 45 18.60 -5.93 -44.38
CA GLN G 45 18.24 -7.03 -45.27
C GLN G 45 18.28 -6.54 -46.70
N ALA G 46 17.63 -5.37 -46.93
CA ALA G 46 17.50 -4.78 -48.25
C ALA G 46 18.89 -4.56 -48.83
N SER G 47 19.79 -4.00 -48.01
CA SER G 47 21.15 -3.73 -48.41
C SER G 47 21.80 -4.99 -48.93
N CYS G 48 21.73 -6.08 -48.12
CA CYS G 48 22.42 -7.30 -48.47
C CYS G 48 21.83 -7.85 -49.75
N MET G 49 20.49 -7.82 -49.83
CA MET G 49 19.77 -8.25 -51.02
C MET G 49 20.36 -7.49 -52.22
N SER G 50 20.49 -6.16 -52.09
CA SER G 50 20.94 -5.28 -53.16
C SER G 50 22.20 -5.83 -53.81
N GLN G 51 23.02 -6.54 -53.03
CA GLN G 51 24.33 -6.99 -53.48
C GLN G 51 24.30 -8.49 -53.75
N ASN G 52 23.15 -9.03 -54.16
CA ASN G 52 22.97 -10.44 -54.46
C ASN G 52 23.41 -11.32 -53.29
N ALA G 53 23.19 -10.81 -52.07
CA ALA G 53 23.55 -11.55 -50.87
C ALA G 53 22.41 -11.50 -49.86
N SER G 54 22.74 -11.80 -48.62
CA SER G 54 21.75 -11.92 -47.56
C SER G 54 22.43 -11.66 -46.21
N LEU G 55 21.64 -11.42 -45.16
CA LEU G 55 22.23 -11.19 -43.85
C LEU G 55 22.91 -12.48 -43.40
N LEU G 56 23.89 -12.36 -42.48
CA LEU G 56 24.72 -13.47 -42.05
C LEU G 56 23.82 -14.62 -41.66
N LYS G 57 24.05 -15.79 -42.28
CA LYS G 57 23.44 -17.03 -41.86
C LYS G 57 24.54 -17.87 -41.20
N VAL G 58 24.31 -18.27 -39.94
CA VAL G 58 25.25 -19.14 -39.24
C VAL G 58 24.83 -20.59 -39.50
N TYR G 59 25.78 -21.43 -39.92
CA TYR G 59 25.47 -22.81 -40.23
C TYR G 59 26.48 -23.77 -39.58
N SER G 60 27.74 -23.33 -39.48
CA SER G 60 28.78 -24.22 -39.01
C SER G 60 29.78 -23.48 -38.13
N LYS G 61 30.12 -24.09 -37.00
CA LYS G 61 31.06 -23.49 -36.07
C LYS G 61 32.49 -23.66 -36.59
N GLU G 62 32.71 -24.66 -37.46
CA GLU G 62 34.04 -24.99 -37.97
C GLU G 62 34.31 -24.14 -39.20
N ASP G 63 33.30 -24.02 -40.06
CA ASP G 63 33.44 -23.34 -41.33
C ASP G 63 33.40 -21.84 -41.13
N GLN G 64 32.82 -21.41 -40.02
CA GLN G 64 32.67 -19.98 -39.79
C GLN G 64 33.31 -19.62 -38.46
N ASP G 65 34.46 -20.23 -38.18
CA ASP G 65 35.12 -20.04 -36.90
C ASP G 65 35.62 -18.59 -36.75
N LEU G 66 35.82 -17.87 -37.87
CA LEU G 66 36.25 -16.48 -37.80
C LEU G 66 35.22 -15.64 -37.03
N LEU G 67 33.96 -16.08 -36.98
CA LEU G 67 32.94 -15.30 -36.29
C LEU G 67 33.23 -15.28 -34.80
N LYS G 68 34.18 -16.11 -34.35
CA LYS G 68 34.57 -16.16 -32.96
C LYS G 68 35.35 -14.90 -32.55
N LEU G 69 35.91 -14.19 -33.53
CA LEU G 69 36.87 -13.13 -33.31
C LEU G 69 36.26 -11.74 -33.52
N VAL G 70 35.07 -11.66 -34.13
CA VAL G 70 34.46 -10.36 -34.41
C VAL G 70 33.79 -9.88 -33.13
N LYS G 71 33.91 -8.58 -32.84
CA LYS G 71 33.56 -8.18 -31.49
C LYS G 71 32.13 -7.71 -31.34
N SER G 72 31.83 -6.57 -31.97
CA SER G 72 30.61 -5.93 -31.53
C SER G 72 29.40 -6.75 -31.98
N TYR G 73 28.19 -6.24 -31.68
CA TYR G 73 26.94 -6.88 -32.02
C TYR G 73 26.45 -6.35 -33.38
N HIS G 74 25.88 -7.24 -34.18
CA HIS G 74 25.55 -6.97 -35.58
C HIS G 74 24.24 -7.67 -35.96
N TRP G 75 23.52 -7.16 -36.98
CA TRP G 75 22.34 -7.88 -37.49
C TRP G 75 22.81 -9.12 -38.24
N MET G 76 22.10 -10.25 -38.03
CA MET G 76 22.20 -11.45 -38.86
C MET G 76 20.80 -11.78 -39.37
N GLY G 77 20.74 -12.74 -40.30
CA GLY G 77 19.51 -13.11 -40.98
C GLY G 77 18.55 -14.01 -40.20
N LEU G 78 18.49 -13.85 -38.87
CA LEU G 78 17.62 -14.65 -38.02
C LEU G 78 16.44 -13.82 -37.52
N VAL G 79 15.23 -14.28 -37.83
CA VAL G 79 14.01 -13.54 -37.61
C VAL G 79 12.89 -14.48 -37.14
N HIS G 80 11.98 -13.93 -36.34
CA HIS G 80 10.69 -14.51 -36.06
C HIS G 80 9.67 -13.80 -36.96
N ILE G 81 9.02 -14.55 -37.87
CA ILE G 81 7.87 -14.00 -38.57
C ILE G 81 6.62 -14.32 -37.77
N PRO G 82 5.96 -13.36 -37.08
CA PRO G 82 4.89 -13.65 -36.10
C PRO G 82 3.78 -14.62 -36.52
N THR G 83 3.83 -15.03 -37.79
CA THR G 83 2.87 -15.94 -38.41
C THR G 83 3.26 -17.39 -38.15
N ASN G 84 4.54 -17.74 -38.36
CA ASN G 84 4.98 -19.13 -38.44
C ASN G 84 5.15 -19.73 -37.05
N GLY G 85 5.27 -18.87 -36.02
CA GLY G 85 5.37 -19.32 -34.65
C GLY G 85 6.81 -19.62 -34.18
N SER G 86 7.69 -20.06 -35.10
CA SER G 86 9.07 -20.41 -34.77
C SER G 86 10.06 -19.38 -35.33
N TRP G 87 11.32 -19.44 -34.88
CA TRP G 87 12.34 -18.54 -35.41
C TRP G 87 12.95 -19.22 -36.63
N GLN G 88 13.51 -18.42 -37.53
CA GLN G 88 13.97 -18.93 -38.82
C GLN G 88 15.05 -18.05 -39.43
N TRP G 89 15.89 -18.67 -40.26
CA TRP G 89 16.86 -17.97 -41.06
C TRP G 89 16.19 -17.37 -42.30
N GLU G 90 16.86 -16.36 -42.87
CA GLU G 90 16.37 -15.63 -44.02
C GLU G 90 15.90 -16.60 -45.11
N ASP G 91 16.70 -17.62 -45.40
CA ASP G 91 16.44 -18.55 -46.48
C ASP G 91 15.30 -19.52 -46.14
N GLY G 92 14.91 -19.58 -44.87
CA GLY G 92 13.75 -20.38 -44.49
C GLY G 92 14.08 -21.67 -43.75
N SER G 93 15.35 -21.91 -43.42
CA SER G 93 15.75 -22.94 -42.47
C SER G 93 15.27 -22.59 -41.07
N ILE G 94 15.07 -23.62 -40.23
CA ILE G 94 14.73 -23.48 -38.82
C ILE G 94 16.02 -23.17 -38.04
N LEU G 95 15.91 -22.64 -36.81
CA LEU G 95 17.10 -22.52 -35.98
C LEU G 95 17.23 -23.79 -35.14
N SER G 96 18.37 -24.49 -35.28
CA SER G 96 18.70 -25.61 -34.39
C SER G 96 19.12 -25.05 -33.04
N PRO G 97 18.55 -25.59 -31.93
CA PRO G 97 18.84 -25.05 -30.60
C PRO G 97 20.29 -25.26 -30.19
N ASN G 98 21.03 -26.00 -31.05
CA ASN G 98 22.42 -26.31 -30.79
C ASN G 98 23.36 -25.20 -31.29
N LEU G 99 22.86 -24.42 -32.26
CA LEU G 99 23.76 -23.64 -33.09
C LEU G 99 24.26 -22.43 -32.31
N LEU G 100 23.33 -21.64 -31.76
CA LEU G 100 23.70 -20.42 -31.09
C LEU G 100 23.26 -20.49 -29.63
N THR G 101 23.90 -19.70 -28.79
CA THR G 101 23.36 -19.40 -27.48
C THR G 101 22.46 -18.17 -27.64
N ILE G 102 21.16 -18.30 -27.32
CA ILE G 102 20.23 -17.20 -27.48
C ILE G 102 20.06 -16.50 -26.14
N ILE G 103 20.29 -15.17 -26.12
CA ILE G 103 20.03 -14.33 -24.95
C ILE G 103 18.89 -13.37 -25.26
N GLU G 104 18.00 -13.14 -24.28
CA GLU G 104 16.94 -12.14 -24.41
C GLU G 104 17.32 -10.88 -23.61
N MET G 105 17.98 -9.91 -24.29
CA MET G 105 18.34 -8.67 -23.62
C MET G 105 17.18 -7.66 -23.67
N GLN G 106 16.64 -7.49 -24.88
CA GLN G 106 15.47 -6.66 -25.17
C GLN G 106 14.37 -7.60 -25.67
N LYS G 107 13.22 -7.10 -26.13
CA LYS G 107 12.22 -8.04 -26.65
C LYS G 107 11.80 -7.66 -28.05
N GLY G 108 11.93 -8.57 -29.01
CA GLY G 108 11.65 -8.28 -30.40
C GLY G 108 11.64 -9.56 -31.23
N ASP G 109 11.62 -9.41 -32.56
CA ASP G 109 11.43 -10.52 -33.48
C ASP G 109 12.62 -10.71 -34.42
N CYS G 110 13.73 -10.03 -34.09
CA CYS G 110 14.97 -10.16 -34.84
C CYS G 110 16.11 -10.48 -33.87
N ALA G 111 17.26 -10.87 -34.43
CA ALA G 111 18.39 -11.22 -33.58
C ALA G 111 19.69 -10.64 -34.13
N LEU G 112 20.50 -10.16 -33.17
CA LEU G 112 21.84 -9.67 -33.38
C LEU G 112 22.82 -10.82 -33.16
N TYR G 113 23.93 -10.83 -33.89
CA TYR G 113 25.02 -11.75 -33.65
C TYR G 113 26.08 -11.13 -32.74
N ALA G 114 26.60 -11.88 -31.77
CA ALA G 114 27.73 -11.35 -31.02
C ALA G 114 28.76 -12.45 -30.81
N SER G 115 29.96 -11.99 -30.37
CA SER G 115 30.82 -12.68 -29.42
C SER G 115 31.29 -13.98 -30.03
N SER G 116 31.03 -15.09 -29.31
CA SER G 116 31.14 -16.45 -29.79
C SER G 116 29.78 -17.14 -29.93
N PHE G 117 29.28 -17.14 -31.17
CA PHE G 117 28.06 -17.82 -31.59
C PHE G 117 26.96 -17.60 -30.57
N LYS G 118 26.75 -16.31 -30.24
CA LYS G 118 25.59 -15.90 -29.47
C LYS G 118 24.55 -15.32 -30.43
N GLY G 119 23.29 -15.29 -29.99
CA GLY G 119 22.20 -14.54 -30.61
C GLY G 119 21.50 -13.65 -29.57
N TYR G 120 21.59 -12.34 -29.75
CA TYR G 120 20.92 -11.39 -28.88
C TYR G 120 19.60 -11.00 -29.54
N ILE G 121 18.50 -11.11 -28.77
CA ILE G 121 17.18 -10.82 -29.29
C ILE G 121 16.97 -9.31 -29.18
N GLU G 122 16.60 -8.70 -30.31
CA GLU G 122 16.58 -7.25 -30.48
C GLU G 122 15.32 -6.79 -31.24
N ASN G 123 14.78 -5.62 -30.83
CA ASN G 123 13.70 -4.95 -31.56
C ASN G 123 14.14 -4.66 -32.99
N CYS G 124 13.37 -5.13 -33.98
CA CYS G 124 13.80 -5.07 -35.37
C CYS G 124 13.95 -3.64 -35.84
N SER G 125 13.28 -2.70 -35.14
CA SER G 125 13.35 -1.31 -35.54
C SER G 125 14.66 -0.63 -35.10
N THR G 126 15.32 -1.13 -34.04
CA THR G 126 16.49 -0.43 -33.50
C THR G 126 17.68 -0.59 -34.45
N PRO G 127 18.27 0.53 -34.92
CA PRO G 127 19.36 0.48 -35.90
C PRO G 127 20.65 -0.09 -35.31
N ASN G 128 21.32 -0.96 -36.05
CA ASN G 128 22.58 -1.58 -35.64
C ASN G 128 23.47 -1.78 -36.87
N THR G 129 24.75 -2.05 -36.66
CA THR G 129 25.62 -2.46 -37.75
C THR G 129 25.13 -3.81 -38.27
N TYR G 130 25.58 -4.25 -39.45
CA TYR G 130 25.13 -5.52 -39.99
C TYR G 130 26.26 -6.29 -40.69
N ILE G 131 26.06 -7.59 -40.91
CA ILE G 131 26.97 -8.47 -41.63
C ILE G 131 26.20 -9.12 -42.78
N CYS G 132 26.71 -8.96 -44.00
CA CYS G 132 26.11 -9.69 -45.11
C CYS G 132 26.97 -10.90 -45.41
N MET G 133 26.36 -11.91 -46.07
CA MET G 133 27.03 -13.15 -46.42
C MET G 133 26.49 -13.62 -47.76
N GLN G 134 27.39 -14.10 -48.60
CA GLN G 134 26.99 -14.66 -49.88
C GLN G 134 27.74 -15.97 -50.03
N ARG G 135 26.99 -16.98 -50.44
CA ARG G 135 27.56 -18.11 -51.15
C ARG G 135 26.83 -18.17 -52.50
N VAL H 2 -26.33 31.29 -7.46
CA VAL H 2 -25.84 32.69 -7.77
C VAL H 2 -25.58 33.43 -6.43
N GLN H 3 -26.65 33.63 -5.65
CA GLN H 3 -26.69 34.58 -4.54
C GLN H 3 -27.26 33.87 -3.31
N LEU H 4 -26.75 34.21 -2.13
CA LEU H 4 -27.38 33.85 -0.87
C LEU H 4 -27.73 35.14 -0.13
N VAL H 5 -28.97 35.26 0.31
CA VAL H 5 -29.48 36.53 0.82
C VAL H 5 -30.03 36.30 2.22
N GLN H 6 -29.52 37.04 3.21
CA GLN H 6 -29.85 36.81 4.61
C GLN H 6 -30.73 37.93 5.11
N SER H 7 -31.54 37.66 6.15
CA SER H 7 -32.38 38.68 6.79
C SER H 7 -31.49 39.73 7.44
N GLY H 8 -32.11 40.89 7.76
CA GLY H 8 -31.42 42.04 8.34
C GLY H 8 -30.99 41.81 9.79
N ALA H 9 -30.26 42.78 10.34
CA ALA H 9 -29.61 42.62 11.63
C ALA H 9 -30.68 42.58 12.72
N GLU H 10 -30.43 41.81 13.79
CA GLU H 10 -31.38 41.58 14.85
C GLU H 10 -30.76 41.96 16.19
N VAL H 11 -31.60 42.49 17.09
CA VAL H 11 -31.21 42.86 18.44
C VAL H 11 -32.20 42.17 19.37
N LYS H 12 -31.72 41.39 20.35
CA LYS H 12 -32.57 40.63 21.25
C LYS H 12 -32.05 40.73 22.68
N LYS H 13 -32.91 40.48 23.66
CA LYS H 13 -32.52 40.42 25.08
C LYS H 13 -32.13 38.99 25.43
N PRO H 14 -31.34 38.74 26.51
CA PRO H 14 -31.03 37.38 26.94
C PRO H 14 -32.33 36.65 27.21
N GLY H 15 -32.41 35.38 26.82
CA GLY H 15 -33.57 34.56 27.06
C GLY H 15 -34.40 34.35 25.79
N ALA H 16 -34.38 35.37 24.91
CA ALA H 16 -35.23 35.42 23.72
C ALA H 16 -34.72 34.50 22.61
N SER H 17 -35.36 34.60 21.45
CA SER H 17 -34.96 33.78 20.31
C SER H 17 -34.71 34.67 19.10
N VAL H 18 -33.89 34.19 18.15
CA VAL H 18 -33.65 34.92 16.92
C VAL H 18 -33.82 33.94 15.76
N LYS H 19 -34.55 34.36 14.72
CA LYS H 19 -34.76 33.53 13.54
C LYS H 19 -34.17 34.31 12.38
N VAL H 20 -33.11 33.74 11.78
CA VAL H 20 -32.38 34.32 10.66
C VAL H 20 -32.72 33.55 9.41
N SER H 21 -33.00 34.24 8.30
CA SER H 21 -33.36 33.56 7.06
C SER H 21 -32.19 33.62 6.07
N CYS H 22 -32.29 32.79 5.02
CA CYS H 22 -31.32 32.76 3.96
C CYS H 22 -32.01 32.20 2.72
N LYS H 23 -32.10 32.98 1.65
CA LYS H 23 -32.73 32.52 0.42
C LYS H 23 -31.68 32.09 -0.59
N ALA H 24 -31.76 30.83 -1.06
CA ALA H 24 -30.96 30.36 -2.18
C ALA H 24 -31.67 30.60 -3.51
N SER H 25 -31.06 31.44 -4.35
CA SER H 25 -31.62 31.71 -5.66
C SER H 25 -31.49 30.49 -6.55
N GLY H 26 -30.57 29.59 -6.22
CA GLY H 26 -30.14 28.58 -7.16
C GLY H 26 -30.52 27.15 -6.79
N TYR H 27 -31.39 26.94 -5.79
CA TYR H 27 -31.86 25.60 -5.44
C TYR H 27 -32.75 25.01 -6.54
N THR H 28 -32.35 23.84 -7.07
CA THR H 28 -33.06 23.26 -8.17
C THR H 28 -33.42 21.81 -7.86
N PHE H 29 -34.15 21.60 -6.77
CA PHE H 29 -34.71 20.28 -6.45
C PHE H 29 -33.70 19.13 -6.56
N THR H 30 -32.50 19.32 -6.00
CA THR H 30 -31.45 18.31 -5.81
C THR H 30 -30.78 18.56 -4.45
N SER H 31 -29.86 17.68 -4.05
CA SER H 31 -29.13 17.82 -2.80
C SER H 31 -28.48 19.20 -2.73
N TYR H 32 -28.76 19.94 -1.66
CA TYR H 32 -28.25 21.29 -1.51
C TYR H 32 -28.01 21.52 -0.02
N TRP H 33 -26.77 21.30 0.40
CA TRP H 33 -26.46 21.38 1.82
C TRP H 33 -26.21 22.84 2.19
N MET H 34 -27.07 23.43 3.02
CA MET H 34 -26.79 24.79 3.43
C MET H 34 -26.30 24.80 4.87
N HIS H 35 -25.11 25.35 5.09
CA HIS H 35 -24.49 25.29 6.40
C HIS H 35 -24.63 26.62 7.10
N TRP H 36 -24.44 26.61 8.42
CA TRP H 36 -24.56 27.81 9.22
C TRP H 36 -23.37 27.94 10.16
N VAL H 37 -22.77 29.13 10.13
CA VAL H 37 -21.47 29.44 10.72
C VAL H 37 -21.62 30.81 11.36
N ARG H 38 -21.00 31.04 12.51
CA ARG H 38 -21.07 32.36 13.12
C ARG H 38 -19.65 32.83 13.44
N GLN H 39 -19.49 34.14 13.68
CA GLN H 39 -18.21 34.72 14.04
C GLN H 39 -18.45 35.81 15.06
N ALA H 40 -17.94 35.63 16.27
CA ALA H 40 -18.04 36.61 17.33
C ALA H 40 -16.90 37.60 17.17
N PRO H 41 -17.04 38.88 17.61
CA PRO H 41 -15.98 39.88 17.44
C PRO H 41 -14.63 39.34 17.91
N GLY H 42 -14.58 38.76 19.11
CA GLY H 42 -13.33 38.22 19.64
C GLY H 42 -12.84 37.00 18.83
N GLN H 43 -13.71 35.99 18.74
CA GLN H 43 -13.36 34.66 18.24
C GLN H 43 -13.09 34.71 16.72
N GLY H 44 -12.58 33.58 16.20
CA GLY H 44 -12.84 33.14 14.82
C GLY H 44 -14.19 32.40 14.72
N LEU H 45 -14.29 31.51 13.74
CA LEU H 45 -15.63 31.08 13.33
C LEU H 45 -16.00 29.75 13.97
N GLU H 46 -17.31 29.53 14.16
CA GLU H 46 -17.90 28.34 14.77
C GLU H 46 -18.99 27.81 13.83
N TRP H 47 -19.06 26.47 13.69
CA TRP H 47 -20.02 25.85 12.79
C TRP H 47 -21.24 25.47 13.61
N ILE H 48 -22.44 25.80 13.12
CA ILE H 48 -23.63 25.57 13.93
C ILE H 48 -24.35 24.32 13.51
N GLY H 49 -24.58 24.17 12.20
CA GLY H 49 -25.28 23.02 11.66
C GLY H 49 -25.40 23.10 10.15
N LYS H 50 -26.03 22.08 9.57
CA LYS H 50 -26.31 22.04 8.14
C LYS H 50 -27.72 21.52 7.96
N ILE H 51 -28.35 21.83 6.81
CA ILE H 51 -29.61 21.22 6.39
C ILE H 51 -29.60 21.13 4.87
N ASP H 52 -30.11 19.99 4.37
CA ASP H 52 -30.28 19.76 2.93
C ASP H 52 -31.68 20.22 2.53
N LEU H 53 -31.73 21.21 1.62
CA LEU H 53 -32.97 21.81 1.15
C LEU H 53 -33.88 20.72 0.57
N SER H 54 -33.29 19.70 -0.06
CA SER H 54 -34.09 18.75 -0.79
C SER H 54 -34.92 17.85 0.13
N ASP H 55 -34.36 17.45 1.27
CA ASP H 55 -35.03 16.40 2.03
C ASP H 55 -35.18 16.83 3.49
N SER H 56 -34.68 18.02 3.80
CA SER H 56 -34.84 18.60 5.12
C SER H 56 -34.03 17.88 6.19
N GLU H 57 -33.18 16.92 5.75
CA GLU H 57 -32.22 16.27 6.63
C GLU H 57 -31.31 17.32 7.27
N ALA H 58 -31.02 17.20 8.58
CA ALA H 58 -30.26 18.26 9.23
C ALA H 58 -29.33 17.69 10.31
N HIS H 59 -28.18 18.34 10.55
CA HIS H 59 -27.27 17.97 11.62
C HIS H 59 -26.77 19.22 12.34
N PHE H 60 -26.49 19.09 13.63
CA PHE H 60 -26.08 20.23 14.44
C PHE H 60 -24.81 19.94 15.21
N ASN H 61 -24.14 21.01 15.62
CA ASN H 61 -23.04 20.93 16.55
C ASN H 61 -23.65 20.65 17.92
N GLN H 62 -23.00 19.76 18.67
CA GLN H 62 -23.46 19.41 20.00
C GLN H 62 -23.66 20.66 20.84
N LYS H 63 -22.93 21.74 20.54
CA LYS H 63 -22.93 22.94 21.36
C LYS H 63 -24.29 23.64 21.30
N PHE H 64 -25.03 23.39 20.22
CA PHE H 64 -26.21 24.19 19.89
C PHE H 64 -27.45 23.30 19.74
N GLU H 65 -27.26 21.97 19.65
CA GLU H 65 -28.33 21.08 19.22
C GLU H 65 -29.56 21.23 20.11
N ASP H 66 -29.36 21.61 21.38
CA ASP H 66 -30.44 21.78 22.34
C ASP H 66 -31.16 23.12 22.17
N ARG H 67 -30.60 24.11 21.46
CA ARG H 67 -31.13 25.46 21.38
C ARG H 67 -31.40 25.89 19.92
N ALA H 68 -31.09 25.04 18.94
CA ALA H 68 -31.09 25.51 17.57
C ALA H 68 -31.95 24.63 16.68
N THR H 69 -32.61 25.26 15.68
CA THR H 69 -33.43 24.52 14.74
C THR H 69 -33.18 25.04 13.33
N LEU H 70 -33.28 24.15 12.33
CA LEU H 70 -33.25 24.53 10.94
C LEU H 70 -34.52 24.06 10.23
N THR H 71 -35.24 24.99 9.59
CA THR H 71 -36.39 24.62 8.78
C THR H 71 -36.22 25.13 7.36
N VAL H 72 -36.84 24.44 6.41
CA VAL H 72 -36.74 24.78 5.00
C VAL H 72 -38.14 25.05 4.47
N ASP H 73 -38.30 26.18 3.80
CA ASP H 73 -39.50 26.39 3.02
C ASP H 73 -39.14 26.03 1.58
N ARG H 74 -39.55 24.81 1.20
CA ARG H 74 -39.11 24.25 -0.07
C ARG H 74 -39.57 25.13 -1.23
N SER H 75 -40.75 25.78 -1.10
CA SER H 75 -41.34 26.59 -2.15
C SER H 75 -40.56 27.89 -2.38
N THR H 76 -40.17 28.57 -1.29
CA THR H 76 -39.49 29.86 -1.38
C THR H 76 -37.96 29.73 -1.36
N SER H 77 -37.45 28.49 -1.22
CA SER H 77 -36.01 28.26 -1.17
C SER H 77 -35.36 28.96 0.03
N THR H 78 -36.07 29.04 1.16
CA THR H 78 -35.58 29.82 2.28
C THR H 78 -35.35 28.90 3.46
N VAL H 79 -34.15 29.01 4.03
CA VAL H 79 -33.78 28.26 5.20
C VAL H 79 -33.82 29.21 6.39
N TYR H 80 -34.39 28.72 7.49
CA TYR H 80 -34.51 29.49 8.71
C TYR H 80 -33.72 28.77 9.80
N MET H 81 -32.68 29.47 10.29
CA MET H 81 -31.90 29.06 11.42
C MET H 81 -32.44 29.83 12.63
N GLU H 82 -32.92 29.11 13.65
CA GLU H 82 -33.51 29.77 14.79
C GLU H 82 -32.78 29.30 16.06
N LEU H 83 -32.17 30.28 16.76
CA LEU H 83 -31.45 30.00 17.99
C LEU H 83 -32.21 30.57 19.19
N SER H 84 -32.38 29.76 20.23
CA SER H 84 -33.25 30.07 21.37
C SER H 84 -32.43 30.20 22.64
N SER H 85 -33.05 30.61 23.76
CA SER H 85 -32.33 30.74 25.03
C SER H 85 -31.03 31.53 24.84
N LEU H 86 -31.12 32.66 24.13
CA LEU H 86 -29.99 33.47 23.74
C LEU H 86 -29.23 33.95 24.98
N ARG H 87 -27.90 34.00 24.85
CA ARG H 87 -26.99 34.54 25.86
C ARG H 87 -26.18 35.64 25.16
N SER H 88 -25.46 36.42 25.96
CA SER H 88 -24.69 37.52 25.40
C SER H 88 -23.60 37.01 24.47
N GLU H 89 -23.02 35.86 24.79
CA GLU H 89 -22.00 35.28 23.94
C GLU H 89 -22.58 34.95 22.57
N ASP H 90 -23.89 35.09 22.37
CA ASP H 90 -24.46 34.73 21.08
C ASP H 90 -24.39 35.91 20.11
N THR H 91 -23.98 37.09 20.64
CA THR H 91 -23.70 38.28 19.86
C THR H 91 -22.58 37.94 18.87
N ALA H 92 -22.89 37.97 17.58
CA ALA H 92 -21.95 37.55 16.57
C ALA H 92 -22.57 37.79 15.20
N VAL H 93 -21.78 37.51 14.16
CA VAL H 93 -22.29 37.62 12.81
C VAL H 93 -22.56 36.21 12.29
N TYR H 94 -23.81 35.98 11.85
CA TYR H 94 -24.27 34.65 11.46
C TYR H 94 -24.26 34.56 9.93
N TYR H 95 -23.57 33.55 9.41
CA TYR H 95 -23.43 33.37 7.97
C TYR H 95 -24.11 32.07 7.53
N CYS H 96 -24.79 32.08 6.38
CA CYS H 96 -25.20 30.83 5.75
C CYS H 96 -24.26 30.59 4.57
N ALA H 97 -24.07 29.34 4.16
CA ALA H 97 -23.19 29.06 3.04
C ALA H 97 -23.63 27.78 2.34
N LYS H 98 -23.51 27.73 1.01
CA LYS H 98 -23.81 26.50 0.29
C LYS H 98 -22.52 25.73 0.11
N MET H 99 -22.51 24.50 0.61
CA MET H 99 -21.37 23.61 0.49
C MET H 99 -21.34 23.00 -0.91
N GLY H 100 -20.23 23.21 -1.62
CA GLY H 100 -20.00 22.59 -2.90
C GLY H 100 -19.24 21.28 -2.77
N GLU H 101 -18.73 20.79 -3.89
CA GLU H 101 -18.11 19.48 -4.00
C GLU H 101 -16.81 19.39 -3.19
N PHE H 102 -16.07 20.51 -3.08
CA PHE H 102 -14.78 20.47 -2.36
C PHE H 102 -14.63 21.59 -1.34
N TYR H 103 -15.35 22.70 -1.55
CA TYR H 103 -15.30 23.83 -0.63
C TYR H 103 -16.65 24.53 -0.62
N PHE H 104 -16.86 25.51 0.27
CA PHE H 104 -18.11 26.24 0.25
C PHE H 104 -18.17 27.15 -0.99
N ASP H 105 -19.19 26.93 -1.82
CA ASP H 105 -19.38 27.61 -3.10
C ASP H 105 -19.77 29.07 -2.90
N TYR H 106 -20.66 29.35 -1.97
CA TYR H 106 -21.16 30.70 -1.78
C TYR H 106 -21.39 30.92 -0.30
N TRP H 107 -21.13 32.14 0.13
CA TRP H 107 -21.47 32.57 1.46
C TRP H 107 -22.57 33.62 1.37
N GLY H 108 -23.38 33.73 2.44
CA GLY H 108 -24.29 34.85 2.56
C GLY H 108 -23.50 36.09 2.96
N GLN H 109 -24.19 37.20 3.19
CA GLN H 109 -23.52 38.46 3.47
C GLN H 109 -23.37 38.63 4.98
N GLY H 110 -23.85 37.66 5.76
CA GLY H 110 -23.84 37.77 7.22
C GLY H 110 -25.10 38.48 7.75
N THR H 111 -25.48 38.17 8.99
CA THR H 111 -26.49 38.88 9.75
C THR H 111 -25.93 39.19 11.13
N THR H 112 -25.86 40.47 11.48
CA THR H 112 -25.43 40.82 12.82
C THR H 112 -26.53 40.47 13.82
N VAL H 113 -26.17 39.78 14.89
CA VAL H 113 -27.11 39.57 15.97
C VAL H 113 -26.44 40.06 17.26
N THR H 114 -27.05 41.05 17.89
CA THR H 114 -26.59 41.53 19.19
C THR H 114 -27.57 41.04 20.24
N VAL H 115 -27.03 40.50 21.35
CA VAL H 115 -27.83 39.99 22.45
C VAL H 115 -27.37 40.70 23.71
N SER H 116 -28.25 41.51 24.32
CA SER H 116 -27.90 42.36 25.43
C SER H 116 -29.13 42.70 26.27
N SER H 117 -28.92 42.89 27.58
CA SER H 117 -30.00 43.31 28.44
C SER H 117 -30.33 44.79 28.23
N ALA H 118 -29.40 45.52 27.59
CA ALA H 118 -29.58 46.94 27.36
C ALA H 118 -30.72 47.13 26.37
N SER H 119 -31.34 48.32 26.46
CA SER H 119 -32.46 48.72 25.63
C SER H 119 -32.01 49.81 24.68
N THR H 120 -32.78 50.02 23.60
CA THR H 120 -32.40 50.96 22.56
C THR H 120 -32.27 52.35 23.15
N LYS H 121 -31.19 53.05 22.78
CA LYS H 121 -30.98 54.44 23.17
C LYS H 121 -30.21 55.12 22.04
N GLY H 122 -30.66 56.31 21.64
CA GLY H 122 -29.92 57.13 20.70
C GLY H 122 -28.80 57.89 21.42
N PRO H 123 -27.75 58.32 20.69
CA PRO H 123 -26.53 58.87 21.30
C PRO H 123 -26.72 60.29 21.79
N SER H 124 -26.04 60.66 22.89
CA SER H 124 -25.70 62.04 23.20
C SER H 124 -24.40 62.39 22.49
N VAL H 125 -24.30 63.58 21.86
CA VAL H 125 -23.16 63.93 21.04
C VAL H 125 -22.52 65.21 21.56
N PHE H 126 -21.40 65.09 22.29
CA PHE H 126 -20.70 66.26 22.80
C PHE H 126 -19.49 66.67 21.96
N PRO H 127 -19.07 67.97 21.98
CA PRO H 127 -17.97 68.40 21.12
C PRO H 127 -16.62 68.11 21.76
N LEU H 128 -15.66 67.69 20.92
CA LEU H 128 -14.26 67.75 21.27
C LEU H 128 -13.70 68.98 20.59
N ALA H 129 -13.61 70.05 21.38
CA ALA H 129 -13.35 71.39 20.88
C ALA H 129 -11.86 71.58 20.73
N PRO H 130 -11.40 72.19 19.62
CA PRO H 130 -10.02 72.64 19.50
C PRO H 130 -9.78 73.79 20.49
N SER H 131 -8.55 73.86 21.00
CA SER H 131 -8.10 74.91 21.90
C SER H 131 -7.52 76.08 21.13
N SER H 132 -6.68 76.88 21.80
CA SER H 132 -6.17 78.15 21.29
C SER H 132 -4.71 78.04 20.85
N LYS H 133 -4.37 76.89 20.23
CA LYS H 133 -3.03 76.48 19.85
C LYS H 133 -2.26 75.92 21.05
N SER H 134 -2.83 76.10 22.24
CA SER H 134 -2.19 75.51 23.44
C SER H 134 -2.08 74.01 23.20
N THR H 135 -3.18 73.39 22.72
CA THR H 135 -3.15 71.92 22.54
C THR H 135 -2.87 71.58 21.07
N SER H 136 -2.42 72.55 20.27
CA SER H 136 -2.07 72.27 18.86
C SER H 136 -0.81 73.05 18.43
N GLY H 137 -0.56 73.16 17.13
CA GLY H 137 0.54 73.97 16.58
C GLY H 137 -0.01 74.62 15.35
N GLY H 138 0.57 74.39 14.17
CA GLY H 138 -0.11 74.86 12.97
C GLY H 138 -1.24 73.94 12.47
N THR H 139 -1.34 72.73 13.01
CA THR H 139 -2.41 71.78 12.71
C THR H 139 -3.20 71.51 13.99
N ALA H 140 -4.54 71.45 13.93
CA ALA H 140 -5.37 71.36 15.13
C ALA H 140 -6.27 70.15 15.01
N ALA H 141 -6.70 69.65 16.16
CA ALA H 141 -7.61 68.53 16.10
C ALA H 141 -8.91 68.90 16.81
N LEU H 142 -10.03 68.45 16.23
CA LEU H 142 -11.34 68.62 16.84
C LEU H 142 -12.19 67.40 16.53
N GLY H 143 -13.29 67.22 17.28
CA GLY H 143 -14.17 66.09 17.03
C GLY H 143 -15.47 66.13 17.82
N CYS H 144 -16.15 64.98 17.80
CA CYS H 144 -17.41 64.72 18.47
C CYS H 144 -17.26 63.41 19.25
N LEU H 145 -17.65 63.43 20.53
CA LEU H 145 -17.82 62.25 21.35
C LEU H 145 -19.27 61.78 21.23
N VAL H 146 -19.45 60.58 20.65
CA VAL H 146 -20.75 59.94 20.51
C VAL H 146 -20.96 58.95 21.66
N LYS H 147 -21.69 59.37 22.69
CA LYS H 147 -21.73 58.64 23.96
C LYS H 147 -23.12 58.05 24.23
N ASP H 148 -23.15 56.82 24.78
CA ASP H 148 -24.30 56.20 25.42
C ASP H 148 -25.41 55.80 24.47
N TYR H 149 -25.07 55.00 23.46
CA TYR H 149 -26.08 54.53 22.52
C TYR H 149 -26.13 53.00 22.53
N PHE H 150 -27.18 52.45 21.90
CA PHE H 150 -27.40 51.01 21.77
C PHE H 150 -28.55 50.77 20.80
N PRO H 151 -28.49 49.75 19.92
CA PRO H 151 -27.30 48.95 19.68
C PRO H 151 -26.38 49.65 18.70
N GLU H 152 -25.45 48.92 18.09
CA GLU H 152 -24.70 49.45 16.98
C GLU H 152 -25.57 49.30 15.74
N PRO H 153 -25.25 49.95 14.59
CA PRO H 153 -24.17 50.93 14.49
C PRO H 153 -24.52 52.42 14.48
N VAL H 154 -23.47 53.24 14.64
CA VAL H 154 -23.54 54.69 14.47
C VAL H 154 -22.66 55.06 13.27
N THR H 155 -23.00 56.14 12.58
CA THR H 155 -22.30 56.63 11.40
C THR H 155 -21.84 58.06 11.68
N VAL H 156 -20.58 58.39 11.42
CA VAL H 156 -20.21 59.80 11.52
C VAL H 156 -19.74 60.31 10.17
N SER H 157 -20.09 61.55 9.86
CA SER H 157 -19.48 62.21 8.71
C SER H 157 -19.20 63.65 9.12
N TRP H 158 -18.39 64.38 8.36
CA TRP H 158 -18.13 65.76 8.71
C TRP H 158 -18.55 66.68 7.58
N ASN H 159 -19.23 67.77 7.92
CA ASN H 159 -19.75 68.73 6.95
C ASN H 159 -20.40 67.95 5.81
N SER H 160 -21.18 66.92 6.20
CA SER H 160 -22.09 66.19 5.34
C SER H 160 -21.31 65.51 4.22
N GLY H 161 -20.08 65.11 4.53
CA GLY H 161 -19.27 64.32 3.62
C GLY H 161 -18.34 65.17 2.76
N ALA H 162 -18.39 66.50 2.92
CA ALA H 162 -17.45 67.39 2.24
C ALA H 162 -16.04 67.18 2.79
N LEU H 163 -15.96 66.99 4.12
CA LEU H 163 -14.70 66.84 4.84
C LEU H 163 -14.51 65.35 5.12
N THR H 164 -13.50 64.80 4.44
CA THR H 164 -13.29 63.37 4.39
C THR H 164 -11.88 63.04 4.91
N SER H 165 -10.85 63.77 4.45
CA SER H 165 -9.49 63.38 4.78
C SER H 165 -9.03 64.03 6.09
N GLY H 166 -8.29 63.23 6.86
CA GLY H 166 -7.82 63.67 8.15
C GLY H 166 -8.77 63.23 9.25
N VAL H 167 -9.78 62.45 8.85
CA VAL H 167 -10.82 61.98 9.75
C VAL H 167 -10.46 60.59 10.28
N HIS H 168 -10.71 60.38 11.57
CA HIS H 168 -10.57 59.08 12.17
C HIS H 168 -11.77 58.85 13.08
N THR H 169 -12.57 57.86 12.69
CA THR H 169 -13.71 57.49 13.52
C THR H 169 -13.39 56.18 14.21
N PHE H 170 -13.29 56.22 15.53
CA PHE H 170 -12.86 55.06 16.30
C PHE H 170 -13.93 53.98 16.32
N PRO H 171 -13.53 52.68 16.39
CA PRO H 171 -14.42 51.60 16.79
C PRO H 171 -15.14 51.92 18.09
N ALA H 172 -16.42 51.56 18.11
CA ALA H 172 -17.22 51.67 19.31
C ALA H 172 -16.62 50.80 20.39
N VAL H 173 -16.76 51.25 21.65
CA VAL H 173 -16.31 50.42 22.76
C VAL H 173 -17.47 50.34 23.75
N LEU H 174 -17.68 49.12 24.24
CA LEU H 174 -18.79 48.80 25.12
C LEU H 174 -18.45 49.21 26.55
N GLN H 175 -19.22 50.13 27.12
CA GLN H 175 -19.05 50.60 28.50
C GLN H 175 -19.70 49.60 29.45
N SER H 176 -19.43 49.73 30.75
CA SER H 176 -19.94 48.77 31.71
C SER H 176 -21.42 49.03 31.97
N SER H 177 -21.96 50.11 31.42
CA SER H 177 -23.39 50.37 31.44
C SER H 177 -24.10 49.50 30.39
N GLY H 178 -23.37 48.82 29.50
CA GLY H 178 -23.97 48.08 28.40
C GLY H 178 -24.25 48.94 27.17
N LEU H 179 -23.90 50.23 27.23
CA LEU H 179 -24.11 51.18 26.14
C LEU H 179 -22.79 51.47 25.43
N TYR H 180 -22.80 51.60 24.11
CA TYR H 180 -21.58 51.87 23.37
C TYR H 180 -21.27 53.37 23.38
N SER H 181 -20.04 53.69 22.92
CA SER H 181 -19.48 55.02 22.94
C SER H 181 -18.32 55.02 21.94
N LEU H 182 -18.13 56.14 21.22
CA LEU H 182 -17.00 56.26 20.32
C LEU H 182 -16.75 57.72 20.01
N SER H 183 -15.54 58.06 19.57
CA SER H 183 -15.28 59.41 19.11
C SER H 183 -14.94 59.43 17.63
N SER H 184 -15.33 60.52 16.97
CA SER H 184 -14.81 60.80 15.64
C SER H 184 -14.03 62.11 15.66
N VAL H 185 -12.78 62.07 15.17
CA VAL H 185 -11.91 63.24 15.23
C VAL H 185 -11.41 63.59 13.85
N VAL H 186 -11.06 64.86 13.69
CA VAL H 186 -10.48 65.32 12.44
C VAL H 186 -9.39 66.34 12.78
N THR H 187 -8.32 66.30 11.98
CA THR H 187 -7.19 67.20 11.93
C THR H 187 -7.44 68.20 10.81
N VAL H 188 -7.18 69.49 11.08
CA VAL H 188 -7.54 70.56 10.17
C VAL H 188 -6.53 71.69 10.33
N PRO H 189 -6.24 72.52 9.30
CA PRO H 189 -5.42 73.72 9.49
C PRO H 189 -5.86 74.56 10.69
N SER H 190 -4.90 75.04 11.50
CA SER H 190 -5.20 75.94 12.60
C SER H 190 -5.68 77.31 12.13
N SER H 191 -5.33 77.67 10.88
CA SER H 191 -5.82 78.86 10.20
C SER H 191 -7.34 78.81 9.98
N SER H 192 -7.88 77.63 9.69
CA SER H 192 -9.29 77.47 9.38
C SER H 192 -10.21 77.64 10.61
N LEU H 193 -9.69 77.43 11.82
CA LEU H 193 -10.50 77.50 13.03
C LEU H 193 -11.10 78.90 13.04
N GLY H 194 -12.40 79.01 13.35
CA GLY H 194 -12.96 80.35 13.46
C GLY H 194 -13.53 80.90 12.14
N THR H 195 -13.04 80.41 10.99
CA THR H 195 -13.59 80.76 9.68
C THR H 195 -14.37 79.58 9.08
N GLN H 196 -13.73 78.41 8.92
CA GLN H 196 -14.39 77.19 8.51
C GLN H 196 -15.27 76.64 9.64
N THR H 197 -16.50 76.26 9.31
CA THR H 197 -17.38 75.69 10.33
C THR H 197 -17.28 74.17 10.25
N TYR H 198 -17.31 73.56 11.45
CA TYR H 198 -17.18 72.12 11.59
C TYR H 198 -18.44 71.53 12.23
N ILE H 199 -19.11 70.68 11.45
CA ILE H 199 -20.33 70.01 11.88
C ILE H 199 -20.12 68.51 11.68
N CYS H 200 -20.38 67.73 12.74
CA CYS H 200 -20.35 66.28 12.61
C CYS H 200 -21.78 65.77 12.53
N ASN H 201 -21.99 64.77 11.64
CA ASN H 201 -23.29 64.19 11.36
C ASN H 201 -23.33 62.75 11.88
N VAL H 202 -23.90 62.61 13.08
CA VAL H 202 -24.04 61.32 13.72
C VAL H 202 -25.38 60.74 13.30
N ASN H 203 -25.36 59.54 12.74
CA ASN H 203 -26.62 58.91 12.42
C ASN H 203 -26.72 57.60 13.19
N HIS H 204 -27.87 57.35 13.83
CA HIS H 204 -28.10 56.12 14.58
C HIS H 204 -29.40 55.46 14.14
N LYS H 205 -29.36 54.67 13.03
CA LYS H 205 -30.53 54.06 12.41
C LYS H 205 -31.38 53.26 13.42
N PRO H 206 -30.78 52.41 14.29
CA PRO H 206 -31.57 51.66 15.25
C PRO H 206 -32.52 52.47 16.10
N SER H 207 -32.32 53.79 16.19
CA SER H 207 -33.20 54.62 17.01
C SER H 207 -33.80 55.77 16.19
N ASN H 208 -33.54 55.77 14.88
CA ASN H 208 -33.87 56.82 13.94
C ASN H 208 -33.56 58.20 14.50
N THR H 209 -32.36 58.32 15.08
CA THR H 209 -31.87 59.58 15.62
C THR H 209 -30.70 60.02 14.77
N LYS H 210 -30.75 61.27 14.30
CA LYS H 210 -29.66 61.89 13.56
C LYS H 210 -29.32 63.16 14.35
N VAL H 211 -28.06 63.31 14.75
CA VAL H 211 -27.63 64.53 15.41
C VAL H 211 -26.63 65.23 14.49
N ASP H 212 -26.75 66.57 14.38
CA ASP H 212 -25.81 67.41 13.65
C ASP H 212 -25.27 68.47 14.62
N LYS H 213 -24.00 68.31 15.05
CA LYS H 213 -23.35 69.17 16.03
C LYS H 213 -22.24 69.99 15.37
N LYS H 214 -22.27 71.29 15.64
CA LYS H 214 -21.22 72.21 15.23
C LYS H 214 -20.20 72.20 16.37
N VAL H 215 -18.94 71.93 16.04
CA VAL H 215 -17.87 72.02 17.02
C VAL H 215 -17.21 73.40 16.91
N GLU H 216 -17.24 74.11 18.05
CA GLU H 216 -16.79 75.48 18.07
C GLU H 216 -15.55 75.59 18.93
N PRO H 217 -14.54 76.35 18.45
CA PRO H 217 -13.37 76.68 19.28
C PRO H 217 -13.79 77.18 20.66
N LYS H 218 -12.93 76.94 21.68
CA LYS H 218 -12.92 77.64 22.97
C LYS H 218 -13.93 77.06 23.94
N ASP I 1 -14.44 16.64 18.87
CA ASP I 1 -14.15 18.00 18.29
C ASP I 1 -12.65 18.15 18.13
N ILE I 2 -12.20 18.43 16.89
CA ILE I 2 -10.81 18.66 16.58
C ILE I 2 -10.48 20.16 16.72
N GLN I 3 -9.40 20.50 17.45
CA GLN I 3 -9.05 21.90 17.65
C GLN I 3 -7.97 22.35 16.66
N MET I 4 -8.13 23.58 16.17
CA MET I 4 -7.18 24.15 15.23
C MET I 4 -6.36 25.24 15.91
N THR I 5 -5.03 25.17 15.82
CA THR I 5 -4.18 26.19 16.42
C THR I 5 -3.39 26.93 15.34
N GLN I 6 -3.73 28.22 15.16
CA GLN I 6 -3.08 29.04 14.16
C GLN I 6 -1.89 29.76 14.78
N SER I 7 -0.94 30.14 13.94
CA SER I 7 0.39 30.53 14.43
C SER I 7 1.13 31.32 13.35
N PRO I 8 1.59 32.56 13.61
CA PRO I 8 1.30 33.25 14.87
C PRO I 8 -0.07 33.95 14.80
N SER I 9 -0.48 34.59 15.90
CA SER I 9 -1.77 35.28 15.96
C SER I 9 -1.76 36.48 15.04
N SER I 10 -0.60 37.18 14.98
CA SER I 10 -0.44 38.45 14.32
C SER I 10 0.94 38.50 13.70
N LEU I 11 1.07 39.24 12.60
CA LEU I 11 2.31 39.25 11.85
C LEU I 11 2.40 40.59 11.12
N SER I 12 3.59 41.20 11.12
CA SER I 12 3.75 42.50 10.51
C SER I 12 4.81 42.44 9.41
N ALA I 13 4.41 42.58 8.13
CA ALA I 13 5.33 42.41 7.00
C ALA I 13 5.16 43.54 5.99
N SER I 14 6.07 43.66 5.02
CA SER I 14 6.05 44.69 4.00
C SER I 14 5.65 44.08 2.66
N VAL I 15 5.29 44.94 1.73
CA VAL I 15 5.02 44.51 0.38
C VAL I 15 6.28 43.87 -0.18
N GLY I 16 6.16 42.65 -0.70
CA GLY I 16 7.26 41.93 -1.32
C GLY I 16 7.75 40.75 -0.48
N ASP I 17 7.46 40.75 0.83
CA ASP I 17 8.01 39.77 1.77
C ASP I 17 7.34 38.41 1.61
N ARG I 18 8.06 37.36 2.06
CA ARG I 18 7.53 36.02 2.26
C ARG I 18 6.80 35.99 3.60
N VAL I 19 5.59 35.44 3.62
CA VAL I 19 4.86 35.29 4.85
C VAL I 19 4.39 33.84 4.95
N THR I 20 4.47 33.30 6.17
CA THR I 20 4.27 31.87 6.42
C THR I 20 3.41 31.72 7.66
N ILE I 21 2.20 31.21 7.49
CA ILE I 21 1.27 30.95 8.58
C ILE I 21 1.19 29.45 8.78
N THR I 22 1.02 29.02 10.03
CA THR I 22 0.86 27.63 10.40
C THR I 22 -0.53 27.37 10.99
N CYS I 23 -1.04 26.17 10.73
CA CYS I 23 -2.25 25.64 11.33
C CYS I 23 -1.92 24.23 11.80
N ARG I 24 -2.03 24.01 13.11
CA ARG I 24 -1.78 22.71 13.72
C ARG I 24 -3.12 22.18 14.24
N THR I 25 -3.43 20.92 13.95
CA THR I 25 -4.69 20.34 14.40
C THR I 25 -4.41 19.31 15.48
N SER I 26 -5.39 19.05 16.34
CA SER I 26 -5.24 18.15 17.46
C SER I 26 -5.47 16.70 17.04
N GLY I 27 -5.88 16.47 15.80
CA GLY I 27 -6.10 15.15 15.28
C GLY I 27 -5.99 15.11 13.76
N ASN I 28 -5.72 13.94 13.21
CA ASN I 28 -5.55 13.80 11.78
C ASN I 28 -6.82 14.28 11.07
N ILE I 29 -6.66 15.13 10.04
CA ILE I 29 -7.78 15.65 9.27
C ILE I 29 -7.59 15.35 7.77
N TYR I 30 -6.65 14.46 7.46
CA TYR I 30 -6.56 13.74 6.21
C TYR I 30 -6.53 14.67 5.00
N ASN I 31 -5.90 15.83 5.16
CA ASN I 31 -5.64 16.81 4.11
C ASN I 31 -6.87 17.63 3.77
N TYR I 32 -7.94 17.45 4.55
CA TYR I 32 -9.18 18.17 4.30
C TYR I 32 -9.07 19.54 4.96
N LEU I 33 -8.11 20.34 4.48
CA LEU I 33 -7.87 21.64 5.10
C LEU I 33 -8.03 22.76 4.09
N ALA I 34 -8.68 23.83 4.55
CA ALA I 34 -8.92 25.01 3.74
C ALA I 34 -8.25 26.23 4.37
N TRP I 35 -7.84 27.18 3.51
CA TRP I 35 -7.32 28.47 3.94
C TRP I 35 -8.21 29.58 3.41
N TYR I 36 -8.58 30.50 4.29
CA TYR I 36 -9.46 31.63 3.99
C TYR I 36 -8.74 32.94 4.25
N GLN I 37 -9.10 33.98 3.48
CA GLN I 37 -8.69 35.35 3.72
C GLN I 37 -9.93 36.18 3.97
N GLN I 38 -9.95 36.94 5.07
CA GLN I 38 -11.12 37.73 5.41
C GLN I 38 -10.72 39.19 5.60
N LYS I 39 -11.35 40.10 4.86
CA LYS I 39 -11.23 41.52 5.12
C LYS I 39 -12.32 41.93 6.13
N PRO I 40 -12.20 43.07 6.87
CA PRO I 40 -13.27 43.50 7.78
C PRO I 40 -14.63 43.66 7.09
N GLY I 41 -15.68 43.27 7.78
CA GLY I 41 -17.05 43.40 7.32
C GLY I 41 -17.48 42.39 6.25
N LYS I 42 -16.62 41.43 5.87
CA LYS I 42 -16.90 40.60 4.71
C LYS I 42 -16.85 39.12 5.08
N ALA I 43 -17.49 38.29 4.26
CA ALA I 43 -17.52 36.86 4.48
C ALA I 43 -16.17 36.30 4.03
N PRO I 44 -15.64 35.22 4.67
CA PRO I 44 -14.34 34.66 4.29
C PRO I 44 -14.25 34.25 2.82
N LYS I 45 -13.10 34.53 2.18
CA LYS I 45 -12.80 34.12 0.82
C LYS I 45 -11.87 32.91 0.84
N LEU I 46 -12.19 31.91 0.02
CA LEU I 46 -11.37 30.71 0.02
C LEU I 46 -10.18 30.85 -0.92
N LEU I 47 -8.99 30.40 -0.48
CA LEU I 47 -7.76 30.47 -1.27
C LEU I 47 -7.32 29.07 -1.68
N ILE I 48 -7.19 28.20 -0.66
CA ILE I 48 -6.65 26.84 -0.78
C ILE I 48 -7.64 25.88 -0.14
N TYR I 49 -7.96 24.80 -0.88
CA TYR I 49 -8.81 23.70 -0.43
C TYR I 49 -8.04 22.40 -0.57
N ASN I 50 -8.39 21.37 0.22
CA ASN I 50 -7.49 20.24 0.45
C ASN I 50 -6.19 20.86 0.89
N ALA I 51 -5.17 20.08 1.22
CA ALA I 51 -4.08 20.80 1.85
C ALA I 51 -3.45 21.89 0.96
N LYS I 52 -3.59 21.75 -0.37
CA LYS I 52 -2.61 22.27 -1.31
C LYS I 52 -3.23 22.77 -2.61
N THR I 53 -4.51 22.45 -2.86
CA THR I 53 -5.12 22.82 -4.14
C THR I 53 -5.61 24.27 -4.10
N LEU I 54 -5.25 25.03 -5.14
CA LEU I 54 -5.53 26.45 -5.24
C LEU I 54 -6.91 26.65 -5.88
N ALA I 55 -7.74 27.50 -5.26
CA ALA I 55 -9.08 27.78 -5.76
C ALA I 55 -9.01 28.63 -7.03
N ASP I 56 -10.12 28.71 -7.79
CA ASP I 56 -10.15 29.37 -9.08
C ASP I 56 -9.79 30.86 -8.95
N ALA I 57 -8.96 31.36 -9.89
CA ALA I 57 -8.57 32.77 -9.98
C ALA I 57 -7.92 33.30 -8.70
N VAL I 58 -7.35 32.42 -7.87
CA VAL I 58 -6.55 32.84 -6.72
C VAL I 58 -5.11 32.98 -7.20
N PRO I 59 -4.44 34.14 -6.96
CA PRO I 59 -3.05 34.33 -7.40
C PRO I 59 -2.09 33.28 -6.85
N SER I 60 -1.06 32.97 -7.64
CA SER I 60 -0.17 31.85 -7.34
C SER I 60 0.79 32.19 -6.20
N ARG I 61 0.78 33.45 -5.74
CA ARG I 61 1.60 33.86 -4.62
C ARG I 61 1.20 32.99 -3.42
N PHE I 62 -0.09 32.60 -3.41
CA PHE I 62 -0.65 31.84 -2.32
C PHE I 62 -0.42 30.35 -2.56
N SER I 63 0.21 29.67 -1.59
CA SER I 63 0.44 28.24 -1.76
C SER I 63 0.44 27.54 -0.40
N GLY I 64 -0.36 26.48 -0.33
CA GLY I 64 -0.53 25.73 0.90
C GLY I 64 0.18 24.38 0.84
N SER I 65 0.72 23.97 1.97
CA SER I 65 1.40 22.70 2.13
C SER I 65 1.02 22.09 3.47
N GLY I 66 1.68 20.98 3.80
CA GLY I 66 1.49 20.25 5.05
C GLY I 66 0.76 18.94 4.81
N SER I 67 0.60 18.15 5.87
CA SER I 67 -0.16 16.91 5.89
C SER I 67 -0.40 16.48 7.34
N GLY I 68 -1.37 15.59 7.57
CA GLY I 68 -1.57 15.06 8.91
C GLY I 68 -2.19 16.06 9.89
N THR I 69 -1.33 16.68 10.72
CA THR I 69 -1.74 17.58 11.80
C THR I 69 -1.09 18.96 11.62
N ASP I 70 -0.19 19.07 10.63
CA ASP I 70 0.65 20.26 10.49
C ASP I 70 0.56 20.78 9.06
N TYR I 71 0.03 22.01 8.90
CA TYR I 71 -0.28 22.60 7.60
C TYR I 71 0.22 24.04 7.52
N THR I 72 0.54 24.51 6.29
CA THR I 72 1.28 25.75 6.11
C THR I 72 0.76 26.53 4.90
N LEU I 73 0.36 27.78 5.12
CA LEU I 73 0.08 28.74 4.06
C LEU I 73 1.30 29.61 3.83
N THR I 74 1.69 29.80 2.57
CA THR I 74 2.79 30.70 2.20
C THR I 74 2.28 31.77 1.25
N ILE I 75 2.58 33.04 1.52
CA ILE I 75 2.44 34.06 0.49
C ILE I 75 3.84 34.53 0.12
N SER I 76 4.27 34.23 -1.10
CA SER I 76 5.66 34.38 -1.46
C SER I 76 5.99 35.86 -1.57
N SER I 77 5.13 36.61 -2.29
CA SER I 77 5.41 37.99 -2.69
C SER I 77 4.23 38.88 -2.33
N LEU I 78 4.14 39.24 -1.05
CA LEU I 78 2.99 39.87 -0.46
C LEU I 78 2.63 41.15 -1.22
N GLN I 79 1.35 41.30 -1.60
CA GLN I 79 0.86 42.44 -2.37
C GLN I 79 -0.07 43.31 -1.52
N PRO I 80 -0.39 44.55 -1.93
CA PRO I 80 -1.17 45.46 -1.07
C PRO I 80 -2.48 44.87 -0.57
N GLU I 81 -3.15 44.10 -1.42
CA GLU I 81 -4.49 43.61 -1.14
C GLU I 81 -4.43 42.33 -0.30
N ASP I 82 -3.25 41.98 0.23
CA ASP I 82 -3.08 40.74 0.97
C ASP I 82 -3.13 41.00 2.46
N PHE I 83 -3.29 42.27 2.85
CA PHE I 83 -3.31 42.56 4.27
C PHE I 83 -4.70 42.25 4.78
N ALA I 84 -4.80 41.34 5.76
CA ALA I 84 -6.06 40.68 6.05
C ALA I 84 -5.89 39.71 7.21
N THR I 85 -7.01 39.08 7.58
CA THR I 85 -6.96 37.97 8.53
C THR I 85 -7.10 36.65 7.78
N TYR I 86 -6.26 35.68 8.14
CA TYR I 86 -6.25 34.38 7.49
C TYR I 86 -6.67 33.29 8.46
N TYR I 87 -7.43 32.32 7.94
CA TYR I 87 -8.06 31.32 8.77
C TYR I 87 -7.92 29.94 8.13
N CYS I 88 -7.76 28.92 8.98
CA CYS I 88 -7.84 27.56 8.49
C CYS I 88 -9.09 26.89 9.04
N GLN I 89 -9.60 25.92 8.27
CA GLN I 89 -10.79 25.18 8.69
C GLN I 89 -10.58 23.74 8.23
N HIS I 90 -11.09 22.76 8.97
CA HIS I 90 -11.07 21.40 8.45
C HIS I 90 -12.42 21.03 7.85
N PHE I 91 -12.40 20.03 6.96
CA PHE I 91 -13.60 19.53 6.30
C PHE I 91 -13.63 18.02 6.50
N TRP I 92 -13.30 17.59 7.71
CA TRP I 92 -13.33 16.17 8.02
C TRP I 92 -14.55 15.83 8.88
N SER I 93 -14.34 15.32 10.10
CA SER I 93 -15.45 14.88 10.95
C SER I 93 -16.28 16.07 11.49
N ILE I 94 -17.54 15.81 11.81
CA ILE I 94 -18.39 16.81 12.43
C ILE I 94 -17.97 17.01 13.87
N PRO I 95 -18.02 18.21 14.49
CA PRO I 95 -18.19 19.48 13.80
C PRO I 95 -16.90 19.99 13.17
N TRP I 96 -17.03 20.57 11.97
CA TRP I 96 -15.95 21.35 11.40
C TRP I 96 -15.62 22.51 12.32
N THR I 97 -14.31 22.80 12.45
CA THR I 97 -13.86 23.88 13.32
C THR I 97 -12.82 24.71 12.56
N PHE I 98 -12.65 25.97 13.01
CA PHE I 98 -11.76 26.94 12.40
C PHE I 98 -10.64 27.33 13.35
N GLY I 99 -9.59 27.93 12.80
CA GLY I 99 -8.50 28.44 13.61
C GLY I 99 -8.80 29.81 14.20
N GLY I 100 -7.92 30.26 15.08
CA GLY I 100 -8.11 31.53 15.75
C GLY I 100 -7.86 32.70 14.80
N GLY I 101 -7.16 32.45 13.68
CA GLY I 101 -6.81 33.48 12.72
C GLY I 101 -5.38 34.00 12.88
N THR I 102 -4.77 34.39 11.75
CA THR I 102 -3.54 35.15 11.70
C THR I 102 -3.81 36.46 10.97
N LYS I 103 -3.65 37.57 11.70
CA LYS I 103 -3.88 38.89 11.14
C LYS I 103 -2.55 39.44 10.60
N VAL I 104 -2.54 39.81 9.31
CA VAL I 104 -1.33 40.19 8.64
C VAL I 104 -1.42 41.69 8.34
N GLU I 105 -0.54 42.46 8.98
CA GLU I 105 -0.55 43.90 8.89
C GLU I 105 0.69 44.40 8.15
N ILE I 106 0.68 45.68 7.78
CA ILE I 106 1.76 46.32 7.03
C ILE I 106 2.85 46.80 8.00
N LYS I 107 4.10 46.41 7.74
CA LYS I 107 5.24 46.95 8.43
C LYS I 107 5.61 48.27 7.76
N ARG I 108 6.07 49.20 8.60
CA ARG I 108 6.31 50.58 8.23
C ARG I 108 7.30 51.12 9.26
N THR I 109 7.96 52.25 8.94
CA THR I 109 8.87 52.83 9.92
C THR I 109 8.13 53.41 11.10
N VAL I 110 8.84 53.55 12.23
CA VAL I 110 8.31 54.11 13.45
C VAL I 110 7.85 55.54 13.14
N ALA I 111 6.70 55.91 13.70
CA ALA I 111 6.14 57.26 13.58
C ALA I 111 5.53 57.65 14.92
N ALA I 112 6.12 58.64 15.61
CA ALA I 112 5.66 59.03 16.94
C ALA I 112 4.37 59.84 16.81
N PRO I 113 3.36 59.63 17.67
CA PRO I 113 2.06 60.28 17.50
C PRO I 113 2.02 61.78 17.82
N SER I 114 1.03 62.45 17.22
CA SER I 114 0.55 63.76 17.67
C SER I 114 -0.48 63.54 18.76
N VAL I 115 -0.29 64.20 19.90
CA VAL I 115 -1.12 63.98 21.06
C VAL I 115 -1.93 65.23 21.36
N PHE I 116 -3.25 65.03 21.47
CA PHE I 116 -4.20 66.07 21.80
C PHE I 116 -4.98 65.65 23.03
N ILE I 117 -5.34 66.64 23.86
CA ILE I 117 -6.23 66.38 24.98
C ILE I 117 -7.44 67.32 24.86
N PHE I 118 -8.62 66.76 25.16
CA PHE I 118 -9.88 67.50 25.10
C PHE I 118 -10.55 67.45 26.46
N PRO I 119 -10.95 68.59 27.05
CA PRO I 119 -11.65 68.56 28.32
C PRO I 119 -13.08 68.12 28.06
N PRO I 120 -13.90 67.80 29.10
CA PRO I 120 -15.30 67.48 28.87
C PRO I 120 -16.01 68.80 28.54
N SER I 121 -17.00 68.76 27.63
CA SER I 121 -17.85 69.89 27.29
C SER I 121 -18.68 70.33 28.52
N ASP I 122 -19.00 71.64 28.60
CA ASP I 122 -19.84 72.11 29.69
C ASP I 122 -21.21 71.41 29.63
N GLU I 123 -21.59 71.08 28.40
CA GLU I 123 -22.85 70.41 28.14
C GLU I 123 -22.88 69.07 28.86
N GLN I 124 -21.87 68.23 28.62
CA GLN I 124 -21.83 66.91 29.22
C GLN I 124 -21.82 67.02 30.74
N LEU I 125 -21.12 68.04 31.25
CA LEU I 125 -20.97 68.26 32.67
C LEU I 125 -22.32 68.39 33.39
N LYS I 126 -23.25 69.11 32.76
CA LYS I 126 -24.63 69.24 33.24
C LYS I 126 -25.24 67.90 33.64
N SER I 127 -25.02 66.87 32.80
CA SER I 127 -25.61 65.54 33.02
C SER I 127 -24.91 64.73 34.10
N GLY I 128 -23.86 65.30 34.71
CA GLY I 128 -23.23 64.69 35.89
C GLY I 128 -22.16 63.63 35.59
N THR I 129 -21.55 63.73 34.40
CA THR I 129 -20.47 62.86 33.98
C THR I 129 -19.48 63.69 33.14
N ALA I 130 -18.21 63.28 33.16
CA ALA I 130 -17.17 64.06 32.51
C ALA I 130 -16.29 63.11 31.72
N SER I 131 -16.28 63.28 30.40
CA SER I 131 -15.43 62.45 29.55
C SER I 131 -14.19 63.24 29.14
N VAL I 132 -13.01 62.80 29.59
CA VAL I 132 -11.79 63.43 29.11
C VAL I 132 -11.20 62.58 28.01
N VAL I 133 -10.86 63.17 26.87
CA VAL I 133 -10.39 62.37 25.75
C VAL I 133 -8.95 62.73 25.46
N CYS I 134 -8.17 61.69 25.17
CA CYS I 134 -6.78 61.84 24.74
C CYS I 134 -6.63 61.11 23.40
N LEU I 135 -6.05 61.80 22.42
CA LEU I 135 -6.01 61.30 21.05
C LEU I 135 -4.55 61.09 20.63
N LEU I 136 -4.22 59.87 20.17
CA LEU I 136 -2.95 59.58 19.53
C LEU I 136 -3.17 59.51 18.02
N ASN I 137 -2.58 60.44 17.27
CA ASN I 137 -2.89 60.51 15.87
C ASN I 137 -1.72 60.03 15.03
N ASN I 138 -2.02 59.13 14.08
CA ASN I 138 -1.15 58.67 13.00
C ASN I 138 0.21 58.22 13.48
N PHE I 139 0.28 57.10 14.21
CA PHE I 139 1.52 56.62 14.78
C PHE I 139 1.77 55.19 14.35
N TYR I 140 3.02 54.73 14.52
CA TYR I 140 3.43 53.36 14.28
C TYR I 140 4.58 53.02 15.24
N PRO I 141 4.61 51.79 15.79
CA PRO I 141 3.52 50.81 15.66
C PRO I 141 2.42 50.99 16.70
N ARG I 142 1.53 49.98 16.83
CA ARG I 142 0.32 50.09 17.62
C ARG I 142 0.65 50.31 19.09
N GLU I 143 1.75 49.74 19.55
CA GLU I 143 2.03 49.60 20.97
C GLU I 143 2.37 50.96 21.55
N ALA I 144 1.60 51.37 22.56
CA ALA I 144 1.80 52.65 23.23
C ALA I 144 1.22 52.58 24.64
N LYS I 145 1.98 52.94 25.67
CA LYS I 145 1.42 53.07 27.00
C LYS I 145 0.79 54.47 27.11
N VAL I 146 -0.55 54.51 27.23
CA VAL I 146 -1.29 55.74 27.53
C VAL I 146 -1.69 55.73 28.99
N GLN I 147 -1.20 56.70 29.77
CA GLN I 147 -1.60 56.75 31.17
C GLN I 147 -2.28 58.09 31.46
N TRP I 148 -3.19 58.10 32.42
CA TRP I 148 -3.86 59.31 32.84
C TRP I 148 -3.37 59.72 34.22
N LYS I 149 -3.02 60.99 34.36
CA LYS I 149 -2.64 61.53 35.66
C LYS I 149 -3.53 62.73 35.97
N VAL I 150 -4.24 62.70 37.10
CA VAL I 150 -5.06 63.84 37.48
C VAL I 150 -4.58 64.33 38.83
N ASP I 151 -4.12 65.59 38.86
CA ASP I 151 -3.35 66.14 39.98
C ASP I 151 -2.23 65.19 40.32
N ASN I 152 -1.63 64.60 39.28
CA ASN I 152 -0.38 63.87 39.36
C ASN I 152 -0.57 62.46 39.93
N ALA I 153 -1.82 62.05 40.17
CA ALA I 153 -2.17 60.72 40.62
C ALA I 153 -2.51 59.87 39.41
N LEU I 154 -1.94 58.66 39.37
CA LEU I 154 -2.11 57.79 38.21
C LEU I 154 -3.47 57.09 38.26
N GLN I 155 -4.36 57.43 37.32
CA GLN I 155 -5.71 56.90 37.24
C GLN I 155 -5.67 55.45 36.80
N SER I 156 -6.71 54.68 37.18
CA SER I 156 -6.68 53.24 36.94
C SER I 156 -8.07 52.63 36.79
N GLY I 157 -8.28 51.87 35.72
CA GLY I 157 -9.51 51.11 35.49
C GLY I 157 -10.73 51.96 35.10
N ASN I 158 -10.51 53.26 34.91
CA ASN I 158 -11.56 54.24 34.65
C ASN I 158 -11.36 54.88 33.28
N SER I 159 -10.53 54.25 32.46
CA SER I 159 -10.26 54.72 31.11
C SER I 159 -10.49 53.52 30.18
N GLN I 160 -10.84 53.80 28.92
CA GLN I 160 -10.91 52.79 27.87
C GLN I 160 -10.27 53.35 26.60
N GLU I 161 -9.69 52.46 25.78
CA GLU I 161 -9.00 52.88 24.56
C GLU I 161 -9.68 52.24 23.35
N SER I 162 -9.50 52.85 22.19
CA SER I 162 -9.99 52.28 20.95
C SER I 162 -8.96 52.60 19.86
N VAL I 163 -8.66 51.64 19.00
CA VAL I 163 -7.65 51.89 17.98
C VAL I 163 -8.26 51.75 16.58
N THR I 164 -7.78 52.56 15.62
CA THR I 164 -8.27 52.36 14.26
C THR I 164 -7.53 51.20 13.61
N GLU I 165 -8.00 50.81 12.43
CA GLU I 165 -7.24 49.90 11.60
C GLU I 165 -6.15 50.72 10.91
N GLN I 166 -5.15 50.03 10.37
CA GLN I 166 -4.09 50.70 9.64
C GLN I 166 -4.68 51.59 8.54
N ASP I 167 -4.24 52.83 8.48
CA ASP I 167 -4.68 53.77 7.47
C ASP I 167 -4.38 53.30 6.05
N SER I 168 -5.31 53.61 5.16
CA SER I 168 -5.19 53.37 3.74
C SER I 168 -4.02 54.10 3.08
N LYS I 169 -3.52 55.20 3.68
CA LYS I 169 -2.50 55.98 3.00
C LYS I 169 -1.14 55.76 3.66
N ASP I 170 -1.07 56.08 4.96
CA ASP I 170 0.21 56.09 5.65
C ASP I 170 0.45 54.74 6.33
N SER I 171 -0.57 53.89 6.43
CA SER I 171 -0.48 52.63 7.15
C SER I 171 -0.21 52.83 8.63
N THR I 172 -0.62 53.97 9.18
CA THR I 172 -0.46 54.19 10.61
C THR I 172 -1.76 53.91 11.35
N TYR I 173 -1.66 53.99 12.68
CA TYR I 173 -2.79 53.80 13.57
C TYR I 173 -3.14 55.13 14.20
N SER I 174 -4.39 55.23 14.70
CA SER I 174 -4.80 56.26 15.62
C SER I 174 -5.48 55.59 16.81
N LEU I 175 -5.30 56.19 17.98
CA LEU I 175 -5.85 55.64 19.20
C LEU I 175 -6.55 56.78 19.92
N SER I 176 -7.69 56.46 20.56
CA SER I 176 -8.32 57.37 21.48
C SER I 176 -8.35 56.71 22.86
N SER I 177 -8.20 57.53 23.89
CA SER I 177 -8.37 57.07 25.25
C SER I 177 -9.35 57.99 25.99
N THR I 178 -10.35 57.40 26.65
CA THR I 178 -11.35 58.19 27.34
C THR I 178 -11.26 57.96 28.84
N LEU I 179 -11.04 59.04 29.61
CA LEU I 179 -11.14 58.98 31.06
C LEU I 179 -12.54 59.40 31.47
N THR I 180 -13.21 58.56 32.27
CA THR I 180 -14.61 58.78 32.59
C THR I 180 -14.79 59.02 34.09
N LEU I 181 -15.17 60.24 34.47
CA LEU I 181 -15.33 60.59 35.87
C LEU I 181 -16.69 61.24 36.06
N SER I 182 -17.23 61.12 37.27
CA SER I 182 -18.43 61.84 37.63
C SER I 182 -18.10 63.32 37.72
N LYS I 183 -19.12 64.18 37.47
CA LYS I 183 -18.91 65.62 37.51
C LYS I 183 -18.30 66.00 38.87
N ALA I 184 -18.79 65.39 39.94
CA ALA I 184 -18.36 65.71 41.29
C ALA I 184 -16.86 65.49 41.41
N ASP I 185 -16.40 64.29 40.99
CA ASP I 185 -15.00 63.88 41.03
C ASP I 185 -14.15 64.78 40.13
N TYR I 186 -14.71 65.12 38.96
CA TYR I 186 -13.97 65.94 38.02
C TYR I 186 -13.60 67.28 38.67
N GLU I 187 -14.48 67.77 39.56
CA GLU I 187 -14.39 69.15 39.98
C GLU I 187 -13.53 69.29 41.24
N LYS I 188 -13.08 68.15 41.78
CA LYS I 188 -12.21 68.12 42.94
C LYS I 188 -10.77 68.45 42.54
N HIS I 189 -10.47 68.36 41.23
CA HIS I 189 -9.13 68.29 40.69
C HIS I 189 -8.89 69.30 39.58
N LYS I 190 -7.61 69.62 39.34
CA LYS I 190 -7.22 70.76 38.54
C LYS I 190 -6.48 70.32 37.29
N VAL I 191 -5.48 69.45 37.46
CA VAL I 191 -4.57 69.15 36.36
C VAL I 191 -4.93 67.78 35.79
N TYR I 192 -5.31 67.79 34.51
CA TYR I 192 -5.65 66.59 33.75
C TYR I 192 -4.58 66.39 32.69
N ALA I 193 -3.85 65.27 32.76
CA ALA I 193 -2.77 64.99 31.83
C ALA I 193 -2.95 63.61 31.19
N CYS I 194 -2.69 63.52 29.87
CA CYS I 194 -2.40 62.19 29.36
C CYS I 194 -0.97 62.08 28.86
N GLU I 195 -0.38 60.95 29.21
CA GLU I 195 1.02 60.65 29.04
C GLU I 195 1.15 59.47 28.08
N VAL I 196 1.77 59.72 26.92
CA VAL I 196 1.94 58.66 25.93
C VAL I 196 3.40 58.23 25.91
N THR I 197 3.68 56.93 26.07
CA THR I 197 5.07 56.45 26.07
C THR I 197 5.24 55.48 24.91
N GLN I 198 6.38 55.65 24.20
CA GLN I 198 6.68 54.92 22.98
C GLN I 198 8.20 54.82 22.82
N GLY I 199 8.73 53.64 23.16
CA GLY I 199 10.16 53.46 23.29
C GLY I 199 10.77 54.35 24.37
N THR I 200 11.56 55.32 23.90
CA THR I 200 12.31 56.25 24.72
C THR I 200 11.52 57.54 24.98
N THR I 201 10.53 57.88 24.14
CA THR I 201 9.78 59.14 24.22
C THR I 201 8.54 58.97 25.07
N SER I 202 8.35 59.90 26.02
CA SER I 202 7.18 60.04 26.85
C SER I 202 6.66 61.47 26.68
N VAL I 203 5.53 61.64 25.99
CA VAL I 203 4.96 62.95 25.72
C VAL I 203 3.71 63.12 26.59
N THR I 204 3.65 64.22 27.35
CA THR I 204 2.48 64.46 28.18
C THR I 204 1.78 65.76 27.75
N LYS I 205 0.52 65.64 27.31
CA LYS I 205 -0.35 66.78 27.06
C LYS I 205 -1.33 66.94 28.22
N SER I 206 -1.53 68.18 28.65
CA SER I 206 -2.36 68.39 29.83
C SER I 206 -3.18 69.67 29.66
N PHE I 207 -4.19 69.81 30.52
CA PHE I 207 -4.93 71.05 30.69
C PHE I 207 -5.27 71.25 32.16
N ASN I 208 -5.61 72.49 32.50
CA ASN I 208 -6.20 72.80 33.79
C ASN I 208 -7.69 73.05 33.60
N ARG I 209 -8.50 72.54 34.54
CA ARG I 209 -9.94 72.66 34.48
C ARG I 209 -10.36 74.14 34.47
N GLY I 210 -11.16 74.53 33.46
CA GLY I 210 -11.60 75.90 33.21
C GLY I 210 -10.44 76.86 32.97
N GLU I 211 -9.53 76.52 32.04
CA GLU I 211 -8.30 77.27 31.76
C GLU I 211 -7.84 78.09 32.97
N GLU J 14 31.68 -10.46 -60.76
CA GLU J 14 32.33 -10.94 -59.51
C GLU J 14 33.76 -11.39 -59.78
N SER J 15 34.58 -11.42 -58.70
CA SER J 15 35.96 -11.88 -58.78
C SER J 15 36.31 -12.84 -57.63
N TYR J 16 37.28 -13.73 -57.86
CA TYR J 16 37.92 -14.56 -56.85
C TYR J 16 38.84 -13.69 -55.97
N CYS J 17 39.01 -14.10 -54.71
CA CYS J 17 40.03 -13.45 -53.90
C CYS J 17 41.33 -14.26 -53.91
N GLY J 18 42.44 -13.57 -54.29
CA GLY J 18 43.62 -14.12 -54.97
C GLY J 18 44.38 -15.21 -54.21
N PRO J 19 45.47 -15.77 -54.80
CA PRO J 19 46.11 -16.98 -54.26
C PRO J 19 46.60 -16.86 -52.82
N CYS J 20 45.94 -17.59 -51.90
CA CYS J 20 46.25 -17.58 -50.47
C CYS J 20 46.53 -19.00 -50.00
N PRO J 21 47.20 -19.22 -48.86
CA PRO J 21 47.28 -20.57 -48.27
C PRO J 21 45.87 -21.04 -47.91
N LYS J 22 45.66 -22.36 -47.88
CA LYS J 22 44.31 -22.89 -47.76
C LYS J 22 43.74 -22.54 -46.39
N ASN J 23 42.45 -22.19 -46.34
CA ASN J 23 41.73 -21.96 -45.10
C ASN J 23 42.28 -20.72 -44.39
N TRP J 24 42.71 -19.75 -45.18
CA TRP J 24 43.09 -18.45 -44.70
C TRP J 24 42.05 -17.43 -45.16
N ILE J 25 41.89 -16.35 -44.39
CA ILE J 25 41.03 -15.24 -44.75
C ILE J 25 41.68 -14.50 -45.91
N CYS J 26 40.88 -14.16 -46.94
CA CYS J 26 41.36 -13.41 -48.08
C CYS J 26 40.55 -12.11 -48.23
N TYR J 27 41.27 -10.98 -48.31
CA TYR J 27 40.64 -9.68 -48.35
C TYR J 27 41.54 -8.63 -49.01
N LYS J 28 41.10 -8.16 -50.19
CA LYS J 28 41.71 -7.03 -50.88
C LYS J 28 43.17 -7.32 -51.20
N ASN J 29 43.41 -8.53 -51.72
CA ASN J 29 44.73 -8.95 -52.16
C ASN J 29 45.63 -9.22 -50.95
N ASN J 30 45.02 -9.63 -49.84
CA ASN J 30 45.76 -9.94 -48.64
C ASN J 30 45.25 -11.25 -48.04
N CYS J 31 46.16 -12.10 -47.55
CA CYS J 31 45.80 -13.32 -46.84
C CYS J 31 46.15 -13.19 -45.37
N TYR J 32 45.24 -13.64 -44.50
CA TYR J 32 45.45 -13.59 -43.06
C TYR J 32 45.09 -14.92 -42.40
N GLN J 33 45.69 -15.20 -41.24
CA GLN J 33 45.24 -16.27 -40.37
C GLN J 33 45.41 -15.84 -38.92
N PHE J 34 44.46 -16.24 -38.06
CA PHE J 34 44.50 -15.99 -36.62
C PHE J 34 44.92 -17.29 -35.92
N PHE J 35 45.82 -17.19 -34.91
CA PHE J 35 46.35 -18.38 -34.27
C PHE J 35 46.05 -18.33 -32.77
N ASP J 36 45.42 -19.38 -32.23
CA ASP J 36 45.02 -19.47 -30.82
C ASP J 36 46.19 -19.87 -29.93
N GLU J 37 47.24 -20.45 -30.53
CA GLU J 37 48.43 -20.95 -29.87
C GLU J 37 49.24 -19.79 -29.30
N SER J 38 49.45 -19.77 -27.98
CA SER J 38 50.21 -18.68 -27.34
C SER J 38 51.71 -18.86 -27.56
N LYS J 39 52.30 -17.94 -28.32
CA LYS J 39 53.73 -17.95 -28.62
C LYS J 39 54.31 -16.56 -28.37
N ASN J 40 55.61 -16.51 -28.08
CA ASN J 40 56.31 -15.25 -27.94
C ASN J 40 56.59 -14.71 -29.34
N TRP J 41 57.13 -13.49 -29.41
CA TRP J 41 57.30 -12.81 -30.68
C TRP J 41 58.12 -13.68 -31.63
N TYR J 42 59.29 -14.16 -31.16
CA TYR J 42 60.22 -14.82 -32.08
C TYR J 42 59.57 -16.07 -32.65
N GLU J 43 58.94 -16.88 -31.77
CA GLU J 43 58.33 -18.13 -32.18
C GLU J 43 57.15 -17.84 -33.12
N SER J 44 56.42 -16.75 -32.87
CA SER J 44 55.30 -16.32 -33.69
C SER J 44 55.78 -15.98 -35.10
N GLN J 45 56.86 -15.20 -35.18
CA GLN J 45 57.46 -14.84 -36.45
C GLN J 45 57.85 -16.10 -37.23
N ALA J 46 58.52 -17.02 -36.53
CA ALA J 46 59.02 -18.26 -37.11
C ALA J 46 57.85 -19.04 -37.71
N SER J 47 56.74 -19.11 -36.95
CA SER J 47 55.55 -19.81 -37.38
C SER J 47 55.07 -19.23 -38.71
N CYS J 48 54.94 -17.89 -38.78
CA CYS J 48 54.42 -17.25 -39.98
C CYS J 48 55.36 -17.52 -41.14
N MET J 49 56.67 -17.41 -40.86
CA MET J 49 57.69 -17.71 -41.85
C MET J 49 57.44 -19.11 -42.40
N SER J 50 57.22 -20.08 -41.51
CA SER J 50 57.00 -21.49 -41.87
C SER J 50 55.99 -21.61 -42.99
N GLN J 51 55.03 -20.67 -43.04
CA GLN J 51 53.92 -20.75 -43.98
C GLN J 51 54.08 -19.74 -45.10
N ASN J 52 55.34 -19.44 -45.47
CA ASN J 52 55.67 -18.51 -46.54
C ASN J 52 55.00 -17.15 -46.28
N ALA J 53 54.86 -16.76 -45.02
CA ALA J 53 54.23 -15.50 -44.67
C ALA J 53 55.05 -14.77 -43.60
N SER J 54 54.43 -13.79 -42.96
CA SER J 54 55.05 -13.02 -41.89
C SER J 54 53.97 -12.44 -40.96
N LEU J 55 54.37 -11.87 -39.83
CA LEU J 55 53.42 -11.32 -38.90
C LEU J 55 52.68 -10.16 -39.56
N LEU J 56 51.47 -9.88 -39.06
CA LEU J 56 50.61 -8.82 -39.56
C LEU J 56 51.43 -7.54 -39.67
N LYS J 57 51.40 -6.91 -40.86
CA LYS J 57 51.87 -5.55 -41.05
C LYS J 57 50.63 -4.67 -41.26
N VAL J 58 50.47 -3.60 -40.45
CA VAL J 58 49.39 -2.66 -40.66
C VAL J 58 49.88 -1.56 -41.61
N TYR J 59 49.10 -1.27 -42.67
CA TYR J 59 49.60 -0.32 -43.67
C TYR J 59 48.50 0.63 -44.12
N SER J 60 47.28 0.13 -44.21
CA SER J 60 46.20 0.93 -44.76
C SER J 60 44.92 0.62 -43.99
N LYS J 61 44.24 1.67 -43.55
CA LYS J 61 43.06 1.49 -42.74
C LYS J 61 41.89 1.09 -43.65
N GLU J 62 42.01 1.35 -44.95
CA GLU J 62 40.95 1.08 -45.93
C GLU J 62 41.07 -0.36 -46.41
N ASP J 63 42.30 -0.78 -46.68
CA ASP J 63 42.57 -2.08 -47.25
C ASP J 63 42.43 -3.16 -46.19
N GLN J 64 42.60 -2.77 -44.94
CA GLN J 64 42.62 -3.73 -43.86
C GLN J 64 41.58 -3.32 -42.83
N ASP J 65 40.42 -2.87 -43.31
CA ASP J 65 39.43 -2.32 -42.40
C ASP J 65 38.83 -3.42 -41.51
N LEU J 66 38.94 -4.68 -41.97
CA LEU J 66 38.47 -5.82 -41.20
C LEU J 66 39.16 -5.86 -39.84
N LEU J 67 40.36 -5.28 -39.71
CA LEU J 67 41.08 -5.33 -38.45
C LEU J 67 40.33 -4.54 -37.39
N LYS J 68 39.29 -3.82 -37.79
CA LYS J 68 38.53 -2.98 -36.88
C LYS J 68 37.62 -3.81 -35.98
N LEU J 69 37.46 -5.13 -36.22
CA LEU J 69 36.54 -5.94 -35.41
C LEU J 69 37.20 -7.09 -34.67
N VAL J 70 38.54 -7.15 -34.69
CA VAL J 70 39.28 -8.26 -34.12
C VAL J 70 39.37 -8.09 -32.60
N LYS J 71 39.12 -9.15 -31.83
CA LYS J 71 38.82 -8.91 -30.43
C LYS J 71 40.05 -9.05 -29.53
N SER J 72 40.79 -10.14 -29.59
CA SER J 72 41.80 -10.25 -28.54
C SER J 72 42.96 -9.30 -28.82
N TYR J 73 44.07 -9.48 -28.11
CA TYR J 73 45.35 -8.87 -28.43
C TYR J 73 46.16 -9.86 -29.26
N HIS J 74 46.86 -9.39 -30.30
CA HIS J 74 47.63 -10.31 -31.14
C HIS J 74 49.02 -9.77 -31.46
N TRP J 75 50.00 -10.66 -31.69
CA TRP J 75 51.30 -10.21 -32.18
C TRP J 75 51.16 -9.71 -33.61
N MET J 76 51.83 -8.58 -33.91
CA MET J 76 52.07 -8.10 -35.26
C MET J 76 53.55 -7.82 -35.42
N GLY J 77 53.95 -7.52 -36.67
CA GLY J 77 55.35 -7.42 -37.06
C GLY J 77 56.02 -6.07 -36.75
N LEU J 78 55.65 -5.42 -35.64
CA LEU J 78 56.27 -4.16 -35.24
C LEU J 78 57.21 -4.36 -34.06
N VAL J 79 58.48 -3.96 -34.24
CA VAL J 79 59.53 -4.20 -33.24
C VAL J 79 60.41 -2.97 -33.06
N HIS J 80 61.00 -2.85 -31.86
CA HIS J 80 61.94 -1.79 -31.54
C HIS J 80 63.35 -2.18 -31.97
N ILE J 81 63.92 -1.42 -32.92
CA ILE J 81 65.31 -1.61 -33.29
C ILE J 81 66.16 -0.66 -32.44
N PRO J 82 66.91 -1.15 -31.42
CA PRO J 82 67.55 -0.23 -30.48
C PRO J 82 68.74 0.57 -31.05
N THR J 83 69.22 0.16 -32.24
CA THR J 83 70.34 0.75 -32.95
C THR J 83 69.87 2.00 -33.70
N ASN J 84 68.75 1.92 -34.43
CA ASN J 84 68.12 3.05 -35.08
C ASN J 84 67.30 3.83 -34.04
N GLY J 85 67.10 3.28 -32.84
CA GLY J 85 66.11 3.75 -31.89
C GLY J 85 64.67 3.88 -32.44
N SER J 86 64.30 3.15 -33.50
CA SER J 86 63.02 3.30 -34.19
C SER J 86 62.11 2.10 -33.95
N TRP J 87 60.80 2.28 -34.22
CA TRP J 87 59.90 1.15 -34.33
C TRP J 87 59.70 0.80 -35.81
N GLN J 88 59.93 -0.48 -36.15
CA GLN J 88 60.11 -0.91 -37.54
C GLN J 88 59.21 -2.11 -37.84
N TRP J 89 58.69 -2.12 -39.07
CA TRP J 89 58.02 -3.29 -39.61
C TRP J 89 59.09 -4.20 -40.20
N GLU J 90 58.70 -5.44 -40.46
CA GLU J 90 59.57 -6.48 -40.95
C GLU J 90 60.37 -6.01 -42.16
N ASP J 91 59.70 -5.36 -43.11
CA ASP J 91 60.32 -5.00 -44.39
C ASP J 91 61.29 -3.83 -44.24
N GLY J 92 61.25 -3.13 -43.11
CA GLY J 92 62.26 -2.11 -42.88
C GLY J 92 61.71 -0.71 -42.66
N SER J 93 60.44 -0.48 -43.00
CA SER J 93 59.84 0.85 -42.85
C SER J 93 59.55 1.16 -41.39
N ILE J 94 59.58 2.46 -41.06
CA ILE J 94 59.30 2.98 -39.73
C ILE J 94 57.80 3.07 -39.53
N LEU J 95 57.35 3.22 -38.28
CA LEU J 95 55.93 3.33 -37.96
C LEU J 95 55.48 4.77 -38.19
N SER J 96 54.41 4.94 -38.98
CA SER J 96 53.74 6.22 -39.11
C SER J 96 52.99 6.52 -37.82
N PRO J 97 53.16 7.74 -37.24
CA PRO J 97 52.38 8.13 -36.06
C PRO J 97 50.90 8.25 -36.40
N ASN J 98 50.59 8.20 -37.70
CA ASN J 98 49.23 8.34 -38.16
C ASN J 98 48.50 7.00 -38.20
N LEU J 99 49.28 5.93 -38.30
CA LEU J 99 48.68 4.64 -38.57
C LEU J 99 47.94 4.11 -37.34
N LEU J 100 48.66 4.03 -36.23
CA LEU J 100 48.12 3.36 -35.05
C LEU J 100 48.11 4.34 -33.89
N THR J 101 47.17 4.15 -32.97
CA THR J 101 47.26 4.73 -31.65
C THR J 101 48.10 3.81 -30.77
N ILE J 102 49.21 4.34 -30.25
CA ILE J 102 50.18 3.52 -29.53
C ILE J 102 49.93 3.70 -28.03
N ILE J 103 49.74 2.59 -27.31
CA ILE J 103 49.65 2.61 -25.86
C ILE J 103 50.87 1.90 -25.26
N GLU J 104 51.58 2.59 -24.36
CA GLU J 104 52.77 2.05 -23.72
C GLU J 104 52.50 1.97 -22.22
N MET J 105 51.94 0.85 -21.76
CA MET J 105 51.50 0.78 -20.37
C MET J 105 52.57 0.19 -19.46
N GLN J 106 53.32 -0.78 -19.98
CA GLN J 106 54.57 -1.28 -19.43
C GLN J 106 55.55 -1.31 -20.59
N LYS J 107 56.84 -1.53 -20.31
CA LYS J 107 57.87 -1.44 -21.35
C LYS J 107 58.01 -2.73 -22.14
N GLY J 108 58.73 -2.65 -23.26
CA GLY J 108 59.01 -3.84 -24.08
C GLY J 108 59.50 -3.42 -25.46
N ASP J 109 59.91 -4.38 -26.30
CA ASP J 109 60.54 -4.10 -27.58
C ASP J 109 59.71 -4.66 -28.74
N CYS J 110 58.51 -5.17 -28.42
CA CYS J 110 57.60 -5.69 -29.42
C CYS J 110 56.21 -5.06 -29.24
N ALA J 111 55.31 -5.27 -30.20
CA ALA J 111 54.00 -4.66 -30.07
C ALA J 111 52.88 -5.62 -30.51
N LEU J 112 51.77 -5.57 -29.76
CA LEU J 112 50.55 -6.29 -30.03
C LEU J 112 49.61 -5.39 -30.81
N TYR J 113 48.77 -5.99 -31.67
CA TYR J 113 47.68 -5.29 -32.32
C TYR J 113 46.38 -5.45 -31.52
N ALA J 114 45.62 -4.35 -31.38
CA ALA J 114 44.32 -4.47 -30.77
C ALA J 114 43.30 -3.65 -31.53
N SER J 115 42.03 -3.87 -31.25
CA SER J 115 41.06 -3.48 -32.24
C SER J 115 40.75 -2.00 -32.09
N SER J 116 40.59 -1.40 -33.29
CA SER J 116 40.54 0.02 -33.60
C SER J 116 41.96 0.51 -33.89
N PHE J 117 42.79 -0.22 -34.67
CA PHE J 117 44.11 0.25 -35.08
C PHE J 117 44.87 0.87 -33.90
N LYS J 118 44.92 0.08 -32.82
CA LYS J 118 45.75 0.39 -31.68
C LYS J 118 47.01 -0.47 -31.74
N GLY J 119 48.05 -0.02 -31.02
CA GLY J 119 49.28 -0.79 -30.82
C GLY J 119 49.66 -0.79 -29.34
N TYR J 120 49.64 -1.98 -28.71
CA TYR J 120 50.08 -2.10 -27.33
C TYR J 120 51.52 -2.58 -27.31
N ILE J 121 52.38 -1.85 -26.60
CA ILE J 121 53.77 -2.22 -26.46
C ILE J 121 53.86 -3.28 -25.37
N GLU J 122 54.53 -4.41 -25.71
CA GLU J 122 54.63 -5.53 -24.79
C GLU J 122 55.94 -6.31 -24.84
N ASN J 123 56.20 -7.02 -23.75
CA ASN J 123 57.39 -7.84 -23.55
C ASN J 123 57.47 -8.91 -24.63
N CYS J 124 58.57 -8.98 -25.38
CA CYS J 124 58.68 -9.91 -26.50
C CYS J 124 58.62 -11.37 -26.07
N SER J 125 58.91 -11.60 -24.78
CA SER J 125 58.89 -12.95 -24.21
C SER J 125 57.47 -13.42 -23.96
N THR J 126 56.54 -12.48 -23.63
CA THR J 126 55.23 -12.86 -23.12
C THR J 126 54.44 -13.52 -24.24
N PRO J 127 53.98 -14.79 -24.06
CA PRO J 127 53.31 -15.49 -25.15
C PRO J 127 51.93 -14.89 -25.40
N ASN J 128 51.57 -14.74 -26.68
CA ASN J 128 50.30 -14.18 -27.08
C ASN J 128 49.84 -14.90 -28.34
N THR J 129 48.55 -14.75 -28.63
CA THR J 129 48.02 -15.18 -29.92
C THR J 129 48.68 -14.31 -30.99
N TYR J 130 48.63 -14.72 -32.26
CA TYR J 130 49.28 -13.95 -33.32
C TYR J 130 48.45 -13.98 -34.61
N ILE J 131 48.77 -13.02 -35.51
CA ILE J 131 48.16 -12.91 -36.81
C ILE J 131 49.25 -12.99 -37.88
N CYS J 132 49.11 -13.94 -38.82
CA CYS J 132 50.04 -13.96 -39.93
C CYS J 132 49.38 -13.30 -41.14
N MET J 133 50.19 -12.76 -42.07
CA MET J 133 49.72 -12.09 -43.27
C MET J 133 50.67 -12.37 -44.42
N GLN J 134 50.09 -12.63 -45.60
CA GLN J 134 50.89 -12.87 -46.79
C GLN J 134 50.26 -12.04 -47.91
N ARG J 135 51.08 -11.29 -48.64
CA ARG J 135 50.54 -10.43 -49.68
C ARG J 135 50.51 -11.21 -50.99
N THR J 136 49.30 -11.55 -51.42
CA THR J 136 48.94 -12.12 -52.70
C THR J 136 49.69 -11.46 -53.87
N VAL J 137 50.36 -12.32 -54.67
CA VAL J 137 51.17 -12.09 -55.88
C VAL J 137 51.55 -10.61 -56.13
N THR K 13 -43.58 2.62 -20.09
CA THR K 13 -43.58 2.93 -18.64
C THR K 13 -42.71 1.92 -17.89
N GLU K 14 -42.50 0.73 -18.46
CA GLU K 14 -41.86 -0.37 -17.69
C GLU K 14 -40.61 -0.88 -18.41
N SER K 15 -39.57 -1.23 -17.65
CA SER K 15 -38.29 -1.64 -18.27
C SER K 15 -37.46 -2.56 -17.36
N TYR K 16 -36.60 -3.40 -17.94
CA TYR K 16 -35.75 -4.32 -17.20
C TYR K 16 -34.61 -3.57 -16.48
N CYS K 17 -34.17 -4.07 -15.32
CA CYS K 17 -33.17 -3.37 -14.52
C CYS K 17 -31.82 -4.07 -14.65
N GLY K 18 -30.77 -3.28 -14.96
CA GLY K 18 -29.50 -3.63 -15.61
C GLY K 18 -28.75 -4.84 -15.05
N PRO K 19 -27.74 -5.36 -15.80
CA PRO K 19 -27.10 -6.64 -15.46
C PRO K 19 -26.47 -6.71 -14.07
N CYS K 20 -27.05 -7.55 -13.20
CA CYS K 20 -26.62 -7.72 -11.82
C CYS K 20 -26.32 -9.19 -11.56
N PRO K 21 -25.60 -9.58 -10.49
CA PRO K 21 -25.57 -10.99 -10.04
C PRO K 21 -26.98 -11.40 -9.65
N LYS K 22 -27.29 -12.69 -9.77
CA LYS K 22 -28.68 -13.12 -9.58
C LYS K 22 -29.04 -12.94 -8.10
N ASN K 23 -30.29 -12.53 -7.85
CA ASN K 23 -30.84 -12.44 -6.51
C ASN K 23 -30.15 -11.32 -5.73
N TRP K 24 -29.78 -10.27 -6.47
CA TRP K 24 -29.31 -9.03 -5.87
C TRP K 24 -30.37 -7.95 -6.12
N ILE K 25 -30.35 -6.90 -5.28
CA ILE K 25 -31.20 -5.74 -5.45
C ILE K 25 -30.69 -4.95 -6.64
N CYS K 26 -31.59 -4.50 -7.55
CA CYS K 26 -31.25 -3.58 -8.62
C CYS K 26 -32.05 -2.28 -8.49
N TYR K 27 -31.34 -1.14 -8.52
CA TYR K 27 -31.95 0.17 -8.36
C TYR K 27 -31.16 1.23 -9.12
N LYS K 28 -31.83 1.79 -10.15
CA LYS K 28 -31.32 2.90 -10.92
C LYS K 28 -30.06 2.44 -11.64
N ASN K 29 -30.00 1.16 -12.03
CA ASN K 29 -28.86 0.60 -12.73
C ASN K 29 -27.66 0.45 -11.82
N ASN K 30 -27.97 0.13 -10.55
CA ASN K 30 -26.98 -0.24 -9.56
C ASN K 30 -27.37 -1.53 -8.87
N CYS K 31 -26.39 -2.40 -8.56
CA CYS K 31 -26.68 -3.69 -7.94
C CYS K 31 -26.14 -3.75 -6.53
N TYR K 32 -26.96 -4.22 -5.58
CA TYR K 32 -26.60 -4.24 -4.18
C TYR K 32 -26.93 -5.59 -3.55
N GLN K 33 -26.22 -5.92 -2.46
CA GLN K 33 -26.63 -6.99 -1.58
C GLN K 33 -26.24 -6.67 -0.14
N PHE K 34 -27.12 -7.01 0.81
CA PHE K 34 -26.90 -6.85 2.24
C PHE K 34 -26.53 -8.20 2.86
N PHE K 35 -25.53 -8.23 3.74
CA PHE K 35 -25.00 -9.49 4.24
C PHE K 35 -25.05 -9.52 5.76
N ASP K 36 -25.70 -10.57 6.34
CA ASP K 36 -25.95 -10.65 7.76
C ASP K 36 -24.76 -11.24 8.51
N GLU K 37 -23.83 -11.88 7.79
CA GLU K 37 -22.63 -12.46 8.36
C GLU K 37 -21.64 -11.38 8.81
N SER K 38 -21.28 -11.36 10.11
CA SER K 38 -20.39 -10.35 10.66
C SER K 38 -18.93 -10.61 10.23
N LYS K 39 -18.38 -9.68 9.45
CA LYS K 39 -17.02 -9.77 8.93
C LYS K 39 -16.28 -8.45 9.15
N ASN K 40 -14.95 -8.52 9.25
CA ASN K 40 -14.14 -7.31 9.31
C ASN K 40 -14.02 -6.72 7.90
N TRP K 41 -13.42 -5.54 7.79
CA TRP K 41 -13.38 -4.84 6.52
C TRP K 41 -12.71 -5.71 5.46
N TYR K 42 -11.55 -6.26 5.79
CA TYR K 42 -10.73 -6.95 4.81
C TYR K 42 -11.51 -8.15 4.24
N GLU K 43 -12.09 -8.94 5.17
CA GLU K 43 -12.82 -10.13 4.79
C GLU K 43 -14.08 -9.76 4.00
N SER K 44 -14.70 -8.64 4.38
CA SER K 44 -15.90 -8.12 3.73
C SER K 44 -15.58 -7.77 2.27
N GLN K 45 -14.46 -7.07 2.07
CA GLN K 45 -14.08 -6.67 0.73
C GLN K 45 -13.81 -7.91 -0.13
N ALA K 46 -13.13 -8.92 0.45
CA ALA K 46 -12.82 -10.16 -0.24
C ALA K 46 -14.11 -10.84 -0.69
N SER K 47 -15.10 -10.86 0.20
CA SER K 47 -16.41 -11.43 -0.09
C SER K 47 -17.00 -10.78 -1.35
N CYS K 48 -17.03 -9.43 -1.36
CA CYS K 48 -17.64 -8.72 -2.47
C CYS K 48 -16.85 -9.01 -3.75
N MET K 49 -15.52 -9.01 -3.63
CA MET K 49 -14.64 -9.36 -4.74
C MET K 49 -15.07 -10.72 -5.29
N SER K 50 -15.27 -11.70 -4.39
CA SER K 50 -15.62 -13.07 -4.78
C SER K 50 -16.74 -13.08 -5.80
N GLN K 51 -17.64 -12.09 -5.71
CA GLN K 51 -18.83 -12.06 -6.55
C GLN K 51 -18.71 -10.98 -7.63
N ASN K 52 -17.48 -10.75 -8.12
CA ASN K 52 -17.20 -9.79 -9.18
C ASN K 52 -17.71 -8.41 -8.80
N ALA K 53 -17.69 -8.07 -7.51
CA ALA K 53 -18.17 -6.77 -7.06
C ALA K 53 -17.19 -6.14 -6.07
N SER K 54 -17.70 -5.14 -5.31
CA SER K 54 -16.90 -4.43 -4.32
C SER K 54 -17.82 -3.83 -3.25
N LEU K 55 -17.24 -3.32 -2.16
CA LEU K 55 -18.07 -2.75 -1.10
C LEU K 55 -18.81 -1.52 -1.63
N LEU K 56 -19.94 -1.19 -1.00
CA LEU K 56 -20.79 -0.06 -1.38
C LEU K 56 -19.93 1.18 -1.54
N LYS K 57 -20.07 1.85 -2.68
CA LYS K 57 -19.54 3.19 -2.90
C LYS K 57 -20.71 4.16 -2.91
N VAL K 58 -20.66 5.19 -2.06
CA VAL K 58 -21.68 6.22 -2.03
C VAL K 58 -21.23 7.37 -2.93
N TYR K 59 -22.08 7.84 -3.83
CA TYR K 59 -21.68 9.01 -4.61
C TYR K 59 -22.84 9.96 -4.86
N SER K 60 -24.07 9.47 -4.87
CA SER K 60 -25.17 10.36 -5.20
C SER K 60 -26.35 10.18 -4.27
N LYS K 61 -26.84 11.30 -3.74
CA LYS K 61 -27.94 11.25 -2.81
C LYS K 61 -29.24 11.00 -3.55
N GLU K 62 -29.27 11.37 -4.86
CA GLU K 62 -30.49 11.30 -5.66
C GLU K 62 -30.57 9.97 -6.41
N ASP K 63 -29.43 9.37 -6.74
CA ASP K 63 -29.38 8.09 -7.42
C ASP K 63 -29.41 6.94 -6.41
N GLN K 64 -29.01 7.22 -5.18
CA GLN K 64 -28.94 6.14 -4.21
C GLN K 64 -29.74 6.54 -2.98
N ASP K 65 -30.93 7.09 -3.23
CA ASP K 65 -31.79 7.55 -2.17
C ASP K 65 -32.29 6.37 -1.33
N LEU K 66 -32.25 5.14 -1.87
CA LEU K 66 -32.66 3.98 -1.08
C LEU K 66 -31.77 3.83 0.17
N LEU K 67 -30.55 4.36 0.13
CA LEU K 67 -29.66 4.25 1.28
C LEU K 67 -30.22 5.04 2.46
N LYS K 68 -31.23 5.87 2.20
CA LYS K 68 -31.86 6.67 3.23
C LYS K 68 -32.77 5.81 4.10
N LEU K 69 -33.08 4.58 3.68
CA LEU K 69 -34.08 3.73 4.33
C LEU K 69 -33.44 2.54 5.06
N VAL K 70 -32.12 2.40 4.98
CA VAL K 70 -31.40 1.25 5.51
C VAL K 70 -31.21 1.42 7.01
N LYS K 71 -31.43 0.37 7.77
CA LYS K 71 -31.39 0.42 9.23
C LYS K 71 -29.97 0.03 9.64
N SER K 72 -29.54 0.45 10.84
CA SER K 72 -28.29 -0.09 11.33
C SER K 72 -27.09 0.34 10.48
N TYR K 73 -25.91 -0.05 10.94
CA TYR K 73 -24.60 0.35 10.43
C TYR K 73 -23.97 -0.87 9.74
N HIS K 74 -23.27 -0.63 8.63
CA HIS K 74 -22.77 -1.65 7.72
C HIS K 74 -21.41 -1.22 7.16
N TRP K 75 -20.56 -2.17 6.73
CA TRP K 75 -19.32 -1.82 6.06
C TRP K 75 -19.62 -1.28 4.68
N MET K 76 -18.85 -0.25 4.30
CA MET K 76 -18.92 0.50 3.06
C MET K 76 -17.47 0.56 2.55
N GLY K 77 -17.26 0.85 1.26
CA GLY K 77 -15.94 0.72 0.66
C GLY K 77 -15.03 1.94 0.83
N LEU K 78 -15.15 2.63 1.98
CA LEU K 78 -14.34 3.82 2.27
C LEU K 78 -13.28 3.51 3.31
N VAL K 79 -12.03 3.76 2.94
CA VAL K 79 -10.86 3.38 3.72
C VAL K 79 -9.82 4.50 3.67
N HIS K 80 -9.04 4.58 4.75
CA HIS K 80 -7.80 5.34 4.81
C HIS K 80 -6.66 4.36 4.50
N ILE K 81 -5.93 4.62 3.41
CA ILE K 81 -4.73 3.86 3.09
C ILE K 81 -3.56 4.58 3.74
N PRO K 82 -2.94 4.02 4.82
CA PRO K 82 -1.94 4.74 5.60
C PRO K 82 -0.72 5.36 4.88
N THR K 83 -0.54 5.06 3.57
CA THR K 83 0.47 5.70 2.73
C THR K 83 0.01 7.09 2.25
N ASN K 84 -1.23 7.16 1.74
CA ASN K 84 -1.84 8.38 1.24
C ASN K 84 -2.37 9.19 2.44
N GLY K 85 -2.21 10.53 2.43
CA GLY K 85 -2.68 11.38 3.51
C GLY K 85 -4.18 11.31 3.80
N SER K 86 -5.04 10.96 2.82
CA SER K 86 -6.48 11.18 2.92
C SER K 86 -7.25 9.86 2.82
N TRP K 87 -8.58 9.96 2.68
CA TRP K 87 -9.48 8.82 2.64
C TRP K 87 -9.85 8.59 1.18
N GLN K 88 -10.23 7.35 0.85
CA GLN K 88 -10.54 6.98 -0.53
C GLN K 88 -11.52 5.81 -0.60
N TRP K 89 -12.21 5.71 -1.74
CA TRP K 89 -13.08 4.58 -2.04
C TRP K 89 -12.24 3.41 -2.53
N GLU K 90 -12.82 2.21 -2.45
CA GLU K 90 -12.30 0.99 -3.05
C GLU K 90 -11.73 1.28 -4.44
N ASP K 91 -12.46 2.08 -5.24
CA ASP K 91 -12.20 2.45 -6.61
C ASP K 91 -10.92 3.27 -6.74
N GLY K 92 -10.57 3.96 -5.65
CA GLY K 92 -9.41 4.84 -5.66
C GLY K 92 -9.75 6.34 -5.68
N SER K 93 -11.02 6.69 -5.90
CA SER K 93 -11.46 8.07 -5.96
C SER K 93 -11.56 8.66 -4.54
N ILE K 94 -11.46 10.00 -4.50
CA ILE K 94 -11.40 10.81 -3.29
C ILE K 94 -12.81 10.97 -2.71
N LEU K 95 -12.89 11.27 -1.41
CA LEU K 95 -14.18 11.48 -0.78
C LEU K 95 -14.51 12.96 -0.81
N SER K 96 -15.68 13.34 -1.35
CA SER K 96 -16.22 14.68 -1.22
C SER K 96 -16.63 14.94 0.23
N PRO K 97 -16.20 16.06 0.84
CA PRO K 97 -16.61 16.36 2.22
C PRO K 97 -18.10 16.69 2.28
N ASN K 98 -18.72 16.83 1.10
CA ASN K 98 -20.13 17.14 0.99
C ASN K 98 -21.00 15.88 1.05
N LEU K 99 -20.40 14.73 0.71
CA LEU K 99 -21.18 13.53 0.55
C LEU K 99 -21.75 13.03 1.87
N LEU K 100 -20.87 12.79 2.85
CA LEU K 100 -21.32 12.12 4.05
C LEU K 100 -21.12 13.02 5.25
N THR K 101 -21.95 12.80 6.28
CA THR K 101 -21.65 13.30 7.59
C THR K 101 -20.74 12.30 8.29
N ILE K 102 -19.51 12.71 8.62
CA ILE K 102 -18.51 11.79 9.15
C ILE K 102 -18.48 11.94 10.67
N ILE K 103 -18.62 10.82 11.37
CA ILE K 103 -18.72 10.80 12.82
C ILE K 103 -17.55 9.95 13.32
N GLU K 104 -16.72 10.58 14.16
CA GLU K 104 -15.46 9.98 14.56
C GLU K 104 -15.51 9.75 16.07
N MET K 105 -16.10 8.62 16.48
CA MET K 105 -16.28 8.33 17.89
C MET K 105 -15.32 7.21 18.32
N GLN K 106 -15.02 6.28 17.40
CA GLN K 106 -13.99 5.26 17.56
C GLN K 106 -12.77 5.65 16.71
N LYS K 107 -11.66 4.93 16.87
CA LYS K 107 -10.48 5.27 16.08
C LYS K 107 -10.17 4.15 15.08
N GLY K 108 -10.05 4.49 13.79
CA GLY K 108 -9.78 3.46 12.81
C GLY K 108 -9.58 4.05 11.43
N ASP K 109 -9.36 3.16 10.45
CA ASP K 109 -8.96 3.54 9.11
C ASP K 109 -9.99 3.04 8.10
N CYS K 110 -11.15 2.59 8.60
CA CYS K 110 -12.26 2.15 7.77
C CYS K 110 -13.54 2.86 8.24
N ALA K 111 -14.59 2.76 7.42
CA ALA K 111 -15.81 3.45 7.77
C ALA K 111 -17.06 2.61 7.51
N LEU K 112 -18.01 2.71 8.44
CA LEU K 112 -19.32 2.09 8.36
C LEU K 112 -20.30 3.11 7.77
N TYR K 113 -21.30 2.60 7.04
CA TYR K 113 -22.41 3.42 6.58
C TYR K 113 -23.59 3.34 7.54
N ALA K 114 -24.24 4.48 7.82
CA ALA K 114 -25.48 4.41 8.58
C ALA K 114 -26.50 5.34 7.95
N SER K 115 -27.74 5.23 8.37
CA SER K 115 -28.77 5.81 7.54
C SER K 115 -28.83 7.31 7.74
N SER K 116 -29.02 7.96 6.59
CA SER K 116 -28.98 9.37 6.29
C SER K 116 -27.55 9.78 5.90
N PHE K 117 -26.92 9.00 4.99
CA PHE K 117 -25.63 9.34 4.39
C PHE K 117 -24.66 9.82 5.47
N LYS K 118 -24.53 8.97 6.51
CA LYS K 118 -23.53 9.15 7.55
C LYS K 118 -22.37 8.21 7.27
N GLY K 119 -21.20 8.55 7.85
CA GLY K 119 -20.05 7.67 7.91
C GLY K 119 -19.49 7.56 9.33
N TYR K 120 -19.57 6.37 9.94
CA TYR K 120 -18.94 6.14 11.24
C TYR K 120 -17.56 5.55 11.01
N ILE K 121 -16.55 6.16 11.66
CA ILE K 121 -15.18 5.66 11.63
C ILE K 121 -15.10 4.47 12.59
N GLU K 122 -14.57 3.36 12.05
CA GLU K 122 -14.56 2.06 12.71
C GLU K 122 -13.22 1.35 12.55
N ASN K 123 -12.75 0.66 13.61
CA ASN K 123 -11.56 -0.18 13.54
C ASN K 123 -11.78 -1.27 12.49
N CYS K 124 -10.87 -1.39 11.52
CA CYS K 124 -11.06 -2.27 10.38
C CYS K 124 -11.16 -3.72 10.81
N SER K 125 -10.66 -4.03 12.01
CA SER K 125 -10.68 -5.37 12.56
C SER K 125 -12.06 -5.77 13.11
N THR K 126 -12.92 -4.81 13.49
CA THR K 126 -14.15 -5.12 14.20
C THR K 126 -15.20 -5.65 13.23
N PRO K 127 -15.75 -6.86 13.45
CA PRO K 127 -16.71 -7.45 12.50
C PRO K 127 -18.05 -6.72 12.49
N ASN K 128 -18.59 -6.49 11.29
CA ASN K 128 -19.86 -5.83 11.10
C ASN K 128 -20.57 -6.46 9.90
N THR K 129 -21.88 -6.20 9.76
CA THR K 129 -22.58 -6.58 8.54
C THR K 129 -22.00 -5.76 7.39
N TYR K 130 -22.23 -6.11 6.12
CA TYR K 130 -21.67 -5.35 5.01
C TYR K 130 -22.65 -5.25 3.83
N ILE K 131 -22.37 -4.29 2.93
CA ILE K 131 -23.12 -4.05 1.71
C ILE K 131 -22.16 -4.12 0.52
N CYS K 132 -22.43 -4.99 -0.46
CA CYS K 132 -21.65 -5.00 -1.68
C CYS K 132 -22.40 -4.25 -2.78
N MET K 133 -21.68 -3.84 -3.85
CA MET K 133 -22.24 -3.09 -4.97
C MET K 133 -21.52 -3.45 -6.27
N GLN K 134 -22.26 -3.53 -7.38
CA GLN K 134 -21.71 -3.69 -8.71
C GLN K 134 -22.44 -2.77 -9.71
N ARG K 135 -21.98 -2.75 -10.99
CA ARG K 135 -22.68 -2.08 -12.10
C ARG K 135 -22.60 -2.90 -13.40
N GLU L 14 -25.06 -14.36 -13.90
CA GLU L 14 -25.60 -12.98 -13.61
C GLU L 14 -26.58 -12.59 -14.71
N SER L 15 -27.75 -12.04 -14.33
CA SER L 15 -28.82 -11.73 -15.27
C SER L 15 -29.53 -10.42 -14.90
N TYR L 16 -30.42 -9.96 -15.79
CA TYR L 16 -31.27 -8.78 -15.63
C TYR L 16 -32.42 -9.07 -14.67
N CYS L 17 -32.92 -8.03 -14.00
CA CYS L 17 -34.03 -8.17 -13.05
C CYS L 17 -35.33 -7.70 -13.69
N GLY L 18 -36.37 -8.56 -13.61
CA GLY L 18 -37.58 -8.62 -14.45
C GLY L 18 -38.32 -7.31 -14.66
N PRO L 19 -39.19 -7.17 -15.70
CA PRO L 19 -39.73 -5.86 -16.10
C PRO L 19 -40.49 -5.13 -14.99
N CYS L 20 -39.92 -4.00 -14.55
CA CYS L 20 -40.43 -3.18 -13.46
C CYS L 20 -40.69 -1.77 -13.96
N PRO L 21 -41.53 -0.96 -13.28
CA PRO L 21 -41.69 0.46 -13.63
C PRO L 21 -40.36 1.17 -13.44
N LYS L 22 -40.17 2.27 -14.18
CA LYS L 22 -38.93 3.02 -14.26
C LYS L 22 -38.51 3.43 -12.85
N ASN L 23 -37.24 3.19 -12.47
CA ASN L 23 -36.65 3.75 -11.25
C ASN L 23 -37.35 3.20 -10.01
N TRP L 24 -37.69 1.92 -10.09
CA TRP L 24 -38.18 1.16 -8.95
C TRP L 24 -37.11 0.15 -8.55
N ILE L 25 -37.15 -0.27 -7.29
CA ILE L 25 -36.28 -1.32 -6.79
C ILE L 25 -36.77 -2.64 -7.40
N CYS L 26 -35.85 -3.47 -7.91
CA CYS L 26 -36.18 -4.77 -8.48
C CYS L 26 -35.38 -5.86 -7.75
N TYR L 27 -36.10 -6.89 -7.25
CA TYR L 27 -35.51 -7.86 -6.35
C TYR L 27 -36.32 -9.15 -6.35
N LYS L 28 -35.68 -10.19 -6.88
CA LYS L 28 -36.19 -11.55 -6.88
C LYS L 28 -37.51 -11.58 -7.64
N ASN L 29 -37.52 -10.86 -8.76
CA ASN L 29 -38.65 -10.84 -9.68
C ASN L 29 -39.80 -10.04 -9.09
N ASN L 30 -39.47 -9.06 -8.25
CA ASN L 30 -40.46 -8.20 -7.61
C ASN L 30 -40.05 -6.74 -7.72
N CYS L 31 -41.01 -5.83 -7.89
CA CYS L 31 -40.73 -4.40 -7.98
C CYS L 31 -41.32 -3.68 -6.78
N TYR L 32 -40.53 -2.77 -6.20
CA TYR L 32 -40.95 -2.00 -5.04
C TYR L 32 -40.65 -0.50 -5.25
N GLN L 33 -41.41 0.36 -4.57
CA GLN L 33 -41.08 1.77 -4.46
C GLN L 33 -41.55 2.31 -3.11
N PHE L 34 -40.69 3.15 -2.48
CA PHE L 34 -40.94 3.77 -1.19
C PHE L 34 -41.35 5.22 -1.44
N PHE L 35 -42.39 5.70 -0.72
CA PHE L 35 -42.94 7.02 -1.00
C PHE L 35 -42.94 7.85 0.28
N ASP L 36 -42.34 9.07 0.20
CA ASP L 36 -42.12 9.95 1.34
C ASP L 36 -43.37 10.73 1.72
N GLU L 37 -44.31 10.83 0.76
CA GLU L 37 -45.58 11.51 0.86
C GLU L 37 -46.48 10.86 1.92
N SER L 38 -46.86 11.58 2.97
CA SER L 38 -47.79 11.04 3.95
C SER L 38 -49.22 11.02 3.43
N LYS L 39 -49.78 9.81 3.23
CA LYS L 39 -51.12 9.60 2.72
C LYS L 39 -51.87 8.59 3.60
N ASN L 40 -53.20 8.66 3.60
CA ASN L 40 -54.01 7.64 4.23
C ASN L 40 -54.04 6.38 3.36
N TRP L 41 -54.64 5.31 3.91
CA TRP L 41 -54.64 4.04 3.24
C TRP L 41 -55.19 4.16 1.82
N TYR L 42 -56.39 4.77 1.68
CA TYR L 42 -57.08 4.74 0.40
C TYR L 42 -56.24 5.46 -0.64
N GLU L 43 -55.71 6.63 -0.28
CA GLU L 43 -54.94 7.45 -1.21
C GLU L 43 -53.66 6.73 -1.59
N SER L 44 -53.06 6.02 -0.62
CA SER L 44 -51.85 5.23 -0.83
C SER L 44 -52.11 4.13 -1.85
N GLN L 45 -53.22 3.41 -1.65
CA GLN L 45 -53.65 2.33 -2.52
C GLN L 45 -53.82 2.87 -3.94
N ALA L 46 -54.52 4.01 -4.05
CA ALA L 46 -54.85 4.65 -5.31
C ALA L 46 -53.56 4.97 -6.07
N SER L 47 -52.57 5.51 -5.33
CA SER L 47 -51.28 5.85 -5.90
C SER L 47 -50.69 4.62 -6.58
N CYS L 48 -50.64 3.51 -5.82
CA CYS L 48 -49.98 2.31 -6.31
C CYS L 48 -50.75 1.78 -7.51
N MET L 49 -52.08 1.82 -7.41
CA MET L 49 -52.95 1.41 -8.50
C MET L 49 -52.55 2.20 -9.75
N SER L 50 -52.40 3.53 -9.60
CA SER L 50 -52.09 4.42 -10.71
C SER L 50 -50.91 3.89 -11.53
N GLN L 51 -50.00 3.16 -10.88
CA GLN L 51 -48.79 2.70 -11.53
C GLN L 51 -48.85 1.20 -11.80
N ASN L 52 -50.06 0.68 -12.08
CA ASN L 52 -50.28 -0.74 -12.38
C ASN L 52 -49.68 -1.62 -11.27
N ALA L 53 -49.75 -1.13 -10.03
CA ALA L 53 -49.27 -1.89 -8.89
C ALA L 53 -50.28 -1.88 -7.74
N SER L 54 -49.81 -2.22 -6.54
CA SER L 54 -50.64 -2.21 -5.34
C SER L 54 -49.74 -2.07 -4.10
N LEU L 55 -50.36 -1.83 -2.93
CA LEU L 55 -49.58 -1.70 -1.72
C LEU L 55 -48.86 -3.02 -1.41
N LEU L 56 -47.75 -2.92 -0.65
CA LEU L 56 -46.86 -4.03 -0.36
C LEU L 56 -47.67 -5.19 0.16
N LYS L 57 -47.48 -6.37 -0.45
CA LYS L 57 -47.96 -7.63 0.07
C LYS L 57 -46.75 -8.40 0.58
N VAL L 58 -46.77 -8.83 1.86
CA VAL L 58 -45.70 -9.65 2.41
C VAL L 58 -46.10 -11.12 2.26
N TYR L 59 -45.20 -11.97 1.72
CA TYR L 59 -45.55 -13.37 1.49
C TYR L 59 -44.40 -14.30 1.86
N SER L 60 -43.16 -13.84 1.71
CA SER L 60 -42.02 -14.72 1.96
C SER L 60 -40.87 -13.98 2.64
N LYS L 61 -40.30 -14.60 3.68
CA LYS L 61 -39.25 -13.94 4.42
C LYS L 61 -37.94 -14.05 3.63
N GLU L 62 -37.83 -15.04 2.74
CA GLU L 62 -36.61 -15.26 1.96
C GLU L 62 -36.58 -14.41 0.70
N ASP L 63 -37.75 -14.35 0.06
CA ASP L 63 -37.86 -13.66 -1.21
C ASP L 63 -37.88 -12.15 -0.98
N GLN L 64 -38.28 -11.75 0.23
CA GLN L 64 -38.43 -10.33 0.51
C GLN L 64 -37.58 -9.95 1.72
N ASP L 65 -36.36 -10.49 1.76
CA ASP L 65 -35.52 -10.32 2.92
C ASP L 65 -35.07 -8.86 3.05
N LEU L 66 -35.08 -8.11 1.93
CA LEU L 66 -34.69 -6.71 1.97
C LEU L 66 -35.58 -5.93 2.93
N LEU L 67 -36.81 -6.42 3.18
CA LEU L 67 -37.73 -5.70 4.05
C LEU L 67 -37.19 -5.68 5.48
N LYS L 68 -36.14 -6.46 5.74
CA LYS L 68 -35.61 -6.59 7.09
C LYS L 68 -34.86 -5.34 7.53
N LEU L 69 -34.43 -4.50 6.57
CA LEU L 69 -33.55 -3.38 6.87
C LEU L 69 -34.25 -2.02 6.70
N VAL L 70 -35.55 -2.01 6.42
CA VAL L 70 -36.32 -0.80 6.16
C VAL L 70 -36.63 -0.12 7.49
N LYS L 71 -36.48 1.20 7.53
CA LYS L 71 -36.50 1.89 8.80
C LYS L 71 -37.91 2.33 9.19
N SER L 72 -38.57 3.12 8.38
CA SER L 72 -39.72 3.80 8.99
C SER L 72 -40.89 2.83 9.17
N TYR L 73 -42.07 3.36 9.48
CA TYR L 73 -43.35 2.68 9.42
C TYR L 73 -44.01 2.97 8.07
N HIS L 74 -44.64 1.99 7.41
CA HIS L 74 -45.21 2.21 6.07
C HIS L 74 -46.55 1.52 5.89
N TRP L 75 -47.42 2.05 5.02
CA TRP L 75 -48.64 1.35 4.65
C TRP L 75 -48.27 0.14 3.80
N MET L 76 -48.96 -0.98 4.07
CA MET L 76 -48.98 -2.17 3.22
C MET L 76 -50.42 -2.57 3.01
N GLY L 77 -50.61 -3.56 2.14
CA GLY L 77 -51.92 -3.96 1.64
C GLY L 77 -52.66 -4.94 2.54
N LEU L 78 -52.52 -4.81 3.86
CA LEU L 78 -53.26 -5.66 4.80
C LEU L 78 -54.36 -4.84 5.49
N VAL L 79 -55.60 -5.34 5.37
CA VAL L 79 -56.78 -4.61 5.83
C VAL L 79 -57.73 -5.58 6.56
N HIS L 80 -58.53 -5.04 7.48
CA HIS L 80 -59.58 -5.76 8.17
C HIS L 80 -60.85 -5.75 7.33
N ILE L 81 -61.27 -6.94 6.86
CA ILE L 81 -62.52 -7.06 6.15
C ILE L 81 -63.60 -7.43 7.19
N PRO L 82 -64.50 -6.49 7.55
CA PRO L 82 -65.38 -6.71 8.71
C PRO L 82 -66.46 -7.77 8.52
N THR L 83 -66.69 -8.21 7.27
CA THR L 83 -67.70 -9.22 6.93
C THR L 83 -67.18 -10.63 7.22
N ASN L 84 -65.96 -10.96 6.74
CA ASN L 84 -65.34 -12.24 7.05
C ASN L 84 -64.64 -12.16 8.40
N GLY L 85 -64.61 -10.99 9.03
CA GLY L 85 -63.91 -10.82 10.32
C GLY L 85 -62.41 -11.16 10.29
N SER L 86 -61.76 -11.11 9.11
CA SER L 86 -60.38 -11.51 8.90
C SER L 86 -59.51 -10.31 8.51
N TRP L 87 -58.19 -10.52 8.61
CA TRP L 87 -57.22 -9.61 8.02
C TRP L 87 -56.71 -10.18 6.70
N GLN L 88 -56.71 -9.32 5.66
CA GLN L 88 -56.62 -9.78 4.29
C GLN L 88 -55.68 -8.93 3.45
N TRP L 89 -55.00 -9.62 2.53
CA TRP L 89 -54.19 -8.96 1.51
C TRP L 89 -55.09 -8.56 0.36
N GLU L 90 -54.59 -7.64 -0.47
CA GLU L 90 -55.28 -7.07 -1.60
C GLU L 90 -56.03 -8.13 -2.39
N ASP L 91 -55.36 -9.21 -2.73
CA ASP L 91 -55.91 -10.24 -3.60
C ASP L 91 -56.84 -11.16 -2.85
N GLY L 92 -56.87 -11.07 -1.52
CA GLY L 92 -57.85 -11.84 -0.77
C GLY L 92 -57.28 -13.04 -0.01
N SER L 93 -55.95 -13.20 0.05
CA SER L 93 -55.35 -14.14 0.99
C SER L 93 -55.53 -13.64 2.42
N ILE L 94 -55.67 -14.57 3.39
CA ILE L 94 -55.69 -14.16 4.79
C ILE L 94 -54.24 -14.04 5.27
N LEU L 95 -54.00 -13.37 6.39
CA LEU L 95 -52.67 -13.28 6.94
C LEU L 95 -52.29 -14.59 7.63
N SER L 96 -51.12 -15.14 7.31
CA SER L 96 -50.54 -16.24 8.07
C SER L 96 -50.04 -15.71 9.41
N PRO L 97 -50.37 -16.35 10.55
CA PRO L 97 -49.86 -15.89 11.85
C PRO L 97 -48.35 -16.13 11.94
N ASN L 98 -47.80 -16.83 10.94
CA ASN L 98 -46.38 -17.13 10.88
C ASN L 98 -45.62 -16.00 10.19
N LEU L 99 -46.31 -15.23 9.37
CA LEU L 99 -45.63 -14.27 8.54
C LEU L 99 -45.13 -13.07 9.35
N LEU L 100 -46.02 -12.40 10.06
CA LEU L 100 -45.64 -11.17 10.73
C LEU L 100 -45.85 -11.29 12.22
N THR L 101 -45.06 -10.53 12.99
CA THR L 101 -45.40 -10.24 14.36
C THR L 101 -46.37 -9.06 14.40
N ILE L 102 -47.56 -9.27 14.95
CA ILE L 102 -48.63 -8.27 14.90
C ILE L 102 -48.65 -7.57 16.25
N ILE L 103 -48.59 -6.22 16.19
CA ILE L 103 -48.86 -5.40 17.36
C ILE L 103 -50.17 -4.63 17.15
N GLU L 104 -51.06 -4.71 18.14
CA GLU L 104 -52.26 -3.92 18.18
C GLU L 104 -52.17 -3.02 19.41
N MET L 105 -51.59 -1.82 19.26
CA MET L 105 -51.67 -0.85 20.35
C MET L 105 -52.74 0.20 20.07
N GLN L 106 -53.25 0.26 18.82
CA GLN L 106 -54.20 1.26 18.35
C GLN L 106 -55.40 0.60 17.67
N LYS L 107 -56.63 1.09 17.92
CA LYS L 107 -57.80 0.56 17.20
C LYS L 107 -57.72 0.98 15.73
N GLY L 108 -57.83 0.02 14.80
CA GLY L 108 -57.90 0.42 13.41
C GLY L 108 -58.17 -0.75 12.48
N ASP L 109 -58.36 -0.49 11.18
CA ASP L 109 -58.77 -1.51 10.23
C ASP L 109 -57.74 -1.68 9.12
N CYS L 110 -56.58 -1.02 9.27
CA CYS L 110 -55.47 -1.14 8.32
C CYS L 110 -54.18 -1.46 9.08
N ALA L 111 -53.11 -1.80 8.34
CA ALA L 111 -51.87 -2.14 9.03
C ALA L 111 -50.64 -1.53 8.35
N LEU L 112 -49.71 -1.09 9.21
CA LEU L 112 -48.41 -0.58 8.81
C LEU L 112 -47.40 -1.71 8.84
N TYR L 113 -46.44 -1.70 7.91
CA TYR L 113 -45.28 -2.56 7.96
C TYR L 113 -44.12 -1.89 8.72
N ALA L 114 -43.43 -2.65 9.58
CA ALA L 114 -42.25 -2.09 10.19
C ALA L 114 -41.12 -3.11 10.20
N SER L 115 -39.92 -2.59 10.46
CA SER L 115 -38.85 -3.22 11.24
C SER L 115 -38.38 -4.44 10.49
N SER L 116 -38.41 -5.58 11.21
CA SER L 116 -38.28 -6.93 10.69
C SER L 116 -39.61 -7.67 10.83
N PHE L 117 -40.33 -7.72 9.71
CA PHE L 117 -41.56 -8.44 9.52
C PHE L 117 -42.48 -8.28 10.74
N LYS L 118 -42.69 -7.03 11.14
CA LYS L 118 -43.71 -6.66 12.12
C LYS L 118 -44.89 -6.06 11.38
N GLY L 119 -46.06 -6.04 12.03
CA GLY L 119 -47.25 -5.38 11.52
C GLY L 119 -47.97 -4.60 12.61
N TYR L 120 -48.02 -3.27 12.46
CA TYR L 120 -48.68 -2.42 13.42
C TYR L 120 -50.08 -2.09 12.90
N ILE L 121 -51.07 -2.27 13.77
CA ILE L 121 -52.45 -1.98 13.42
C ILE L 121 -52.66 -0.49 13.61
N GLU L 122 -53.21 0.18 12.57
CA GLU L 122 -53.26 1.62 12.44
C GLU L 122 -54.62 2.12 11.88
N ASN L 123 -55.12 3.27 12.36
CA ASN L 123 -56.30 3.95 11.81
C ASN L 123 -56.07 4.26 10.32
N CYS L 124 -56.98 3.79 9.46
CA CYS L 124 -56.80 3.92 8.02
C CYS L 124 -56.76 5.38 7.57
N SER L 125 -57.30 6.28 8.40
CA SER L 125 -57.32 7.70 8.10
C SER L 125 -55.95 8.34 8.28
N THR L 126 -55.15 7.83 9.25
CA THR L 126 -53.96 8.54 9.69
C THR L 126 -52.90 8.47 8.59
N PRO L 127 -52.40 9.61 8.08
CA PRO L 127 -51.47 9.59 6.95
C PRO L 127 -50.11 9.02 7.34
N ASN L 128 -49.56 8.17 6.46
CA ASN L 128 -48.28 7.53 6.67
C ASN L 128 -47.56 7.39 5.33
N THR L 129 -46.24 7.13 5.39
CA THR L 129 -45.48 6.80 4.20
C THR L 129 -46.01 5.46 3.67
N TYR L 130 -45.71 5.09 2.43
CA TYR L 130 -46.22 3.83 1.90
C TYR L 130 -45.19 3.14 0.98
N ILE L 131 -45.43 1.83 0.75
CA ILE L 131 -44.63 1.00 -0.14
C ILE L 131 -45.55 0.37 -1.18
N CYS L 132 -45.25 0.55 -2.45
CA CYS L 132 -45.98 -0.13 -3.50
C CYS L 132 -45.17 -1.32 -3.96
N MET L 133 -45.84 -2.32 -4.56
CA MET L 133 -45.21 -3.54 -5.06
C MET L 133 -45.95 -3.99 -6.31
N GLN L 134 -45.20 -4.44 -7.30
CA GLN L 134 -45.77 -5.00 -8.50
C GLN L 134 -45.00 -6.27 -8.82
N ARG L 135 -45.65 -7.31 -9.35
CA ARG L 135 -44.88 -8.48 -9.74
C ARG L 135 -44.57 -8.36 -11.22
N THR L 136 -43.52 -9.06 -11.68
CA THR L 136 -43.12 -9.11 -13.08
C THR L 136 -44.33 -9.31 -14.00
N VAL L 137 -44.71 -8.26 -14.79
CA VAL L 137 -45.88 -8.17 -15.70
C VAL L 137 -45.41 -8.38 -17.15
#